data_5HF0
# 
_entry.id   5HF0 
# 
_audit_conform.dict_name       mmcif_pdbx.dic 
_audit_conform.dict_version    5.387 
_audit_conform.dict_location   http://mmcif.pdb.org/dictionaries/ascii/mmcif_pdbx.dic 
# 
loop_
_database_2.database_id 
_database_2.database_code 
_database_2.pdbx_database_accession 
_database_2.pdbx_DOI 
PDB   5HF0         pdb_00005hf0 10.2210/pdb5hf0/pdb 
WWPDB D_1000216881 ?            ?                   
# 
loop_
_pdbx_audit_revision_history.ordinal 
_pdbx_audit_revision_history.data_content_type 
_pdbx_audit_revision_history.major_revision 
_pdbx_audit_revision_history.minor_revision 
_pdbx_audit_revision_history.revision_date 
1 'Structure model' 1 0 2017-01-18 
2 'Structure model' 1 1 2017-09-20 
3 'Structure model' 1 2 2019-12-11 
4 'Structure model' 1 3 2024-03-06 
# 
_pdbx_audit_revision_details.ordinal             1 
_pdbx_audit_revision_details.revision_ordinal    1 
_pdbx_audit_revision_details.data_content_type   'Structure model' 
_pdbx_audit_revision_details.provider            repository 
_pdbx_audit_revision_details.type                'Initial release' 
_pdbx_audit_revision_details.description         ? 
_pdbx_audit_revision_details.details             ? 
# 
loop_
_pdbx_audit_revision_group.ordinal 
_pdbx_audit_revision_group.revision_ordinal 
_pdbx_audit_revision_group.data_content_type 
_pdbx_audit_revision_group.group 
1 2 'Structure model' 'Author supporting evidence' 
2 3 'Structure model' 'Author supporting evidence' 
3 4 'Structure model' 'Data collection'            
4 4 'Structure model' 'Database references'        
# 
loop_
_pdbx_audit_revision_category.ordinal 
_pdbx_audit_revision_category.revision_ordinal 
_pdbx_audit_revision_category.data_content_type 
_pdbx_audit_revision_category.category 
1 2 'Structure model' pdbx_audit_support 
2 3 'Structure model' pdbx_audit_support 
3 4 'Structure model' chem_comp_atom     
4 4 'Structure model' chem_comp_bond     
5 4 'Structure model' database_2         
# 
loop_
_pdbx_audit_revision_item.ordinal 
_pdbx_audit_revision_item.revision_ordinal 
_pdbx_audit_revision_item.data_content_type 
_pdbx_audit_revision_item.item 
1 2 'Structure model' '_pdbx_audit_support.funding_organization' 
2 3 'Structure model' '_pdbx_audit_support.funding_organization' 
3 4 'Structure model' '_database_2.pdbx_DOI'                     
4 4 'Structure model' '_database_2.pdbx_database_accession'      
# 
_pdbx_database_status.status_code                     REL 
_pdbx_database_status.status_code_sf                  REL 
_pdbx_database_status.status_code_mr                  ? 
_pdbx_database_status.entry_id                        5HF0 
_pdbx_database_status.recvd_initial_deposition_date   2016-01-06 
_pdbx_database_status.SG_entry                        N 
_pdbx_database_status.deposit_site                    RCSB 
_pdbx_database_status.process_site                    RCSB 
_pdbx_database_status.status_code_cs                  ? 
_pdbx_database_status.methods_development_category    ? 
_pdbx_database_status.pdb_format_compatible           Y 
_pdbx_database_status.status_code_nmr_data            ? 
# 
loop_
_pdbx_database_related.content_type 
_pdbx_database_related.db_id 
_pdbx_database_related.db_name 
_pdbx_database_related.details 
unspecified 4XEC PDB . 
unspecified 5HF2 PDB . 
# 
loop_
_audit_author.name 
_audit_author.pdbx_ordinal 
'Anderson, A.C.' 1 
'Reeve, S.M.'    2 
# 
_citation.abstract                  ? 
_citation.abstract_id_CAS           ? 
_citation.book_id_ISBN              ? 
_citation.book_publisher            ? 
_citation.book_publisher_city       ? 
_citation.book_title                ? 
_citation.coordinate_linkage        ? 
_citation.country                   ? 
_citation.database_id_Medline       ? 
_citation.details                   ? 
_citation.id                        primary 
_citation.journal_abbrev            'To Be Published' 
_citation.journal_id_ASTM           ? 
_citation.journal_id_CSD            0353 
_citation.journal_id_ISSN           ? 
_citation.journal_full              ? 
_citation.journal_issue             ? 
_citation.journal_volume            ? 
_citation.language                  ? 
_citation.page_first                ? 
_citation.page_last                 ? 
_citation.title                     
;Staphylococcus aureus Dihydrofolate Reductase complexed with NADPH and 6-ETHYL-5-[(3S)-3-[3-METHOXY-5-(PYRIDIN-4-YL)PHENYL]BUT-1-YN-1-YL]PYRIMIDINE-2,4-DIAMINE (UCP1106)
;
_citation.year                      ? 
_citation.database_id_CSD           ? 
_citation.pdbx_database_id_DOI      ? 
_citation.pdbx_database_id_PubMed   ? 
_citation.unpublished_flag          ? 
# 
loop_
_citation_author.citation_id 
_citation_author.name 
_citation_author.ordinal 
_citation_author.identifier_ORCID 
primary 'Anderson, A.C.' 1 ? 
primary 'Reeve, S.M.'    2 ? 
# 
loop_
_entity.id 
_entity.type 
_entity.src_method 
_entity.pdbx_description 
_entity.formula_weight 
_entity.pdbx_number_of_molecules 
_entity.pdbx_ec 
_entity.pdbx_mutation 
_entity.pdbx_fragment 
_entity.details 
1 polymer     man 'Dihydrofolate reductase'                                                                    18395.977 1  
1.5.1.3 ? ? ? 
2 non-polymer syn GLYCEROL                                                                                     92.094    1  ? ? ? 
? 
3 non-polymer syn '4-[3-[3-[2,4-bis(azanyl)-6-ethyl-pyrimidin-5-yl]prop-2-ynyl]-4-methoxy-phenyl]benzoic acid' 402.446   1  ? ? ? 
? 
4 non-polymer syn 'Tricyclic NADPH'                                                                            745.421   1  ? ? ? 
? 
5 non-polymer syn 'NADP NICOTINAMIDE-ADENINE-DINUCLEOTIDE PHOSPHATE'                                           743.405   1  ? ? ? 
? 
6 water       nat water                                                                                        18.015    71 ? ? ? 
? 
# 
_entity_name_com.entity_id   1 
_entity_name_com.name        DHFR 
# 
_entity_poly.entity_id                      1 
_entity_poly.type                           'polypeptide(L)' 
_entity_poly.nstd_linkage                   no 
_entity_poly.nstd_monomer                   no 
_entity_poly.pdbx_seq_one_letter_code       
;TLSILVAHDLQRVIGFENQLPWHLPNDLKHVKKLSTGHTLVMGRKTFESIGKPLPNRRNVVLTSDTSFNVEGVDVIHSIE
DIYQLPGHVFIFGGQTLFEEMIDKVDDMYITVIEGKFRGDTFFPPYTFEDWEVASSVEGKLDEKNTIPHTFLHLIRKLEH
;
_entity_poly.pdbx_seq_one_letter_code_can   
;TLSILVAHDLQRVIGFENQLPWHLPNDLKHVKKLSTGHTLVMGRKTFESIGKPLPNRRNVVLTSDTSFNVEGVDVIHSIE
DIYQLPGHVFIFGGQTLFEEMIDKVDDMYITVIEGKFRGDTFFPPYTFEDWEVASSVEGKLDEKNTIPHTFLHLIRKLEH
;
_entity_poly.pdbx_strand_id                 X 
_entity_poly.pdbx_target_identifier         ? 
# 
loop_
_pdbx_entity_nonpoly.entity_id 
_pdbx_entity_nonpoly.name 
_pdbx_entity_nonpoly.comp_id 
2 GLYCEROL                                                                                     GOL 
3 '4-[3-[3-[2,4-bis(azanyl)-6-ethyl-pyrimidin-5-yl]prop-2-ynyl]-4-methoxy-phenyl]benzoic acid' U06 
4 'Tricyclic NADPH'                                                                            XNP 
5 'NADP NICOTINAMIDE-ADENINE-DINUCLEOTIDE PHOSPHATE'                                           NAP 
6 water                                                                                        HOH 
# 
loop_
_entity_poly_seq.entity_id 
_entity_poly_seq.num 
_entity_poly_seq.mon_id 
_entity_poly_seq.hetero 
1 1   THR n 
1 2   LEU n 
1 3   SER n 
1 4   ILE n 
1 5   LEU n 
1 6   VAL n 
1 7   ALA n 
1 8   HIS n 
1 9   ASP n 
1 10  LEU n 
1 11  GLN n 
1 12  ARG n 
1 13  VAL n 
1 14  ILE n 
1 15  GLY n 
1 16  PHE n 
1 17  GLU n 
1 18  ASN n 
1 19  GLN n 
1 20  LEU n 
1 21  PRO n 
1 22  TRP n 
1 23  HIS n 
1 24  LEU n 
1 25  PRO n 
1 26  ASN n 
1 27  ASP n 
1 28  LEU n 
1 29  LYS n 
1 30  HIS n 
1 31  VAL n 
1 32  LYS n 
1 33  LYS n 
1 34  LEU n 
1 35  SER n 
1 36  THR n 
1 37  GLY n 
1 38  HIS n 
1 39  THR n 
1 40  LEU n 
1 41  VAL n 
1 42  MET n 
1 43  GLY n 
1 44  ARG n 
1 45  LYS n 
1 46  THR n 
1 47  PHE n 
1 48  GLU n 
1 49  SER n 
1 50  ILE n 
1 51  GLY n 
1 52  LYS n 
1 53  PRO n 
1 54  LEU n 
1 55  PRO n 
1 56  ASN n 
1 57  ARG n 
1 58  ARG n 
1 59  ASN n 
1 60  VAL n 
1 61  VAL n 
1 62  LEU n 
1 63  THR n 
1 64  SER n 
1 65  ASP n 
1 66  THR n 
1 67  SER n 
1 68  PHE n 
1 69  ASN n 
1 70  VAL n 
1 71  GLU n 
1 72  GLY n 
1 73  VAL n 
1 74  ASP n 
1 75  VAL n 
1 76  ILE n 
1 77  HIS n 
1 78  SER n 
1 79  ILE n 
1 80  GLU n 
1 81  ASP n 
1 82  ILE n 
1 83  TYR n 
1 84  GLN n 
1 85  LEU n 
1 86  PRO n 
1 87  GLY n 
1 88  HIS n 
1 89  VAL n 
1 90  PHE n 
1 91  ILE n 
1 92  PHE n 
1 93  GLY n 
1 94  GLY n 
1 95  GLN n 
1 96  THR n 
1 97  LEU n 
1 98  PHE n 
1 99  GLU n 
1 100 GLU n 
1 101 MET n 
1 102 ILE n 
1 103 ASP n 
1 104 LYS n 
1 105 VAL n 
1 106 ASP n 
1 107 ASP n 
1 108 MET n 
1 109 TYR n 
1 110 ILE n 
1 111 THR n 
1 112 VAL n 
1 113 ILE n 
1 114 GLU n 
1 115 GLY n 
1 116 LYS n 
1 117 PHE n 
1 118 ARG n 
1 119 GLY n 
1 120 ASP n 
1 121 THR n 
1 122 PHE n 
1 123 PHE n 
1 124 PRO n 
1 125 PRO n 
1 126 TYR n 
1 127 THR n 
1 128 PHE n 
1 129 GLU n 
1 130 ASP n 
1 131 TRP n 
1 132 GLU n 
1 133 VAL n 
1 134 ALA n 
1 135 SER n 
1 136 SER n 
1 137 VAL n 
1 138 GLU n 
1 139 GLY n 
1 140 LYS n 
1 141 LEU n 
1 142 ASP n 
1 143 GLU n 
1 144 LYS n 
1 145 ASN n 
1 146 THR n 
1 147 ILE n 
1 148 PRO n 
1 149 HIS n 
1 150 THR n 
1 151 PHE n 
1 152 LEU n 
1 153 HIS n 
1 154 LEU n 
1 155 ILE n 
1 156 ARG n 
1 157 LYS n 
1 158 LEU n 
1 159 GLU n 
1 160 HIS n 
# 
_entity_src_gen.entity_id                          1 
_entity_src_gen.pdbx_src_id                        1 
_entity_src_gen.pdbx_alt_source_flag               sample 
_entity_src_gen.pdbx_seq_type                      'Biological sequence' 
_entity_src_gen.pdbx_beg_seq_num                   1 
_entity_src_gen.pdbx_end_seq_num                   160 
_entity_src_gen.gene_src_common_name               ? 
_entity_src_gen.gene_src_genus                     ? 
_entity_src_gen.pdbx_gene_src_gene                 folA 
_entity_src_gen.gene_src_species                   ? 
_entity_src_gen.gene_src_strain                    ? 
_entity_src_gen.gene_src_tissue                    ? 
_entity_src_gen.gene_src_tissue_fraction           ? 
_entity_src_gen.gene_src_details                   ? 
_entity_src_gen.pdbx_gene_src_fragment             ? 
_entity_src_gen.pdbx_gene_src_scientific_name      'Staphylococcus aureus' 
_entity_src_gen.pdbx_gene_src_ncbi_taxonomy_id     1280 
_entity_src_gen.pdbx_gene_src_variant              ? 
_entity_src_gen.pdbx_gene_src_cell_line            ? 
_entity_src_gen.pdbx_gene_src_atcc                 43300 
_entity_src_gen.pdbx_gene_src_organ                ? 
_entity_src_gen.pdbx_gene_src_organelle            ? 
_entity_src_gen.pdbx_gene_src_cell                 ? 
_entity_src_gen.pdbx_gene_src_cellular_location    ? 
_entity_src_gen.host_org_common_name               ? 
_entity_src_gen.pdbx_host_org_scientific_name      'Escherichia coli' 
_entity_src_gen.pdbx_host_org_ncbi_taxonomy_id     469008 
_entity_src_gen.host_org_genus                     ? 
_entity_src_gen.pdbx_host_org_gene                 ? 
_entity_src_gen.pdbx_host_org_organ                ? 
_entity_src_gen.host_org_species                   ? 
_entity_src_gen.pdbx_host_org_tissue               ? 
_entity_src_gen.pdbx_host_org_tissue_fraction      ? 
_entity_src_gen.pdbx_host_org_strain               'BL21(DE3)' 
_entity_src_gen.pdbx_host_org_variant              ? 
_entity_src_gen.pdbx_host_org_cell_line            ? 
_entity_src_gen.pdbx_host_org_atcc                 ? 
_entity_src_gen.pdbx_host_org_culture_collection   ? 
_entity_src_gen.pdbx_host_org_cell                 ? 
_entity_src_gen.pdbx_host_org_organelle            ? 
_entity_src_gen.pdbx_host_org_cellular_location    ? 
_entity_src_gen.pdbx_host_org_vector_type          Plasmid 
_entity_src_gen.pdbx_host_org_vector               ? 
_entity_src_gen.host_org_details                   ? 
_entity_src_gen.expression_system_id               ? 
_entity_src_gen.plasmid_name                       'pET-41a(+)' 
_entity_src_gen.plasmid_details                    ? 
_entity_src_gen.pdbx_description                   ? 
# 
loop_
_chem_comp.id 
_chem_comp.type 
_chem_comp.mon_nstd_flag 
_chem_comp.name 
_chem_comp.pdbx_synonyms 
_chem_comp.formula 
_chem_comp.formula_weight 
ALA 'L-peptide linking' y ALANINE                                                                                      ? 
'C3 H7 N O2'        89.093  
ARG 'L-peptide linking' y ARGININE                                                                                     ? 
'C6 H15 N4 O2 1'    175.209 
ASN 'L-peptide linking' y ASPARAGINE                                                                                   ? 
'C4 H8 N2 O3'       132.118 
ASP 'L-peptide linking' y 'ASPARTIC ACID'                                                                              ? 
'C4 H7 N O4'        133.103 
GLN 'L-peptide linking' y GLUTAMINE                                                                                    ? 
'C5 H10 N2 O3'      146.144 
GLU 'L-peptide linking' y 'GLUTAMIC ACID'                                                                              ? 
'C5 H9 N O4'        147.129 
GLY 'peptide linking'   y GLYCINE                                                                                      ? 
'C2 H5 N O2'        75.067  
GOL non-polymer         . GLYCEROL                                                                                     
'GLYCERIN; PROPANE-1,2,3-TRIOL'                                                                                  'C3 H8 O3' 92.094 
HIS 'L-peptide linking' y HISTIDINE                                                                                    ? 
'C6 H10 N3 O2 1'    156.162 
HOH non-polymer         . WATER                                                                                        ? 'H2 O' 
18.015  
ILE 'L-peptide linking' y ISOLEUCINE                                                                                   ? 
'C6 H13 N O2'       131.173 
LEU 'L-peptide linking' y LEUCINE                                                                                      ? 
'C6 H13 N O2'       131.173 
LYS 'L-peptide linking' y LYSINE                                                                                       ? 
'C6 H15 N2 O2 1'    147.195 
MET 'L-peptide linking' y METHIONINE                                                                                   ? 
'C5 H11 N O2 S'     149.211 
NAP non-polymer         . 'NADP NICOTINAMIDE-ADENINE-DINUCLEOTIDE PHOSPHATE'                                           
;2'-MONOPHOSPHOADENOSINE 5'-DIPHOSPHORIBOSE
;
'C21 H28 N7 O17 P3' 743.405 
PHE 'L-peptide linking' y PHENYLALANINE                                                                                ? 
'C9 H11 N O2'       165.189 
PRO 'L-peptide linking' y PROLINE                                                                                      ? 
'C5 H9 N O2'        115.130 
SER 'L-peptide linking' y SERINE                                                                                       ? 
'C3 H7 N O3'        105.093 
THR 'L-peptide linking' y THREONINE                                                                                    ? 
'C4 H9 N O3'        119.119 
TRP 'L-peptide linking' y TRYPTOPHAN                                                                                   ? 
'C11 H12 N2 O2'     204.225 
TYR 'L-peptide linking' y TYROSINE                                                                                     ? 
'C9 H11 N O3'       181.189 
U06 non-polymer         . '4-[3-[3-[2,4-bis(azanyl)-6-ethyl-pyrimidin-5-yl]prop-2-ynyl]-4-methoxy-phenyl]benzoic acid' 
;3'-(3-(2,4-diamino-6-ethylpyrimidin-5-yl)prop-2-yn-1-yl)-4'-methoxy-[1,1'-biphenyl]-4-carboxylic acid; UCP1106
;
'C23 H22 N4 O3'     402.446 
VAL 'L-peptide linking' y VALINE                                                                                       ? 
'C5 H11 N O2'       117.146 
XNP non-polymer         . 'Tricyclic NADPH'                                                                            ? 
'C21 H30 N7 O17 P3' 745.421 
# 
loop_
_pdbx_poly_seq_scheme.asym_id 
_pdbx_poly_seq_scheme.entity_id 
_pdbx_poly_seq_scheme.seq_id 
_pdbx_poly_seq_scheme.mon_id 
_pdbx_poly_seq_scheme.ndb_seq_num 
_pdbx_poly_seq_scheme.pdb_seq_num 
_pdbx_poly_seq_scheme.auth_seq_num 
_pdbx_poly_seq_scheme.pdb_mon_id 
_pdbx_poly_seq_scheme.auth_mon_id 
_pdbx_poly_seq_scheme.pdb_strand_id 
_pdbx_poly_seq_scheme.pdb_ins_code 
_pdbx_poly_seq_scheme.hetero 
A 1 1   THR 1   1   1   THR THR X . n 
A 1 2   LEU 2   2   2   LEU LEU X . n 
A 1 3   SER 3   3   3   SER SER X . n 
A 1 4   ILE 4   4   4   ILE ILE X . n 
A 1 5   LEU 5   5   5   LEU LEU X . n 
A 1 6   VAL 6   6   6   VAL VAL X . n 
A 1 7   ALA 7   7   7   ALA ALA X . n 
A 1 8   HIS 8   8   8   HIS HIS X . n 
A 1 9   ASP 9   9   9   ASP ASP X . n 
A 1 10  LEU 10  10  10  LEU LEU X . n 
A 1 11  GLN 11  11  11  GLN GLN X . n 
A 1 12  ARG 12  12  12  ARG ARG X . n 
A 1 13  VAL 13  13  13  VAL VAL X . n 
A 1 14  ILE 14  14  14  ILE ILE X . n 
A 1 15  GLY 15  15  15  GLY GLY X . n 
A 1 16  PHE 16  16  16  PHE PHE X . n 
A 1 17  GLU 17  17  17  GLU GLU X . n 
A 1 18  ASN 18  18  18  ASN ASN X . n 
A 1 19  GLN 19  19  19  GLN GLN X . n 
A 1 20  LEU 20  20  20  LEU LEU X . n 
A 1 21  PRO 21  21  21  PRO PRO X . n 
A 1 22  TRP 22  22  22  TRP TRP X . n 
A 1 23  HIS 23  23  23  HIS HIS X . n 
A 1 24  LEU 24  24  24  LEU LEU X . n 
A 1 25  PRO 25  25  25  PRO PRO X . n 
A 1 26  ASN 26  26  26  ASN ASN X . n 
A 1 27  ASP 27  27  27  ASP ASP X . n 
A 1 28  LEU 28  28  28  LEU LEU X . n 
A 1 29  LYS 29  29  29  LYS LYS X . n 
A 1 30  HIS 30  30  30  HIS HIS X . n 
A 1 31  VAL 31  31  31  VAL VAL X . n 
A 1 32  LYS 32  32  32  LYS LYS X . n 
A 1 33  LYS 33  33  33  LYS LYS X . n 
A 1 34  LEU 34  34  34  LEU LEU X . n 
A 1 35  SER 35  35  35  SER SER X . n 
A 1 36  THR 36  36  36  THR THR X . n 
A 1 37  GLY 37  37  37  GLY GLY X . n 
A 1 38  HIS 38  38  38  HIS HIS X . n 
A 1 39  THR 39  39  39  THR THR X . n 
A 1 40  LEU 40  40  40  LEU LEU X . n 
A 1 41  VAL 41  41  41  VAL VAL X . n 
A 1 42  MET 42  42  42  MET MET X . n 
A 1 43  GLY 43  43  43  GLY GLY X . n 
A 1 44  ARG 44  44  44  ARG ARG X . n 
A 1 45  LYS 45  45  45  LYS LYS X . n 
A 1 46  THR 46  46  46  THR THR X . n 
A 1 47  PHE 47  47  47  PHE PHE X . n 
A 1 48  GLU 48  48  48  GLU GLU X . n 
A 1 49  SER 49  49  49  SER SER X . n 
A 1 50  ILE 50  50  50  ILE ILE X . n 
A 1 51  GLY 51  51  51  GLY GLY X . n 
A 1 52  LYS 52  52  52  LYS LYS X . n 
A 1 53  PRO 53  53  53  PRO PRO X . n 
A 1 54  LEU 54  54  54  LEU LEU X . n 
A 1 55  PRO 55  55  55  PRO PRO X . n 
A 1 56  ASN 56  56  56  ASN ASN X . n 
A 1 57  ARG 57  57  57  ARG ARG X . n 
A 1 58  ARG 58  58  58  ARG ARG X . n 
A 1 59  ASN 59  59  59  ASN ASN X . n 
A 1 60  VAL 60  60  60  VAL VAL X . n 
A 1 61  VAL 61  61  61  VAL VAL X . n 
A 1 62  LEU 62  62  62  LEU LEU X . n 
A 1 63  THR 63  63  63  THR THR X . n 
A 1 64  SER 64  64  64  SER SER X . n 
A 1 65  ASP 65  65  65  ASP ASP X . n 
A 1 66  THR 66  66  66  THR THR X . n 
A 1 67  SER 67  67  67  SER SER X . n 
A 1 68  PHE 68  68  68  PHE PHE X . n 
A 1 69  ASN 69  69  69  ASN ASN X . n 
A 1 70  VAL 70  70  70  VAL VAL X . n 
A 1 71  GLU 71  71  71  GLU GLU X . n 
A 1 72  GLY 72  72  72  GLY GLY X . n 
A 1 73  VAL 73  73  73  VAL VAL X . n 
A 1 74  ASP 74  74  74  ASP ASP X . n 
A 1 75  VAL 75  75  75  VAL VAL X . n 
A 1 76  ILE 76  76  76  ILE ILE X . n 
A 1 77  HIS 77  77  77  HIS HIS X . n 
A 1 78  SER 78  78  78  SER SER X . n 
A 1 79  ILE 79  79  79  ILE ILE X . n 
A 1 80  GLU 80  80  80  GLU GLU X . n 
A 1 81  ASP 81  81  81  ASP ASP X . n 
A 1 82  ILE 82  82  82  ILE ILE X . n 
A 1 83  TYR 83  83  83  TYR TYR X . n 
A 1 84  GLN 84  84  84  GLN GLN X . n 
A 1 85  LEU 85  85  85  LEU LEU X . n 
A 1 86  PRO 86  86  86  PRO PRO X . n 
A 1 87  GLY 87  87  87  GLY GLY X . n 
A 1 88  HIS 88  88  88  HIS HIS X . n 
A 1 89  VAL 89  89  89  VAL VAL X . n 
A 1 90  PHE 90  90  90  PHE PHE X . n 
A 1 91  ILE 91  91  91  ILE ILE X . n 
A 1 92  PHE 92  92  92  PHE PHE X . n 
A 1 93  GLY 93  93  93  GLY GLY X . n 
A 1 94  GLY 94  94  94  GLY GLY X . n 
A 1 95  GLN 95  95  95  GLN GLN X . n 
A 1 96  THR 96  96  96  THR THR X . n 
A 1 97  LEU 97  97  97  LEU LEU X . n 
A 1 98  PHE 98  98  98  PHE PHE X . n 
A 1 99  GLU 99  99  99  GLU GLU X . n 
A 1 100 GLU 100 100 100 GLU GLU X . n 
A 1 101 MET 101 101 101 MET MET X . n 
A 1 102 ILE 102 102 102 ILE ILE X . n 
A 1 103 ASP 103 103 103 ASP ASP X . n 
A 1 104 LYS 104 104 104 LYS LYS X . n 
A 1 105 VAL 105 105 105 VAL VAL X . n 
A 1 106 ASP 106 106 106 ASP ASP X . n 
A 1 107 ASP 107 107 107 ASP ASP X . n 
A 1 108 MET 108 108 108 MET MET X . n 
A 1 109 TYR 109 109 109 TYR TYR X . n 
A 1 110 ILE 110 110 110 ILE ILE X . n 
A 1 111 THR 111 111 111 THR THR X . n 
A 1 112 VAL 112 112 112 VAL VAL X . n 
A 1 113 ILE 113 113 113 ILE ILE X . n 
A 1 114 GLU 114 114 114 GLU GLU X . n 
A 1 115 GLY 115 115 115 GLY GLY X . n 
A 1 116 LYS 116 116 116 LYS LYS X . n 
A 1 117 PHE 117 117 117 PHE PHE X . n 
A 1 118 ARG 118 118 118 ARG ARG X . n 
A 1 119 GLY 119 119 119 GLY GLY X . n 
A 1 120 ASP 120 120 120 ASP ASP X . n 
A 1 121 THR 121 121 121 THR THR X . n 
A 1 122 PHE 122 122 122 PHE PHE X . n 
A 1 123 PHE 123 123 123 PHE PHE X . n 
A 1 124 PRO 124 124 124 PRO PRO X . n 
A 1 125 PRO 125 125 125 PRO PRO X . n 
A 1 126 TYR 126 126 126 TYR TYR X . n 
A 1 127 THR 127 127 127 THR THR X . n 
A 1 128 PHE 128 128 128 PHE PHE X . n 
A 1 129 GLU 129 129 129 GLU GLU X . n 
A 1 130 ASP 130 130 130 ASP ASP X . n 
A 1 131 TRP 131 131 131 TRP TRP X . n 
A 1 132 GLU 132 132 132 GLU GLU X . n 
A 1 133 VAL 133 133 133 VAL VAL X . n 
A 1 134 ALA 134 134 134 ALA ALA X . n 
A 1 135 SER 135 135 135 SER SER X . n 
A 1 136 SER 136 136 136 SER SER X . n 
A 1 137 VAL 137 137 137 VAL VAL X . n 
A 1 138 GLU 138 138 138 GLU GLU X . n 
A 1 139 GLY 139 139 139 GLY GLY X . n 
A 1 140 LYS 140 140 140 LYS LYS X . n 
A 1 141 LEU 141 141 141 LEU LEU X . n 
A 1 142 ASP 142 142 142 ASP ASP X . n 
A 1 143 GLU 143 143 143 GLU GLU X . n 
A 1 144 LYS 144 144 144 LYS LYS X . n 
A 1 145 ASN 145 145 145 ASN ASN X . n 
A 1 146 THR 146 146 146 THR THR X . n 
A 1 147 ILE 147 147 147 ILE ILE X . n 
A 1 148 PRO 148 148 148 PRO PRO X . n 
A 1 149 HIS 149 149 149 HIS HIS X . n 
A 1 150 THR 150 150 150 THR THR X . n 
A 1 151 PHE 151 151 151 PHE PHE X . n 
A 1 152 LEU 152 152 152 LEU LEU X . n 
A 1 153 HIS 153 153 153 HIS HIS X . n 
A 1 154 LEU 154 154 154 LEU LEU X . n 
A 1 155 ILE 155 155 155 ILE ILE X . n 
A 1 156 ARG 156 156 156 ARG ARG X . n 
A 1 157 LYS 157 157 157 LYS LYS X . n 
A 1 158 LEU 158 158 ?   ?   ?   X . n 
A 1 159 GLU 159 159 ?   ?   ?   X . n 
A 1 160 HIS 160 160 ?   ?   ?   X . n 
# 
loop_
_pdbx_nonpoly_scheme.asym_id 
_pdbx_nonpoly_scheme.entity_id 
_pdbx_nonpoly_scheme.mon_id 
_pdbx_nonpoly_scheme.ndb_seq_num 
_pdbx_nonpoly_scheme.pdb_seq_num 
_pdbx_nonpoly_scheme.auth_seq_num 
_pdbx_nonpoly_scheme.pdb_mon_id 
_pdbx_nonpoly_scheme.auth_mon_id 
_pdbx_nonpoly_scheme.pdb_strand_id 
_pdbx_nonpoly_scheme.pdb_ins_code 
B 2 GOL 1  201 222 GOL GOL X . 
C 3 U06 1  202 1   U06 DRG X . 
D 4 XNP 1  203 1   XNP ANH X . 
E 5 NAP 1  204 207 NAP NAP X . 
F 6 HOH 1  301 39  HOH HOH X . 
F 6 HOH 2  302 10  HOH HOH X . 
F 6 HOH 3  303 68  HOH HOH X . 
F 6 HOH 4  304 20  HOH HOH X . 
F 6 HOH 5  305 43  HOH HOH X . 
F 6 HOH 6  306 50  HOH HOH X . 
F 6 HOH 7  307 35  HOH HOH X . 
F 6 HOH 8  308 2   HOH HOH X . 
F 6 HOH 9  309 13  HOH HOH X . 
F 6 HOH 10 310 63  HOH HOH X . 
F 6 HOH 11 311 58  HOH HOH X . 
F 6 HOH 12 312 21  HOH HOH X . 
F 6 HOH 13 313 38  HOH HOH X . 
F 6 HOH 14 314 37  HOH HOH X . 
F 6 HOH 15 315 25  HOH HOH X . 
F 6 HOH 16 316 32  HOH HOH X . 
F 6 HOH 17 317 26  HOH HOH X . 
F 6 HOH 18 318 67  HOH HOH X . 
F 6 HOH 19 319 40  HOH HOH X . 
F 6 HOH 20 320 64  HOH HOH X . 
F 6 HOH 21 321 55  HOH HOH X . 
F 6 HOH 22 322 68  HOH HOH X . 
F 6 HOH 23 323 27  HOH HOH X . 
F 6 HOH 24 324 56  HOH HOH X . 
F 6 HOH 25 325 8   HOH HOH X . 
F 6 HOH 26 326 60  HOH HOH X . 
F 6 HOH 27 327 23  HOH HOH X . 
F 6 HOH 28 328 52  HOH HOH X . 
F 6 HOH 29 329 33  HOH HOH X . 
F 6 HOH 30 330 9   HOH HOH X . 
F 6 HOH 31 331 54  HOH HOH X . 
F 6 HOH 32 332 7   HOH HOH X . 
F 6 HOH 33 333 24  HOH HOH X . 
F 6 HOH 34 334 48  HOH HOH X . 
F 6 HOH 35 335 75  HOH HOH X . 
F 6 HOH 36 336 3   HOH HOH X . 
F 6 HOH 37 337 5   HOH HOH X . 
F 6 HOH 38 338 42  HOH HOH X . 
F 6 HOH 39 339 1   HOH HOH X . 
F 6 HOH 40 340 65  HOH HOH X . 
F 6 HOH 41 341 62  HOH HOH X . 
F 6 HOH 42 342 4   HOH HOH X . 
F 6 HOH 43 343 53  HOH HOH X . 
F 6 HOH 44 344 59  HOH HOH X . 
F 6 HOH 45 345 22  HOH HOH X . 
F 6 HOH 46 346 71  HOH HOH X . 
F 6 HOH 47 347 61  HOH HOH X . 
F 6 HOH 48 348 6   HOH HOH X . 
F 6 HOH 49 349 14  HOH HOH X . 
F 6 HOH 50 350 70  HOH HOH X . 
F 6 HOH 51 351 73  HOH HOH X . 
F 6 HOH 52 352 34  HOH HOH X . 
F 6 HOH 53 353 29  HOH HOH X . 
F 6 HOH 54 354 41  HOH HOH X . 
F 6 HOH 55 355 11  HOH HOH X . 
F 6 HOH 56 356 19  HOH HOH X . 
F 6 HOH 57 357 69  HOH HOH X . 
F 6 HOH 58 358 18  HOH HOH X . 
F 6 HOH 59 359 74  HOH HOH X . 
F 6 HOH 60 360 12  HOH HOH X . 
F 6 HOH 61 361 66  HOH HOH X . 
F 6 HOH 62 362 69  HOH HOH X . 
F 6 HOH 63 363 31  HOH HOH X . 
F 6 HOH 64 364 30  HOH HOH X . 
F 6 HOH 65 365 47  HOH HOH X . 
F 6 HOH 66 366 75  HOH HOH X . 
F 6 HOH 67 367 76  HOH HOH X . 
F 6 HOH 68 368 28  HOH HOH X . 
F 6 HOH 69 369 16  HOH HOH X . 
F 6 HOH 70 370 72  HOH HOH X . 
F 6 HOH 71 371 17  HOH HOH X . 
# 
loop_
_software.citation_id 
_software.classification 
_software.compiler_name 
_software.compiler_version 
_software.contact_author 
_software.contact_author_email 
_software.date 
_software.description 
_software.dependencies 
_software.hardware 
_software.language 
_software.location 
_software.mods 
_software.name 
_software.os 
_software.os_version 
_software.type 
_software.version 
_software.pdbx_ordinal 
? refinement        ? ? ? ? ? ? ? ? ? ? ? PHENIX   ? ? ? 1.9_1692 1 
? 'data reduction'  ? ? ? ? ? ? ? ? ? ? ? HKL-2000 ? ? ? .        2 
? 'data collection' ? ? ? ? ? ? ? ? ? ? ? Blu-Ice  ? ? ? .        3 
# 
_cell.angle_alpha                  90.00 
_cell.angle_alpha_esd              ? 
_cell.angle_beta                   90.00 
_cell.angle_beta_esd               ? 
_cell.angle_gamma                  120.00 
_cell.angle_gamma_esd              ? 
_cell.entry_id                     5HF0 
_cell.details                      ? 
_cell.formula_units_Z              ? 
_cell.length_a                     79.098 
_cell.length_a_esd                 ? 
_cell.length_b                     79.098 
_cell.length_b_esd                 ? 
_cell.length_c                     107.931 
_cell.length_c_esd                 ? 
_cell.volume                       ? 
_cell.volume_esd                   ? 
_cell.Z_PDB                        12 
_cell.reciprocal_angle_alpha       ? 
_cell.reciprocal_angle_beta        ? 
_cell.reciprocal_angle_gamma       ? 
_cell.reciprocal_angle_alpha_esd   ? 
_cell.reciprocal_angle_beta_esd    ? 
_cell.reciprocal_angle_gamma_esd   ? 
_cell.reciprocal_length_a          ? 
_cell.reciprocal_length_b          ? 
_cell.reciprocal_length_c          ? 
_cell.reciprocal_length_a_esd      ? 
_cell.reciprocal_length_b_esd      ? 
_cell.reciprocal_length_c_esd      ? 
_cell.pdbx_unique_axis             ? 
# 
_symmetry.entry_id                         5HF0 
_symmetry.cell_setting                     ? 
_symmetry.Int_Tables_number                178 
_symmetry.space_group_name_Hall            ? 
_symmetry.space_group_name_H-M             'P 61 2 2' 
_symmetry.pdbx_full_space_group_name_H-M   ? 
# 
_exptl.absorpt_coefficient_mu     ? 
_exptl.absorpt_correction_T_max   ? 
_exptl.absorpt_correction_T_min   ? 
_exptl.absorpt_correction_type    ? 
_exptl.absorpt_process_details    ? 
_exptl.entry_id                   5HF0 
_exptl.crystals_number            ? 
_exptl.details                    ? 
_exptl.method                     'X-RAY DIFFRACTION' 
_exptl.method_details             ? 
# 
_exptl_crystal.colour                      ? 
_exptl_crystal.density_diffrn              ? 
_exptl_crystal.density_Matthews            2.65 
_exptl_crystal.density_method              ? 
_exptl_crystal.density_percent_sol         53.57 
_exptl_crystal.description                 ? 
_exptl_crystal.F_000                       ? 
_exptl_crystal.id                          1 
_exptl_crystal.preparation                 ? 
_exptl_crystal.size_max                    ? 
_exptl_crystal.size_mid                    ? 
_exptl_crystal.size_min                    ? 
_exptl_crystal.size_rad                    ? 
_exptl_crystal.colour_lustre               ? 
_exptl_crystal.colour_modifier             ? 
_exptl_crystal.colour_primary              ? 
_exptl_crystal.density_meas                ? 
_exptl_crystal.density_meas_esd            ? 
_exptl_crystal.density_meas_gt             ? 
_exptl_crystal.density_meas_lt             ? 
_exptl_crystal.density_meas_temp           ? 
_exptl_crystal.density_meas_temp_esd       ? 
_exptl_crystal.density_meas_temp_gt        ? 
_exptl_crystal.density_meas_temp_lt        ? 
_exptl_crystal.pdbx_crystal_image_url      ? 
_exptl_crystal.pdbx_crystal_image_format   ? 
_exptl_crystal.pdbx_mosaicity              ? 
_exptl_crystal.pdbx_mosaicity_esd          ? 
# 
_exptl_crystal_grow.apparatus       ? 
_exptl_crystal_grow.atmosphere      ? 
_exptl_crystal_grow.crystal_id      1 
_exptl_crystal_grow.details         ? 
_exptl_crystal_grow.method          'VAPOR DIFFUSION, HANGING DROP' 
_exptl_crystal_grow.method_ref      ? 
_exptl_crystal_grow.pH              5.5 
_exptl_crystal_grow.pressure        ? 
_exptl_crystal_grow.pressure_esd    ? 
_exptl_crystal_grow.seeding         ? 
_exptl_crystal_grow.seeding_ref     ? 
_exptl_crystal_grow.temp            277 
_exptl_crystal_grow.temp_details    ? 
_exptl_crystal_grow.temp_esd        ? 
_exptl_crystal_grow.time            ? 
_exptl_crystal_grow.pdbx_details    '0.1 M MES, pH 5.5, 0.2M Sodium Acetate, 17% PEG 10,000 and 1% gamma-butyrolactone' 
_exptl_crystal_grow.pdbx_pH_range   ? 
# 
_diffrn.ambient_environment    ? 
_diffrn.ambient_temp           100 
_diffrn.ambient_temp_details   ? 
_diffrn.ambient_temp_esd       ? 
_diffrn.crystal_id             1 
_diffrn.crystal_support        ? 
_diffrn.crystal_treatment      ? 
_diffrn.details                ? 
_diffrn.id                     1 
_diffrn.ambient_pressure       ? 
_diffrn.ambient_pressure_esd   ? 
_diffrn.ambient_pressure_gt    ? 
_diffrn.ambient_pressure_lt    ? 
_diffrn.ambient_temp_gt        ? 
_diffrn.ambient_temp_lt        ? 
# 
_diffrn_detector.details                      ? 
_diffrn_detector.detector                     CCD 
_diffrn_detector.diffrn_id                    1 
_diffrn_detector.type                         'ADSC QUANTUM 315r' 
_diffrn_detector.area_resol_mean              ? 
_diffrn_detector.dtime                        ? 
_diffrn_detector.pdbx_frames_total            ? 
_diffrn_detector.pdbx_collection_time_total   ? 
_diffrn_detector.pdbx_collection_date         2015-03-24 
# 
_diffrn_radiation.collimation                      ? 
_diffrn_radiation.diffrn_id                        1 
_diffrn_radiation.filter_edge                      ? 
_diffrn_radiation.inhomogeneity                    ? 
_diffrn_radiation.monochromator                    'Side scattering I-beam bent single crystal; asymmetric cut 4.9650 deg' 
_diffrn_radiation.polarisn_norm                    ? 
_diffrn_radiation.polarisn_ratio                   ? 
_diffrn_radiation.probe                            ? 
_diffrn_radiation.type                             ? 
_diffrn_radiation.xray_symbol                      ? 
_diffrn_radiation.wavelength_id                    1 
_diffrn_radiation.pdbx_monochromatic_or_laue_m_l   M 
_diffrn_radiation.pdbx_wavelength_list             ? 
_diffrn_radiation.pdbx_wavelength                  ? 
_diffrn_radiation.pdbx_diffrn_protocol             'SINGLE WAVELENGTH' 
_diffrn_radiation.pdbx_analyzer                    ? 
_diffrn_radiation.pdbx_scattering_type             x-ray 
# 
_diffrn_radiation_wavelength.id           1 
_diffrn_radiation_wavelength.wavelength   0.979 
_diffrn_radiation_wavelength.wt           1.0 
# 
_diffrn_source.current                     ? 
_diffrn_source.details                     ? 
_diffrn_source.diffrn_id                   1 
_diffrn_source.power                       ? 
_diffrn_source.size                        ? 
_diffrn_source.source                      SYNCHROTRON 
_diffrn_source.target                      ? 
_diffrn_source.type                        'SSRL BEAMLINE BL7-1' 
_diffrn_source.voltage                     ? 
_diffrn_source.take-off_angle              ? 
_diffrn_source.pdbx_wavelength_list        0.979 
_diffrn_source.pdbx_wavelength             ? 
_diffrn_source.pdbx_synchrotron_beamline   BL7-1 
_diffrn_source.pdbx_synchrotron_site       SSRL 
# 
_reflns.B_iso_Wilson_estimate            ? 
_reflns.entry_id                         5HF0 
_reflns.data_reduction_details           ? 
_reflns.data_reduction_method            ? 
_reflns.d_resolution_high                2.24 
_reflns.d_resolution_low                 32.65 
_reflns.details                          ? 
_reflns.limit_h_max                      ? 
_reflns.limit_h_min                      ? 
_reflns.limit_k_max                      ? 
_reflns.limit_k_min                      ? 
_reflns.limit_l_max                      ? 
_reflns.limit_l_min                      ? 
_reflns.number_all                       ? 
_reflns.number_obs                       10059 
_reflns.observed_criterion               ? 
_reflns.observed_criterion_F_max         ? 
_reflns.observed_criterion_F_min         ? 
_reflns.observed_criterion_I_max         ? 
_reflns.observed_criterion_I_min         ? 
_reflns.observed_criterion_sigma_F       ? 
_reflns.observed_criterion_sigma_I       ? 
_reflns.percent_possible_obs             100 
_reflns.R_free_details                   ? 
_reflns.Rmerge_F_all                     ? 
_reflns.Rmerge_F_obs                     ? 
_reflns.Friedel_coverage                 ? 
_reflns.number_gt                        ? 
_reflns.threshold_expression             ? 
_reflns.pdbx_redundancy                  14.0 
_reflns.pdbx_Rmerge_I_obs                ? 
_reflns.pdbx_Rmerge_I_all                ? 
_reflns.pdbx_Rsym_value                  ? 
_reflns.pdbx_netI_over_av_sigmaI         ? 
_reflns.pdbx_netI_over_sigmaI            68.5 
_reflns.pdbx_res_netI_over_av_sigmaI_2   ? 
_reflns.pdbx_res_netI_over_sigmaI_2      ? 
_reflns.pdbx_chi_squared                 ? 
_reflns.pdbx_scaling_rejects             ? 
_reflns.pdbx_d_res_high_opt              ? 
_reflns.pdbx_d_res_low_opt               ? 
_reflns.pdbx_d_res_opt_method            ? 
_reflns.phase_calculation_details        ? 
_reflns.pdbx_Rrim_I_all                  ? 
_reflns.pdbx_Rpim_I_all                  ? 
_reflns.pdbx_d_opt                       ? 
_reflns.pdbx_number_measured_all         ? 
_reflns.pdbx_diffrn_id                   1 
_reflns.pdbx_ordinal                     1 
_reflns.pdbx_CC_half                     ? 
_reflns.pdbx_R_split                     ? 
# 
_reflns_shell.d_res_high                  2.24 
_reflns_shell.d_res_low                   2.28 
_reflns_shell.meanI_over_sigI_all         ? 
_reflns_shell.meanI_over_sigI_obs         ? 
_reflns_shell.number_measured_all         ? 
_reflns_shell.number_measured_obs         ? 
_reflns_shell.number_possible             ? 
_reflns_shell.number_unique_all           ? 
_reflns_shell.number_unique_obs           ? 
_reflns_shell.percent_possible_all        99.9 
_reflns_shell.percent_possible_obs        ? 
_reflns_shell.Rmerge_F_all                ? 
_reflns_shell.Rmerge_F_obs                ? 
_reflns_shell.Rmerge_I_all                ? 
_reflns_shell.Rmerge_I_obs                0.144 
_reflns_shell.meanI_over_sigI_gt          ? 
_reflns_shell.meanI_over_uI_all           ? 
_reflns_shell.meanI_over_uI_gt            ? 
_reflns_shell.number_measured_gt          ? 
_reflns_shell.number_unique_gt            ? 
_reflns_shell.percent_possible_gt         ? 
_reflns_shell.Rmerge_F_gt                 ? 
_reflns_shell.Rmerge_I_gt                 ? 
_reflns_shell.pdbx_redundancy             14.2 
_reflns_shell.pdbx_Rsym_value             ? 
_reflns_shell.pdbx_chi_squared            ? 
_reflns_shell.pdbx_netI_over_sigmaI_all   ? 
_reflns_shell.pdbx_netI_over_sigmaI_obs   ? 
_reflns_shell.pdbx_Rrim_I_all             ? 
_reflns_shell.pdbx_Rpim_I_all             ? 
_reflns_shell.pdbx_rejects                ? 
_reflns_shell.pdbx_ordinal                1 
_reflns_shell.pdbx_diffrn_id              1 
_reflns_shell.pdbx_CC_half                ? 
_reflns_shell.pdbx_R_split                ? 
# 
_refine.aniso_B[1][1]                            ? 
_refine.aniso_B[1][2]                            ? 
_refine.aniso_B[1][3]                            ? 
_refine.aniso_B[2][2]                            ? 
_refine.aniso_B[2][3]                            ? 
_refine.aniso_B[3][3]                            ? 
_refine.B_iso_max                                ? 
_refine.B_iso_mean                               ? 
_refine.B_iso_min                                ? 
_refine.correlation_coeff_Fo_to_Fc               ? 
_refine.correlation_coeff_Fo_to_Fc_free          ? 
_refine.details                                  ? 
_refine.diff_density_max                         ? 
_refine.diff_density_max_esd                     ? 
_refine.diff_density_min                         ? 
_refine.diff_density_min_esd                     ? 
_refine.diff_density_rms                         ? 
_refine.diff_density_rms_esd                     ? 
_refine.entry_id                                 5HF0 
_refine.pdbx_refine_id                           'X-RAY DIFFRACTION' 
_refine.ls_abs_structure_details                 ? 
_refine.ls_abs_structure_Flack                   ? 
_refine.ls_abs_structure_Flack_esd               ? 
_refine.ls_abs_structure_Rogers                  ? 
_refine.ls_abs_structure_Rogers_esd              ? 
_refine.ls_d_res_high                            2.245 
_refine.ls_d_res_low                             32.646 
_refine.ls_extinction_coef                       ? 
_refine.ls_extinction_coef_esd                   ? 
_refine.ls_extinction_expression                 ? 
_refine.ls_extinction_method                     ? 
_refine.ls_goodness_of_fit_all                   ? 
_refine.ls_goodness_of_fit_all_esd               ? 
_refine.ls_goodness_of_fit_obs                   ? 
_refine.ls_goodness_of_fit_obs_esd               ? 
_refine.ls_hydrogen_treatment                    ? 
_refine.ls_matrix_type                           ? 
_refine.ls_number_constraints                    ? 
_refine.ls_number_parameters                     ? 
_refine.ls_number_reflns_all                     ? 
_refine.ls_number_reflns_obs                     10059 
_refine.ls_number_reflns_R_free                  515 
_refine.ls_number_reflns_R_work                  ? 
_refine.ls_number_restraints                     ? 
_refine.ls_percent_reflns_obs                    99.99 
_refine.ls_percent_reflns_R_free                 5.12 
_refine.ls_R_factor_all                          ? 
_refine.ls_R_factor_obs                          0.1703 
_refine.ls_R_factor_R_free                       0.2167 
_refine.ls_R_factor_R_free_error                 ? 
_refine.ls_R_factor_R_free_error_details         ? 
_refine.ls_R_factor_R_work                       0.1678 
_refine.ls_R_Fsqd_factor_obs                     ? 
_refine.ls_R_I_factor_obs                        ? 
_refine.ls_redundancy_reflns_all                 ? 
_refine.ls_redundancy_reflns_obs                 ? 
_refine.ls_restrained_S_all                      ? 
_refine.ls_restrained_S_obs                      ? 
_refine.ls_shift_over_esd_max                    ? 
_refine.ls_shift_over_esd_mean                   ? 
_refine.ls_structure_factor_coef                 ? 
_refine.ls_weighting_details                     ? 
_refine.ls_weighting_scheme                      ? 
_refine.ls_wR_factor_all                         ? 
_refine.ls_wR_factor_obs                         ? 
_refine.ls_wR_factor_R_free                      ? 
_refine.ls_wR_factor_R_work                      ? 
_refine.occupancy_max                            ? 
_refine.occupancy_min                            ? 
_refine.solvent_model_details                    'FLAT BULK SOLVENT MODEL' 
_refine.solvent_model_param_bsol                 ? 
_refine.solvent_model_param_ksol                 ? 
_refine.ls_R_factor_gt                           ? 
_refine.ls_goodness_of_fit_gt                    ? 
_refine.ls_goodness_of_fit_ref                   ? 
_refine.ls_shift_over_su_max                     ? 
_refine.ls_shift_over_su_max_lt                  ? 
_refine.ls_shift_over_su_mean                    ? 
_refine.ls_shift_over_su_mean_lt                 ? 
_refine.pdbx_ls_sigma_I                          ? 
_refine.pdbx_ls_sigma_F                          1.36 
_refine.pdbx_ls_sigma_Fsqd                       ? 
_refine.pdbx_data_cutoff_high_absF               ? 
_refine.pdbx_data_cutoff_high_rms_absF           ? 
_refine.pdbx_data_cutoff_low_absF                ? 
_refine.pdbx_isotropic_thermal_model             ? 
_refine.pdbx_ls_cross_valid_method               'FREE R-VALUE' 
_refine.pdbx_method_to_determine_struct          ? 
_refine.pdbx_starting_model                      ? 
_refine.pdbx_stereochemistry_target_values       ML 
_refine.pdbx_R_Free_selection_details            RANDOM 
_refine.pdbx_stereochem_target_val_spec_case     ? 
_refine.pdbx_overall_ESU_R                       ? 
_refine.pdbx_overall_ESU_R_Free                  ? 
_refine.pdbx_solvent_vdw_probe_radii             1.11 
_refine.pdbx_solvent_ion_probe_radii             ? 
_refine.pdbx_solvent_shrinkage_radii             0.90 
_refine.pdbx_real_space_R                        ? 
_refine.pdbx_density_correlation                 ? 
_refine.pdbx_pd_number_of_powder_patterns        ? 
_refine.pdbx_pd_number_of_points                 ? 
_refine.pdbx_pd_meas_number_of_points            ? 
_refine.pdbx_pd_proc_ls_prof_R_factor            ? 
_refine.pdbx_pd_proc_ls_prof_wR_factor           ? 
_refine.pdbx_pd_Marquardt_correlation_coeff      ? 
_refine.pdbx_pd_Fsqrd_R_factor                   ? 
_refine.pdbx_pd_ls_matrix_band_width             ? 
_refine.pdbx_overall_phase_error                 21.36 
_refine.pdbx_overall_SU_R_free_Cruickshank_DPI   ? 
_refine.pdbx_overall_SU_R_free_Blow_DPI          ? 
_refine.pdbx_overall_SU_R_Blow_DPI               ? 
_refine.pdbx_TLS_residual_ADP_flag               ? 
_refine.pdbx_diffrn_id                           1 
_refine.overall_SU_B                             ? 
_refine.overall_SU_ML                            0.21 
_refine.overall_SU_R_Cruickshank_DPI             ? 
_refine.overall_SU_R_free                        ? 
_refine.overall_FOM_free_R_set                   ? 
_refine.overall_FOM_work_R_set                   ? 
_refine.pdbx_average_fsc_overall                 ? 
_refine.pdbx_average_fsc_work                    ? 
_refine.pdbx_average_fsc_free                    ? 
# 
_refine_hist.pdbx_refine_id                   'X-RAY DIFFRACTION' 
_refine_hist.cycle_id                         LAST 
_refine_hist.pdbx_number_atoms_protein        1273 
_refine_hist.pdbx_number_atoms_nucleic_acid   0 
_refine_hist.pdbx_number_atoms_ligand         132 
_refine_hist.number_atoms_solvent             71 
_refine_hist.number_atoms_total               1476 
_refine_hist.d_res_high                       2.245 
_refine_hist.d_res_low                        32.646 
# 
loop_
_refine_ls_restr.pdbx_refine_id 
_refine_ls_restr.criterion 
_refine_ls_restr.dev_ideal 
_refine_ls_restr.dev_ideal_target 
_refine_ls_restr.number 
_refine_ls_restr.rejects 
_refine_ls_restr.type 
_refine_ls_restr.weight 
_refine_ls_restr.pdbx_restraint_function 
'X-RAY DIFFRACTION' ? 0.008  ? 1476 ? f_bond_d           ? ? 
'X-RAY DIFFRACTION' ? 1.912  ? 2029 ? f_angle_d          ? ? 
'X-RAY DIFFRACTION' ? 17.236 ? 645  ? f_dihedral_angle_d ? ? 
'X-RAY DIFFRACTION' ? 0.131  ? 226  ? f_chiral_restr     ? ? 
'X-RAY DIFFRACTION' ? 0.006  ? 243  ? f_plane_restr      ? ? 
# 
loop_
_refine_ls_shell.pdbx_refine_id 
_refine_ls_shell.d_res_high 
_refine_ls_shell.d_res_low 
_refine_ls_shell.number_reflns_all 
_refine_ls_shell.number_reflns_obs 
_refine_ls_shell.number_reflns_R_free 
_refine_ls_shell.number_reflns_R_work 
_refine_ls_shell.percent_reflns_obs 
_refine_ls_shell.percent_reflns_R_free 
_refine_ls_shell.R_factor_all 
_refine_ls_shell.R_factor_obs 
_refine_ls_shell.R_factor_R_free 
_refine_ls_shell.R_factor_R_free_error 
_refine_ls_shell.R_factor_R_work 
_refine_ls_shell.redundancy_reflns_all 
_refine_ls_shell.redundancy_reflns_obs 
_refine_ls_shell.wR_factor_all 
_refine_ls_shell.wR_factor_obs 
_refine_ls_shell.wR_factor_R_free 
_refine_ls_shell.wR_factor_R_work 
_refine_ls_shell.pdbx_total_number_of_bins_used 
_refine_ls_shell.pdbx_phase_error 
_refine_ls_shell.pdbx_fsc_work 
_refine_ls_shell.pdbx_fsc_free 
'X-RAY DIFFRACTION' 2.2449 2.4708  . . 111 2332 100.00 . . . 0.2947 . 0.1883 . . . . . . . . . . 
'X-RAY DIFFRACTION' 2.4708 2.8281  . . 147 2309 100.00 . . . 0.2657 . 0.1817 . . . . . . . . . . 
'X-RAY DIFFRACTION' 2.8281 3.5625  . . 117 2377 100.00 . . . 0.1982 . 0.1739 . . . . . . . . . . 
'X-RAY DIFFRACTION' 3.5625 32.6495 . . 140 2526 100.00 . . . 0.1832 . 0.1510 . . . . . . . . . . 
# 
_struct.entry_id                     5HF0 
_struct.title                        
;Staphylococcus aureus Dihydrofolate Reductase complexed with beta-NADPH, cyclic alpha-NADPH anomer and 3'-(3-(2,4-diamino-6-ethylpyrimidin-5-yl)prop-2-yn-1-yl)-4'-methoxy-[1,1'-biphenyl]-4-carboxylic acid (UCP1106)
;
_struct.pdbx_model_details           ? 
_struct.pdbx_formula_weight          ? 
_struct.pdbx_formula_weight_method   ? 
_struct.pdbx_model_type_details      ? 
_struct.pdbx_CASP_flag               ? 
# 
_struct_keywords.entry_id        5HF0 
_struct_keywords.text            'Oxidoreductase, Dihydrofolate Reductase, NADPH, Zwitterion, Antibiotics' 
_struct_keywords.pdbx_keywords   OXIDOREDUCTASE 
# 
loop_
_struct_asym.id 
_struct_asym.pdbx_blank_PDB_chainid_flag 
_struct_asym.pdbx_modified 
_struct_asym.entity_id 
_struct_asym.details 
A N N 1 ? 
B N N 2 ? 
C N N 3 ? 
D N N 4 ? 
E N N 5 ? 
F N N 6 ? 
# 
_struct_ref.id                         1 
_struct_ref.db_name                    UNP 
_struct_ref.db_code                    DYR_STAAU 
_struct_ref.pdbx_db_accession          P0A017 
_struct_ref.pdbx_db_isoform            ? 
_struct_ref.entity_id                  1 
_struct_ref.pdbx_seq_one_letter_code   
;TLSILVAHDLQRVIGFENQLPWHLPNDLKHVKKLSTGHTLVMGRKTFESIGKPLPNRRNVVLTSDTSFNVEGVDVIHSIE
DIYQLPGHVFIFGGQTLFEEMIDKVDDMYITVIEGKFRGDTFFPPYTFEDWEVASSVEGKLDEKNTIPHTFLHLIRK
;
_struct_ref.pdbx_align_begin           2 
# 
_struct_ref_seq.align_id                      1 
_struct_ref_seq.ref_id                        1 
_struct_ref_seq.pdbx_PDB_id_code              5HF0 
_struct_ref_seq.pdbx_strand_id                X 
_struct_ref_seq.seq_align_beg                 1 
_struct_ref_seq.pdbx_seq_align_beg_ins_code   ? 
_struct_ref_seq.seq_align_end                 157 
_struct_ref_seq.pdbx_seq_align_end_ins_code   ? 
_struct_ref_seq.pdbx_db_accession             P0A017 
_struct_ref_seq.db_align_beg                  2 
_struct_ref_seq.pdbx_db_align_beg_ins_code    ? 
_struct_ref_seq.db_align_end                  158 
_struct_ref_seq.pdbx_db_align_end_ins_code    ? 
_struct_ref_seq.pdbx_auth_seq_align_beg       1 
_struct_ref_seq.pdbx_auth_seq_align_end       157 
# 
loop_
_struct_ref_seq_dif.align_id 
_struct_ref_seq_dif.pdbx_pdb_id_code 
_struct_ref_seq_dif.mon_id 
_struct_ref_seq_dif.pdbx_pdb_strand_id 
_struct_ref_seq_dif.seq_num 
_struct_ref_seq_dif.pdbx_pdb_ins_code 
_struct_ref_seq_dif.pdbx_seq_db_name 
_struct_ref_seq_dif.pdbx_seq_db_accession_code 
_struct_ref_seq_dif.db_mon_id 
_struct_ref_seq_dif.pdbx_seq_db_seq_num 
_struct_ref_seq_dif.details 
_struct_ref_seq_dif.pdbx_auth_seq_num 
_struct_ref_seq_dif.pdbx_ordinal 
1 5HF0 LEU X 158 ? UNP P0A017 ? ? 'expression tag' 158 1 
1 5HF0 GLU X 159 ? UNP P0A017 ? ? 'expression tag' 159 2 
1 5HF0 HIS X 160 ? UNP P0A017 ? ? 'expression tag' 160 3 
# 
_pdbx_struct_assembly.id                   1 
_pdbx_struct_assembly.details              author_and_software_defined_assembly 
_pdbx_struct_assembly.method_details       PISA 
_pdbx_struct_assembly.oligomeric_details   monomeric 
_pdbx_struct_assembly.oligomeric_count     1 
# 
_pdbx_struct_assembly_gen.assembly_id       1 
_pdbx_struct_assembly_gen.oper_expression   1 
_pdbx_struct_assembly_gen.asym_id_list      A,B,C,D,E,F 
# 
_pdbx_struct_oper_list.id                   1 
_pdbx_struct_oper_list.type                 'identity operation' 
_pdbx_struct_oper_list.name                 1_555 
_pdbx_struct_oper_list.symmetry_operation   x,y,z 
_pdbx_struct_oper_list.matrix[1][1]         1.0000000000 
_pdbx_struct_oper_list.matrix[1][2]         0.0000000000 
_pdbx_struct_oper_list.matrix[1][3]         0.0000000000 
_pdbx_struct_oper_list.vector[1]            0.0000000000 
_pdbx_struct_oper_list.matrix[2][1]         0.0000000000 
_pdbx_struct_oper_list.matrix[2][2]         1.0000000000 
_pdbx_struct_oper_list.matrix[2][3]         0.0000000000 
_pdbx_struct_oper_list.vector[2]            0.0000000000 
_pdbx_struct_oper_list.matrix[3][1]         0.0000000000 
_pdbx_struct_oper_list.matrix[3][2]         0.0000000000 
_pdbx_struct_oper_list.matrix[3][3]         1.0000000000 
_pdbx_struct_oper_list.vector[3]            0.0000000000 
# 
loop_
_struct_conf.conf_type_id 
_struct_conf.id 
_struct_conf.pdbx_PDB_helix_id 
_struct_conf.beg_label_comp_id 
_struct_conf.beg_label_asym_id 
_struct_conf.beg_label_seq_id 
_struct_conf.pdbx_beg_PDB_ins_code 
_struct_conf.end_label_comp_id 
_struct_conf.end_label_asym_id 
_struct_conf.end_label_seq_id 
_struct_conf.pdbx_end_PDB_ins_code 
_struct_conf.beg_auth_comp_id 
_struct_conf.beg_auth_asym_id 
_struct_conf.beg_auth_seq_id 
_struct_conf.end_auth_comp_id 
_struct_conf.end_auth_asym_id 
_struct_conf.end_auth_seq_id 
_struct_conf.pdbx_PDB_helix_class 
_struct_conf.details 
_struct_conf.pdbx_PDB_helix_length 
HELX_P HELX_P1 AA1 LEU A 24 ? THR A 36  ? LEU X 24 THR X 36  1 ? 13 
HELX_P HELX_P2 AA2 ARG A 44 ? GLY A 51  ? ARG X 44 GLY X 51  1 ? 8  
HELX_P HELX_P3 AA3 SER A 78 ? LEU A 85  ? SER X 78 LEU X 85  5 ? 8  
HELX_P HELX_P4 AA4 GLY A 94 ? ILE A 102 ? GLY X 94 ILE X 102 1 ? 9  
# 
_struct_conf_type.id          HELX_P 
_struct_conf_type.criteria    ? 
_struct_conf_type.reference   ? 
# 
_struct_mon_prot_cis.pdbx_id                1 
_struct_mon_prot_cis.label_comp_id          GLY 
_struct_mon_prot_cis.label_seq_id           93 
_struct_mon_prot_cis.label_asym_id          A 
_struct_mon_prot_cis.label_alt_id           . 
_struct_mon_prot_cis.pdbx_PDB_ins_code      ? 
_struct_mon_prot_cis.auth_comp_id           GLY 
_struct_mon_prot_cis.auth_seq_id            93 
_struct_mon_prot_cis.auth_asym_id           X 
_struct_mon_prot_cis.pdbx_label_comp_id_2   GLY 
_struct_mon_prot_cis.pdbx_label_seq_id_2    94 
_struct_mon_prot_cis.pdbx_label_asym_id_2   A 
_struct_mon_prot_cis.pdbx_PDB_ins_code_2    ? 
_struct_mon_prot_cis.pdbx_auth_comp_id_2    GLY 
_struct_mon_prot_cis.pdbx_auth_seq_id_2     94 
_struct_mon_prot_cis.pdbx_auth_asym_id_2    X 
_struct_mon_prot_cis.pdbx_PDB_model_num     1 
_struct_mon_prot_cis.pdbx_omega_angle       -1.22 
# 
loop_
_struct_sheet.id 
_struct_sheet.type 
_struct_sheet.number_strands 
_struct_sheet.details 
AA1 ? 8 ? 
AA2 ? 2 ? 
# 
loop_
_struct_sheet_order.sheet_id 
_struct_sheet_order.range_id_1 
_struct_sheet_order.range_id_2 
_struct_sheet_order.offset 
_struct_sheet_order.sense 
AA1 1 2 ? parallel      
AA1 2 3 ? parallel      
AA1 3 4 ? parallel      
AA1 4 5 ? parallel      
AA1 5 6 ? parallel      
AA1 6 7 ? anti-parallel 
AA1 7 8 ? anti-parallel 
AA2 1 2 ? anti-parallel 
# 
loop_
_struct_sheet_range.sheet_id 
_struct_sheet_range.id 
_struct_sheet_range.beg_label_comp_id 
_struct_sheet_range.beg_label_asym_id 
_struct_sheet_range.beg_label_seq_id 
_struct_sheet_range.pdbx_beg_PDB_ins_code 
_struct_sheet_range.end_label_comp_id 
_struct_sheet_range.end_label_asym_id 
_struct_sheet_range.end_label_seq_id 
_struct_sheet_range.pdbx_end_PDB_ins_code 
_struct_sheet_range.beg_auth_comp_id 
_struct_sheet_range.beg_auth_asym_id 
_struct_sheet_range.beg_auth_seq_id 
_struct_sheet_range.end_auth_comp_id 
_struct_sheet_range.end_auth_asym_id 
_struct_sheet_range.end_auth_seq_id 
AA1 1 VAL A 73  ? ILE A 76  ? VAL X 73  ILE X 76  
AA1 2 ARG A 58  ? LEU A 62  ? ARG X 58  LEU X 62  
AA1 3 THR A 39  ? GLY A 43  ? THR X 39  GLY X 43  
AA1 4 VAL A 89  ? GLY A 93  ? VAL X 89  GLY X 93  
AA1 5 LEU A 2   ? HIS A 8   ? LEU X 2   HIS X 8   
AA1 6 ASP A 107 ? ILE A 113 ? ASP X 107 ILE X 113 
AA1 7 HIS A 149 ? ARG A 156 ? HIS X 149 ARG X 156 
AA1 8 TRP A 131 ? GLU A 138 ? TRP X 131 GLU X 138 
AA2 1 VAL A 13  ? GLY A 15  ? VAL X 13  GLY X 15  
AA2 2 THR A 121 ? PHE A 122 ? THR X 121 PHE X 122 
# 
loop_
_pdbx_struct_sheet_hbond.sheet_id 
_pdbx_struct_sheet_hbond.range_id_1 
_pdbx_struct_sheet_hbond.range_id_2 
_pdbx_struct_sheet_hbond.range_1_label_atom_id 
_pdbx_struct_sheet_hbond.range_1_label_comp_id 
_pdbx_struct_sheet_hbond.range_1_label_asym_id 
_pdbx_struct_sheet_hbond.range_1_label_seq_id 
_pdbx_struct_sheet_hbond.range_1_PDB_ins_code 
_pdbx_struct_sheet_hbond.range_1_auth_atom_id 
_pdbx_struct_sheet_hbond.range_1_auth_comp_id 
_pdbx_struct_sheet_hbond.range_1_auth_asym_id 
_pdbx_struct_sheet_hbond.range_1_auth_seq_id 
_pdbx_struct_sheet_hbond.range_2_label_atom_id 
_pdbx_struct_sheet_hbond.range_2_label_comp_id 
_pdbx_struct_sheet_hbond.range_2_label_asym_id 
_pdbx_struct_sheet_hbond.range_2_label_seq_id 
_pdbx_struct_sheet_hbond.range_2_PDB_ins_code 
_pdbx_struct_sheet_hbond.range_2_auth_atom_id 
_pdbx_struct_sheet_hbond.range_2_auth_comp_id 
_pdbx_struct_sheet_hbond.range_2_auth_asym_id 
_pdbx_struct_sheet_hbond.range_2_auth_seq_id 
AA1 1 2 O ASP A 74  ? O ASP X 74  N ASN A 59  ? N ASN X 59  
AA1 2 3 O VAL A 60  ? O VAL X 60  N LEU A 40  ? N LEU X 40  
AA1 3 4 N THR A 39  ? N THR X 39  O PHE A 90  ? O PHE X 90  
AA1 4 5 O ILE A 91  ? O ILE X 91  N SER A 3   ? N SER X 3   
AA1 5 6 N ILE A 4   ? N ILE X 4   O TYR A 109 ? O TYR X 109 
AA1 6 7 N ILE A 110 ? N ILE X 110 O LEU A 152 ? O LEU X 152 
AA1 7 8 O ILE A 155 ? O ILE X 155 N GLU A 132 ? N GLU X 132 
AA2 1 2 N ILE A 14  ? N ILE X 14  O THR A 121 ? O THR X 121 
# 
loop_
_struct_site.id 
_struct_site.pdbx_evidence_code 
_struct_site.pdbx_auth_asym_id 
_struct_site.pdbx_auth_comp_id 
_struct_site.pdbx_auth_seq_id 
_struct_site.pdbx_auth_ins_code 
_struct_site.pdbx_num_residues 
_struct_site.details 
AC1 Software X GOL 201 ? 4  'binding site for residue GOL X 201' 
AC2 Software X U06 202 ? 16 'binding site for residue U06 X 202' 
AC3 Software X XNP 203 ? 27 'binding site for residue XNP X 203' 
AC4 Software X NAP 204 ? 31 'binding site for residue NAP X 204' 
# 
loop_
_struct_site_gen.id 
_struct_site_gen.site_id 
_struct_site_gen.pdbx_num_res 
_struct_site_gen.label_comp_id 
_struct_site_gen.label_asym_id 
_struct_site_gen.label_seq_id 
_struct_site_gen.pdbx_auth_ins_code 
_struct_site_gen.auth_comp_id 
_struct_site_gen.auth_asym_id 
_struct_site_gen.auth_seq_id 
_struct_site_gen.label_atom_id 
_struct_site_gen.label_alt_id 
_struct_site_gen.symmetry 
_struct_site_gen.details 
1  AC1 4  ARG A 12  ? ARG X 12  . ? 1_555  ? 
2  AC1 4  TYR A 126 ? TYR X 126 . ? 1_555  ? 
3  AC1 4  GLU A 132 ? GLU X 132 . ? 6_655  ? 
4  AC1 4  HOH F .   ? HOH X 313 . ? 1_555  ? 
5  AC2 16 LEU A 5   ? LEU X 5   . ? 1_555  ? 
6  AC2 16 VAL A 6   ? VAL X 6   . ? 1_555  ? 
7  AC2 16 ALA A 7   ? ALA X 7   . ? 1_555  ? 
8  AC2 16 ASN A 18  ? ASN X 18  . ? 1_555  ? 
9  AC2 16 GLN A 19  ? GLN X 19  . ? 1_555  ? 
10 AC2 16 LEU A 20  ? LEU X 20  . ? 1_555  ? 
11 AC2 16 ASP A 27  ? ASP X 27  . ? 1_555  ? 
12 AC2 16 LEU A 28  ? LEU X 28  . ? 1_555  ? 
13 AC2 16 VAL A 31  ? VAL X 31  . ? 1_555  ? 
14 AC2 16 SER A 49  ? SER X 49  . ? 1_555  ? 
15 AC2 16 PHE A 92  ? PHE X 92  . ? 1_555  ? 
16 AC2 16 THR A 111 ? THR X 111 . ? 1_555  ? 
17 AC2 16 XNP D .   ? XNP X 203 . ? 1_555  ? 
18 AC2 16 NAP E .   ? NAP X 204 . ? 1_555  ? 
19 AC2 16 HOH F .   ? HOH X 302 . ? 1_555  ? 
20 AC2 16 HOH F .   ? HOH X 339 . ? 1_555  ? 
21 AC3 27 ILE A 14  ? ILE X 14  . ? 1_555  ? 
22 AC3 27 ASN A 18  ? ASN X 18  . ? 1_555  ? 
23 AC3 27 GLN A 19  ? GLN X 19  . ? 1_555  ? 
24 AC3 27 LEU A 20  ? LEU X 20  . ? 1_555  ? 
25 AC3 27 GLY A 43  ? GLY X 43  . ? 1_555  ? 
26 AC3 27 ARG A 44  ? ARG X 44  . ? 1_555  ? 
27 AC3 27 LYS A 45  ? LYS X 45  . ? 1_555  ? 
28 AC3 27 THR A 46  ? THR X 46  . ? 1_555  ? 
29 AC3 27 LEU A 62  ? LEU X 62  . ? 1_555  ? 
30 AC3 27 THR A 63  ? THR X 63  . ? 1_555  ? 
31 AC3 27 SER A 64  ? SER X 64  . ? 1_555  ? 
32 AC3 27 SER A 67  ? SER X 67  . ? 12_557 ? 
33 AC3 27 GLY A 94  ? GLY X 94  . ? 1_555  ? 
34 AC3 27 GLN A 95  ? GLN X 95  . ? 1_555  ? 
35 AC3 27 THR A 96  ? THR X 96  . ? 1_555  ? 
36 AC3 27 LEU A 97  ? LEU X 97  . ? 1_555  ? 
37 AC3 27 GLU A 100 ? GLU X 100 . ? 1_555  ? 
38 AC3 27 THR A 121 ? THR X 121 . ? 1_555  ? 
39 AC3 27 U06 C .   ? U06 X 202 . ? 1_555  ? 
40 AC3 27 NAP E .   ? NAP X 204 . ? 1_555  ? 
41 AC3 27 HOH F .   ? HOH X 301 . ? 1_555  ? 
42 AC3 27 HOH F .   ? HOH X 303 . ? 1_555  ? 
43 AC3 27 HOH F .   ? HOH X 304 . ? 1_555  ? 
44 AC3 27 HOH F .   ? HOH X 305 . ? 1_555  ? 
45 AC3 27 HOH F .   ? HOH X 317 . ? 1_555  ? 
46 AC3 27 HOH F .   ? HOH X 335 . ? 1_555  ? 
47 AC3 27 HOH F .   ? HOH X 350 . ? 1_555  ? 
48 AC4 31 VAL A 6   ? VAL X 6   . ? 1_555  ? 
49 AC4 31 ALA A 7   ? ALA X 7   . ? 1_555  ? 
50 AC4 31 ILE A 14  ? ILE X 14  . ? 1_555  ? 
51 AC4 31 ASN A 18  ? ASN X 18  . ? 1_555  ? 
52 AC4 31 GLN A 19  ? GLN X 19  . ? 1_555  ? 
53 AC4 31 LEU A 20  ? LEU X 20  . ? 1_555  ? 
54 AC4 31 GLY A 43  ? GLY X 43  . ? 1_555  ? 
55 AC4 31 ARG A 44  ? ARG X 44  . ? 1_555  ? 
56 AC4 31 LYS A 45  ? LYS X 45  . ? 1_555  ? 
57 AC4 31 THR A 46  ? THR X 46  . ? 1_555  ? 
58 AC4 31 LEU A 62  ? LEU X 62  . ? 1_555  ? 
59 AC4 31 THR A 63  ? THR X 63  . ? 1_555  ? 
60 AC4 31 SER A 64  ? SER X 64  . ? 1_555  ? 
61 AC4 31 HIS A 77  ? HIS X 77  . ? 1_555  ? 
62 AC4 31 ILE A 79  ? ILE X 79  . ? 1_555  ? 
63 AC4 31 PHE A 92  ? PHE X 92  . ? 1_555  ? 
64 AC4 31 GLY A 94  ? GLY X 94  . ? 1_555  ? 
65 AC4 31 GLN A 95  ? GLN X 95  . ? 1_555  ? 
66 AC4 31 THR A 96  ? THR X 96  . ? 1_555  ? 
67 AC4 31 LEU A 97  ? LEU X 97  . ? 1_555  ? 
68 AC4 31 GLU A 100 ? GLU X 100 . ? 1_555  ? 
69 AC4 31 THR A 121 ? THR X 121 . ? 1_555  ? 
70 AC4 31 U06 C .   ? U06 X 202 . ? 1_555  ? 
71 AC4 31 XNP D .   ? XNP X 203 . ? 1_555  ? 
72 AC4 31 HOH F .   ? HOH X 303 . ? 1_555  ? 
73 AC4 31 HOH F .   ? HOH X 304 . ? 1_555  ? 
74 AC4 31 HOH F .   ? HOH X 305 . ? 1_555  ? 
75 AC4 31 HOH F .   ? HOH X 317 . ? 1_555  ? 
76 AC4 31 HOH F .   ? HOH X 350 . ? 1_555  ? 
77 AC4 31 HOH F .   ? HOH X 352 . ? 1_555  ? 
78 AC4 31 HOH F .   ? HOH X 357 . ? 1_555  ? 
# 
loop_
_pdbx_validate_close_contact.id 
_pdbx_validate_close_contact.PDB_model_num 
_pdbx_validate_close_contact.auth_atom_id_1 
_pdbx_validate_close_contact.auth_asym_id_1 
_pdbx_validate_close_contact.auth_comp_id_1 
_pdbx_validate_close_contact.auth_seq_id_1 
_pdbx_validate_close_contact.PDB_ins_code_1 
_pdbx_validate_close_contact.label_alt_id_1 
_pdbx_validate_close_contact.auth_atom_id_2 
_pdbx_validate_close_contact.auth_asym_id_2 
_pdbx_validate_close_contact.auth_comp_id_2 
_pdbx_validate_close_contact.auth_seq_id_2 
_pdbx_validate_close_contact.PDB_ins_code_2 
_pdbx_validate_close_contact.label_alt_id_2 
_pdbx_validate_close_contact.dist 
1 1 O   X HOH 309 ? ? O X HOH 363 ? ? 2.09 
2 1 OD1 X ASN 18  ? ? O X HOH 301 ? ? 2.11 
3 1 OBD X U06 202 ? ? O X HOH 302 ? ? 2.11 
# 
loop_
_pdbx_validate_torsion.id 
_pdbx_validate_torsion.PDB_model_num 
_pdbx_validate_torsion.auth_comp_id 
_pdbx_validate_torsion.auth_asym_id 
_pdbx_validate_torsion.auth_seq_id 
_pdbx_validate_torsion.PDB_ins_code 
_pdbx_validate_torsion.label_alt_id 
_pdbx_validate_torsion.phi 
_pdbx_validate_torsion.psi 
1 1 HIS X 38  ? ? -128.93 -157.63 
2 1 ASN X 69  ? ? -161.92 99.81   
3 1 ASP X 142 ? ? -162.77 -159.85 
# 
loop_
_pdbx_unobs_or_zero_occ_residues.id 
_pdbx_unobs_or_zero_occ_residues.PDB_model_num 
_pdbx_unobs_or_zero_occ_residues.polymer_flag 
_pdbx_unobs_or_zero_occ_residues.occupancy_flag 
_pdbx_unobs_or_zero_occ_residues.auth_asym_id 
_pdbx_unobs_or_zero_occ_residues.auth_comp_id 
_pdbx_unobs_or_zero_occ_residues.auth_seq_id 
_pdbx_unobs_or_zero_occ_residues.PDB_ins_code 
_pdbx_unobs_or_zero_occ_residues.label_asym_id 
_pdbx_unobs_or_zero_occ_residues.label_comp_id 
_pdbx_unobs_or_zero_occ_residues.label_seq_id 
1 1 Y 1 X LEU 158 ? A LEU 158 
2 1 Y 1 X GLU 159 ? A GLU 159 
3 1 Y 1 X HIS 160 ? A HIS 160 
# 
loop_
_chem_comp_atom.comp_id 
_chem_comp_atom.atom_id 
_chem_comp_atom.type_symbol 
_chem_comp_atom.pdbx_aromatic_flag 
_chem_comp_atom.pdbx_stereo_config 
_chem_comp_atom.pdbx_ordinal 
ALA N     N N N 1   
ALA CA    C N S 2   
ALA C     C N N 3   
ALA O     O N N 4   
ALA CB    C N N 5   
ALA OXT   O N N 6   
ALA H     H N N 7   
ALA H2    H N N 8   
ALA HA    H N N 9   
ALA HB1   H N N 10  
ALA HB2   H N N 11  
ALA HB3   H N N 12  
ALA HXT   H N N 13  
ARG N     N N N 14  
ARG CA    C N S 15  
ARG C     C N N 16  
ARG O     O N N 17  
ARG CB    C N N 18  
ARG CG    C N N 19  
ARG CD    C N N 20  
ARG NE    N N N 21  
ARG CZ    C N N 22  
ARG NH1   N N N 23  
ARG NH2   N N N 24  
ARG OXT   O N N 25  
ARG H     H N N 26  
ARG H2    H N N 27  
ARG HA    H N N 28  
ARG HB2   H N N 29  
ARG HB3   H N N 30  
ARG HG2   H N N 31  
ARG HG3   H N N 32  
ARG HD2   H N N 33  
ARG HD3   H N N 34  
ARG HE    H N N 35  
ARG HH11  H N N 36  
ARG HH12  H N N 37  
ARG HH21  H N N 38  
ARG HH22  H N N 39  
ARG HXT   H N N 40  
ASN N     N N N 41  
ASN CA    C N S 42  
ASN C     C N N 43  
ASN O     O N N 44  
ASN CB    C N N 45  
ASN CG    C N N 46  
ASN OD1   O N N 47  
ASN ND2   N N N 48  
ASN OXT   O N N 49  
ASN H     H N N 50  
ASN H2    H N N 51  
ASN HA    H N N 52  
ASN HB2   H N N 53  
ASN HB3   H N N 54  
ASN HD21  H N N 55  
ASN HD22  H N N 56  
ASN HXT   H N N 57  
ASP N     N N N 58  
ASP CA    C N S 59  
ASP C     C N N 60  
ASP O     O N N 61  
ASP CB    C N N 62  
ASP CG    C N N 63  
ASP OD1   O N N 64  
ASP OD2   O N N 65  
ASP OXT   O N N 66  
ASP H     H N N 67  
ASP H2    H N N 68  
ASP HA    H N N 69  
ASP HB2   H N N 70  
ASP HB3   H N N 71  
ASP HD2   H N N 72  
ASP HXT   H N N 73  
GLN N     N N N 74  
GLN CA    C N S 75  
GLN C     C N N 76  
GLN O     O N N 77  
GLN CB    C N N 78  
GLN CG    C N N 79  
GLN CD    C N N 80  
GLN OE1   O N N 81  
GLN NE2   N N N 82  
GLN OXT   O N N 83  
GLN H     H N N 84  
GLN H2    H N N 85  
GLN HA    H N N 86  
GLN HB2   H N N 87  
GLN HB3   H N N 88  
GLN HG2   H N N 89  
GLN HG3   H N N 90  
GLN HE21  H N N 91  
GLN HE22  H N N 92  
GLN HXT   H N N 93  
GLU N     N N N 94  
GLU CA    C N S 95  
GLU C     C N N 96  
GLU O     O N N 97  
GLU CB    C N N 98  
GLU CG    C N N 99  
GLU CD    C N N 100 
GLU OE1   O N N 101 
GLU OE2   O N N 102 
GLU OXT   O N N 103 
GLU H     H N N 104 
GLU H2    H N N 105 
GLU HA    H N N 106 
GLU HB2   H N N 107 
GLU HB3   H N N 108 
GLU HG2   H N N 109 
GLU HG3   H N N 110 
GLU HE2   H N N 111 
GLU HXT   H N N 112 
GLY N     N N N 113 
GLY CA    C N N 114 
GLY C     C N N 115 
GLY O     O N N 116 
GLY OXT   O N N 117 
GLY H     H N N 118 
GLY H2    H N N 119 
GLY HA2   H N N 120 
GLY HA3   H N N 121 
GLY HXT   H N N 122 
GOL C1    C N N 123 
GOL O1    O N N 124 
GOL C2    C N N 125 
GOL O2    O N N 126 
GOL C3    C N N 127 
GOL O3    O N N 128 
GOL H11   H N N 129 
GOL H12   H N N 130 
GOL HO1   H N N 131 
GOL H2    H N N 132 
GOL HO2   H N N 133 
GOL H31   H N N 134 
GOL H32   H N N 135 
GOL HO3   H N N 136 
HIS N     N N N 137 
HIS CA    C N S 138 
HIS C     C N N 139 
HIS O     O N N 140 
HIS CB    C N N 141 
HIS CG    C Y N 142 
HIS ND1   N Y N 143 
HIS CD2   C Y N 144 
HIS CE1   C Y N 145 
HIS NE2   N Y N 146 
HIS OXT   O N N 147 
HIS H     H N N 148 
HIS H2    H N N 149 
HIS HA    H N N 150 
HIS HB2   H N N 151 
HIS HB3   H N N 152 
HIS HD1   H N N 153 
HIS HD2   H N N 154 
HIS HE1   H N N 155 
HIS HE2   H N N 156 
HIS HXT   H N N 157 
HOH O     O N N 158 
HOH H1    H N N 159 
HOH H2    H N N 160 
ILE N     N N N 161 
ILE CA    C N S 162 
ILE C     C N N 163 
ILE O     O N N 164 
ILE CB    C N S 165 
ILE CG1   C N N 166 
ILE CG2   C N N 167 
ILE CD1   C N N 168 
ILE OXT   O N N 169 
ILE H     H N N 170 
ILE H2    H N N 171 
ILE HA    H N N 172 
ILE HB    H N N 173 
ILE HG12  H N N 174 
ILE HG13  H N N 175 
ILE HG21  H N N 176 
ILE HG22  H N N 177 
ILE HG23  H N N 178 
ILE HD11  H N N 179 
ILE HD12  H N N 180 
ILE HD13  H N N 181 
ILE HXT   H N N 182 
LEU N     N N N 183 
LEU CA    C N S 184 
LEU C     C N N 185 
LEU O     O N N 186 
LEU CB    C N N 187 
LEU CG    C N N 188 
LEU CD1   C N N 189 
LEU CD2   C N N 190 
LEU OXT   O N N 191 
LEU H     H N N 192 
LEU H2    H N N 193 
LEU HA    H N N 194 
LEU HB2   H N N 195 
LEU HB3   H N N 196 
LEU HG    H N N 197 
LEU HD11  H N N 198 
LEU HD12  H N N 199 
LEU HD13  H N N 200 
LEU HD21  H N N 201 
LEU HD22  H N N 202 
LEU HD23  H N N 203 
LEU HXT   H N N 204 
LYS N     N N N 205 
LYS CA    C N S 206 
LYS C     C N N 207 
LYS O     O N N 208 
LYS CB    C N N 209 
LYS CG    C N N 210 
LYS CD    C N N 211 
LYS CE    C N N 212 
LYS NZ    N N N 213 
LYS OXT   O N N 214 
LYS H     H N N 215 
LYS H2    H N N 216 
LYS HA    H N N 217 
LYS HB2   H N N 218 
LYS HB3   H N N 219 
LYS HG2   H N N 220 
LYS HG3   H N N 221 
LYS HD2   H N N 222 
LYS HD3   H N N 223 
LYS HE2   H N N 224 
LYS HE3   H N N 225 
LYS HZ1   H N N 226 
LYS HZ2   H N N 227 
LYS HZ3   H N N 228 
LYS HXT   H N N 229 
MET N     N N N 230 
MET CA    C N S 231 
MET C     C N N 232 
MET O     O N N 233 
MET CB    C N N 234 
MET CG    C N N 235 
MET SD    S N N 236 
MET CE    C N N 237 
MET OXT   O N N 238 
MET H     H N N 239 
MET H2    H N N 240 
MET HA    H N N 241 
MET HB2   H N N 242 
MET HB3   H N N 243 
MET HG2   H N N 244 
MET HG3   H N N 245 
MET HE1   H N N 246 
MET HE2   H N N 247 
MET HE3   H N N 248 
MET HXT   H N N 249 
NAP PA    P N R 250 
NAP O1A   O N N 251 
NAP O2A   O N N 252 
NAP O5B   O N N 253 
NAP C5B   C N N 254 
NAP C4B   C N R 255 
NAP O4B   O N N 256 
NAP C3B   C N R 257 
NAP O3B   O N N 258 
NAP C2B   C N R 259 
NAP O2B   O N N 260 
NAP C1B   C N R 261 
NAP N9A   N Y N 262 
NAP C8A   C Y N 263 
NAP N7A   N Y N 264 
NAP C5A   C Y N 265 
NAP C6A   C Y N 266 
NAP N6A   N N N 267 
NAP N1A   N Y N 268 
NAP C2A   C Y N 269 
NAP N3A   N Y N 270 
NAP C4A   C Y N 271 
NAP O3    O N N 272 
NAP PN    P N N 273 
NAP O1N   O N N 274 
NAP O2N   O N N 275 
NAP O5D   O N N 276 
NAP C5D   C N N 277 
NAP C4D   C N R 278 
NAP O4D   O N N 279 
NAP C3D   C N S 280 
NAP O3D   O N N 281 
NAP C2D   C N R 282 
NAP O2D   O N N 283 
NAP C1D   C N R 284 
NAP N1N   N Y N 285 
NAP C2N   C Y N 286 
NAP C3N   C Y N 287 
NAP C7N   C N N 288 
NAP O7N   O N N 289 
NAP N7N   N N N 290 
NAP C4N   C Y N 291 
NAP C5N   C Y N 292 
NAP C6N   C Y N 293 
NAP P2B   P N N 294 
NAP O1X   O N N 295 
NAP O2X   O N N 296 
NAP O3X   O N N 297 
NAP HOA2  H N N 298 
NAP H51A  H N N 299 
NAP H52A  H N N 300 
NAP H4B   H N N 301 
NAP H3B   H N N 302 
NAP HO3A  H N N 303 
NAP H2B   H N N 304 
NAP H1B   H N N 305 
NAP H8A   H N N 306 
NAP H61A  H N N 307 
NAP H62A  H N N 308 
NAP H2A   H N N 309 
NAP H51N  H N N 310 
NAP H52N  H N N 311 
NAP H4D   H N N 312 
NAP H3D   H N N 313 
NAP HO3N  H N N 314 
NAP H2D   H N N 315 
NAP HO2N  H N N 316 
NAP H1D   H N N 317 
NAP H2N   H N N 318 
NAP H71N  H N N 319 
NAP H72N  H N N 320 
NAP H4N   H N N 321 
NAP H5N   H N N 322 
NAP H6N   H N N 323 
NAP HOP2  H N N 324 
NAP HOP3  H N N 325 
PHE N     N N N 326 
PHE CA    C N S 327 
PHE C     C N N 328 
PHE O     O N N 329 
PHE CB    C N N 330 
PHE CG    C Y N 331 
PHE CD1   C Y N 332 
PHE CD2   C Y N 333 
PHE CE1   C Y N 334 
PHE CE2   C Y N 335 
PHE CZ    C Y N 336 
PHE OXT   O N N 337 
PHE H     H N N 338 
PHE H2    H N N 339 
PHE HA    H N N 340 
PHE HB2   H N N 341 
PHE HB3   H N N 342 
PHE HD1   H N N 343 
PHE HD2   H N N 344 
PHE HE1   H N N 345 
PHE HE2   H N N 346 
PHE HZ    H N N 347 
PHE HXT   H N N 348 
PRO N     N N N 349 
PRO CA    C N S 350 
PRO C     C N N 351 
PRO O     O N N 352 
PRO CB    C N N 353 
PRO CG    C N N 354 
PRO CD    C N N 355 
PRO OXT   O N N 356 
PRO H     H N N 357 
PRO HA    H N N 358 
PRO HB2   H N N 359 
PRO HB3   H N N 360 
PRO HG2   H N N 361 
PRO HG3   H N N 362 
PRO HD2   H N N 363 
PRO HD3   H N N 364 
PRO HXT   H N N 365 
SER N     N N N 366 
SER CA    C N S 367 
SER C     C N N 368 
SER O     O N N 369 
SER CB    C N N 370 
SER OG    O N N 371 
SER OXT   O N N 372 
SER H     H N N 373 
SER H2    H N N 374 
SER HA    H N N 375 
SER HB2   H N N 376 
SER HB3   H N N 377 
SER HG    H N N 378 
SER HXT   H N N 379 
THR N     N N N 380 
THR CA    C N S 381 
THR C     C N N 382 
THR O     O N N 383 
THR CB    C N R 384 
THR OG1   O N N 385 
THR CG2   C N N 386 
THR OXT   O N N 387 
THR H     H N N 388 
THR H2    H N N 389 
THR HA    H N N 390 
THR HB    H N N 391 
THR HG1   H N N 392 
THR HG21  H N N 393 
THR HG22  H N N 394 
THR HG23  H N N 395 
THR HXT   H N N 396 
TRP N     N N N 397 
TRP CA    C N S 398 
TRP C     C N N 399 
TRP O     O N N 400 
TRP CB    C N N 401 
TRP CG    C Y N 402 
TRP CD1   C Y N 403 
TRP CD2   C Y N 404 
TRP NE1   N Y N 405 
TRP CE2   C Y N 406 
TRP CE3   C Y N 407 
TRP CZ2   C Y N 408 
TRP CZ3   C Y N 409 
TRP CH2   C Y N 410 
TRP OXT   O N N 411 
TRP H     H N N 412 
TRP H2    H N N 413 
TRP HA    H N N 414 
TRP HB2   H N N 415 
TRP HB3   H N N 416 
TRP HD1   H N N 417 
TRP HE1   H N N 418 
TRP HE3   H N N 419 
TRP HZ2   H N N 420 
TRP HZ3   H N N 421 
TRP HH2   H N N 422 
TRP HXT   H N N 423 
TYR N     N N N 424 
TYR CA    C N S 425 
TYR C     C N N 426 
TYR O     O N N 427 
TYR CB    C N N 428 
TYR CG    C Y N 429 
TYR CD1   C Y N 430 
TYR CD2   C Y N 431 
TYR CE1   C Y N 432 
TYR CE2   C Y N 433 
TYR CZ    C Y N 434 
TYR OH    O N N 435 
TYR OXT   O N N 436 
TYR H     H N N 437 
TYR H2    H N N 438 
TYR HA    H N N 439 
TYR HB2   H N N 440 
TYR HB3   H N N 441 
TYR HD1   H N N 442 
TYR HD2   H N N 443 
TYR HE1   H N N 444 
TYR HE2   H N N 445 
TYR HH    H N N 446 
TYR HXT   H N N 447 
U06 C4    C Y N 448 
U06 C5    C Y N 449 
U06 C6    C Y N 450 
U06 N1    N Y N 451 
U06 N3    N Y N 452 
U06 CAA   C N N 453 
U06 CAB   C N N 454 
U06 C2    C Y N 455 
U06 NAF   N N N 456 
U06 NAI   N N N 457 
U06 CAK   C N N 458 
U06 CAL   C N N 459 
U06 CAM   C N N 460 
U06 CAN   C Y N 461 
U06 CAU   C Y N 462 
U06 CAO   C Y N 463 
U06 OAP   O N N 464 
U06 CAQ   C N N 465 
U06 CAR   C Y N 466 
U06 CAS   C Y N 467 
U06 CAT   C Y N 468 
U06 CAV   C Y N 469 
U06 CAW   C Y N 470 
U06 CAX   C Y N 471 
U06 CAY   C Y N 472 
U06 CBB   C N N 473 
U06 OBD   O N N 474 
U06 OBC   O N N 475 
U06 CAZ   C Y N 476 
U06 CBA   C Y N 477 
U06 H1    H N N 478 
U06 H2    H N N 479 
U06 H3    H N N 480 
U06 H4    H N N 481 
U06 H5    H N N 482 
U06 H6    H N N 483 
U06 H7    H N N 484 
U06 H8    H N N 485 
U06 H9    H N N 486 
U06 H10   H N N 487 
U06 H11   H N N 488 
U06 H12   H N N 489 
U06 H13   H N N 490 
U06 H14   H N N 491 
U06 H15   H N N 492 
U06 H16   H N N 493 
U06 H17   H N N 494 
U06 H18   H N N 495 
U06 H19   H N N 496 
U06 H20   H N N 497 
U06 H21   H N N 498 
U06 H22   H N N 499 
VAL N     N N N 500 
VAL CA    C N S 501 
VAL C     C N N 502 
VAL O     O N N 503 
VAL CB    C N N 504 
VAL CG1   C N N 505 
VAL CG2   C N N 506 
VAL OXT   O N N 507 
VAL H     H N N 508 
VAL H2    H N N 509 
VAL HA    H N N 510 
VAL HB    H N N 511 
VAL HG11  H N N 512 
VAL HG12  H N N 513 
VAL HG13  H N N 514 
VAL HG21  H N N 515 
VAL HG22  H N N 516 
VAL HG23  H N N 517 
VAL HXT   H N N 518 
XNP "O3'" O N N 519 
XNP "C3'" C N R 520 
XNP "C2'" C N R 521 
XNP "O2'" O N N 522 
XNP CAA   C N R 523 
XNP CAB   C N N 524 
XNP CAC   C N N 525 
XNP CAD   C N N 526 
XNP CBT   C N N 527 
XNP OBV   O N N 528 
XNP NBU   N N N 529 
XNP CAE   C N N 530 
XNP NAF   N N N 531 
XNP "C1'" C N R 532 
XNP "O4'" O N N 533 
XNP "C4'" C N R 534 
XNP "C5'" C N N 535 
XNP "O5'" O N N 536 
XNP PAN   P N N 537 
XNP OBP   O N N 538 
XNP OBO   O N N 539 
XNP OAO   O N N 540 
XNP PAP   P N N 541 
XNP OBQ   O N N 542 
XNP OBR   O N N 543 
XNP OAQ   O N N 544 
XNP CAR   C N N 545 
XNP CAS   C N R 546 
XNP OAW   O N N 547 
XNP CAT   C N R 548 
XNP OAZ   O N N 549 
XNP CAU   C N R 550 
XNP OAY   O N N 551 
XNP PBA   P N N 552 
XNP OBB   O N N 553 
XNP OBC   O N N 554 
XNP OBD   O N N 555 
XNP CAV   C N R 556 
XNP NAX   N Y N 557 
XNP CBE   C Y N 558 
XNP NBF   N Y N 559 
XNP CBG   C Y N 560 
XNP CBH   C Y N 561 
XNP NBL   N Y N 562 
XNP CBK   C Y N 563 
XNP NBJ   N Y N 564 
XNP CBI   C Y N 565 
XNP NBM   N N N 566 
XNP H1    H N N 567 
XNP H2    H N N 568 
XNP H3    H N N 569 
XNP H4    H N N 570 
XNP H5    H N N 571 
XNP H6    H N N 572 
XNP H7    H N N 573 
XNP H8    H N N 574 
XNP H9    H N N 575 
XNP H10   H N N 576 
XNP H11   H N N 577 
XNP H12   H N N 578 
XNP H13   H N N 579 
XNP H14   H N N 580 
XNP H15   H N N 581 
XNP H16   H N N 582 
XNP H17   H N N 583 
XNP H18   H N N 584 
XNP H19   H N N 585 
XNP H20   H N N 586 
XNP H21   H N N 587 
XNP H22   H N N 588 
XNP H23   H N N 589 
XNP H24   H N N 590 
XNP H25   H N N 591 
XNP H26   H N N 592 
XNP H27   H N N 593 
XNP H30   H N N 594 
XNP H31   H N N 595 
XNP H32   H N N 596 
# 
loop_
_chem_comp_bond.comp_id 
_chem_comp_bond.atom_id_1 
_chem_comp_bond.atom_id_2 
_chem_comp_bond.value_order 
_chem_comp_bond.pdbx_aromatic_flag 
_chem_comp_bond.pdbx_stereo_config 
_chem_comp_bond.pdbx_ordinal 
ALA N     CA    sing N N 1   
ALA N     H     sing N N 2   
ALA N     H2    sing N N 3   
ALA CA    C     sing N N 4   
ALA CA    CB    sing N N 5   
ALA CA    HA    sing N N 6   
ALA C     O     doub N N 7   
ALA C     OXT   sing N N 8   
ALA CB    HB1   sing N N 9   
ALA CB    HB2   sing N N 10  
ALA CB    HB3   sing N N 11  
ALA OXT   HXT   sing N N 12  
ARG N     CA    sing N N 13  
ARG N     H     sing N N 14  
ARG N     H2    sing N N 15  
ARG CA    C     sing N N 16  
ARG CA    CB    sing N N 17  
ARG CA    HA    sing N N 18  
ARG C     O     doub N N 19  
ARG C     OXT   sing N N 20  
ARG CB    CG    sing N N 21  
ARG CB    HB2   sing N N 22  
ARG CB    HB3   sing N N 23  
ARG CG    CD    sing N N 24  
ARG CG    HG2   sing N N 25  
ARG CG    HG3   sing N N 26  
ARG CD    NE    sing N N 27  
ARG CD    HD2   sing N N 28  
ARG CD    HD3   sing N N 29  
ARG NE    CZ    sing N N 30  
ARG NE    HE    sing N N 31  
ARG CZ    NH1   sing N N 32  
ARG CZ    NH2   doub N N 33  
ARG NH1   HH11  sing N N 34  
ARG NH1   HH12  sing N N 35  
ARG NH2   HH21  sing N N 36  
ARG NH2   HH22  sing N N 37  
ARG OXT   HXT   sing N N 38  
ASN N     CA    sing N N 39  
ASN N     H     sing N N 40  
ASN N     H2    sing N N 41  
ASN CA    C     sing N N 42  
ASN CA    CB    sing N N 43  
ASN CA    HA    sing N N 44  
ASN C     O     doub N N 45  
ASN C     OXT   sing N N 46  
ASN CB    CG    sing N N 47  
ASN CB    HB2   sing N N 48  
ASN CB    HB3   sing N N 49  
ASN CG    OD1   doub N N 50  
ASN CG    ND2   sing N N 51  
ASN ND2   HD21  sing N N 52  
ASN ND2   HD22  sing N N 53  
ASN OXT   HXT   sing N N 54  
ASP N     CA    sing N N 55  
ASP N     H     sing N N 56  
ASP N     H2    sing N N 57  
ASP CA    C     sing N N 58  
ASP CA    CB    sing N N 59  
ASP CA    HA    sing N N 60  
ASP C     O     doub N N 61  
ASP C     OXT   sing N N 62  
ASP CB    CG    sing N N 63  
ASP CB    HB2   sing N N 64  
ASP CB    HB3   sing N N 65  
ASP CG    OD1   doub N N 66  
ASP CG    OD2   sing N N 67  
ASP OD2   HD2   sing N N 68  
ASP OXT   HXT   sing N N 69  
GLN N     CA    sing N N 70  
GLN N     H     sing N N 71  
GLN N     H2    sing N N 72  
GLN CA    C     sing N N 73  
GLN CA    CB    sing N N 74  
GLN CA    HA    sing N N 75  
GLN C     O     doub N N 76  
GLN C     OXT   sing N N 77  
GLN CB    CG    sing N N 78  
GLN CB    HB2   sing N N 79  
GLN CB    HB3   sing N N 80  
GLN CG    CD    sing N N 81  
GLN CG    HG2   sing N N 82  
GLN CG    HG3   sing N N 83  
GLN CD    OE1   doub N N 84  
GLN CD    NE2   sing N N 85  
GLN NE2   HE21  sing N N 86  
GLN NE2   HE22  sing N N 87  
GLN OXT   HXT   sing N N 88  
GLU N     CA    sing N N 89  
GLU N     H     sing N N 90  
GLU N     H2    sing N N 91  
GLU CA    C     sing N N 92  
GLU CA    CB    sing N N 93  
GLU CA    HA    sing N N 94  
GLU C     O     doub N N 95  
GLU C     OXT   sing N N 96  
GLU CB    CG    sing N N 97  
GLU CB    HB2   sing N N 98  
GLU CB    HB3   sing N N 99  
GLU CG    CD    sing N N 100 
GLU CG    HG2   sing N N 101 
GLU CG    HG3   sing N N 102 
GLU CD    OE1   doub N N 103 
GLU CD    OE2   sing N N 104 
GLU OE2   HE2   sing N N 105 
GLU OXT   HXT   sing N N 106 
GLY N     CA    sing N N 107 
GLY N     H     sing N N 108 
GLY N     H2    sing N N 109 
GLY CA    C     sing N N 110 
GLY CA    HA2   sing N N 111 
GLY CA    HA3   sing N N 112 
GLY C     O     doub N N 113 
GLY C     OXT   sing N N 114 
GLY OXT   HXT   sing N N 115 
GOL C1    O1    sing N N 116 
GOL C1    C2    sing N N 117 
GOL C1    H11   sing N N 118 
GOL C1    H12   sing N N 119 
GOL O1    HO1   sing N N 120 
GOL C2    O2    sing N N 121 
GOL C2    C3    sing N N 122 
GOL C2    H2    sing N N 123 
GOL O2    HO2   sing N N 124 
GOL C3    O3    sing N N 125 
GOL C3    H31   sing N N 126 
GOL C3    H32   sing N N 127 
GOL O3    HO3   sing N N 128 
HIS N     CA    sing N N 129 
HIS N     H     sing N N 130 
HIS N     H2    sing N N 131 
HIS CA    C     sing N N 132 
HIS CA    CB    sing N N 133 
HIS CA    HA    sing N N 134 
HIS C     O     doub N N 135 
HIS C     OXT   sing N N 136 
HIS CB    CG    sing N N 137 
HIS CB    HB2   sing N N 138 
HIS CB    HB3   sing N N 139 
HIS CG    ND1   sing Y N 140 
HIS CG    CD2   doub Y N 141 
HIS ND1   CE1   doub Y N 142 
HIS ND1   HD1   sing N N 143 
HIS CD2   NE2   sing Y N 144 
HIS CD2   HD2   sing N N 145 
HIS CE1   NE2   sing Y N 146 
HIS CE1   HE1   sing N N 147 
HIS NE2   HE2   sing N N 148 
HIS OXT   HXT   sing N N 149 
HOH O     H1    sing N N 150 
HOH O     H2    sing N N 151 
ILE N     CA    sing N N 152 
ILE N     H     sing N N 153 
ILE N     H2    sing N N 154 
ILE CA    C     sing N N 155 
ILE CA    CB    sing N N 156 
ILE CA    HA    sing N N 157 
ILE C     O     doub N N 158 
ILE C     OXT   sing N N 159 
ILE CB    CG1   sing N N 160 
ILE CB    CG2   sing N N 161 
ILE CB    HB    sing N N 162 
ILE CG1   CD1   sing N N 163 
ILE CG1   HG12  sing N N 164 
ILE CG1   HG13  sing N N 165 
ILE CG2   HG21  sing N N 166 
ILE CG2   HG22  sing N N 167 
ILE CG2   HG23  sing N N 168 
ILE CD1   HD11  sing N N 169 
ILE CD1   HD12  sing N N 170 
ILE CD1   HD13  sing N N 171 
ILE OXT   HXT   sing N N 172 
LEU N     CA    sing N N 173 
LEU N     H     sing N N 174 
LEU N     H2    sing N N 175 
LEU CA    C     sing N N 176 
LEU CA    CB    sing N N 177 
LEU CA    HA    sing N N 178 
LEU C     O     doub N N 179 
LEU C     OXT   sing N N 180 
LEU CB    CG    sing N N 181 
LEU CB    HB2   sing N N 182 
LEU CB    HB3   sing N N 183 
LEU CG    CD1   sing N N 184 
LEU CG    CD2   sing N N 185 
LEU CG    HG    sing N N 186 
LEU CD1   HD11  sing N N 187 
LEU CD1   HD12  sing N N 188 
LEU CD1   HD13  sing N N 189 
LEU CD2   HD21  sing N N 190 
LEU CD2   HD22  sing N N 191 
LEU CD2   HD23  sing N N 192 
LEU OXT   HXT   sing N N 193 
LYS N     CA    sing N N 194 
LYS N     H     sing N N 195 
LYS N     H2    sing N N 196 
LYS CA    C     sing N N 197 
LYS CA    CB    sing N N 198 
LYS CA    HA    sing N N 199 
LYS C     O     doub N N 200 
LYS C     OXT   sing N N 201 
LYS CB    CG    sing N N 202 
LYS CB    HB2   sing N N 203 
LYS CB    HB3   sing N N 204 
LYS CG    CD    sing N N 205 
LYS CG    HG2   sing N N 206 
LYS CG    HG3   sing N N 207 
LYS CD    CE    sing N N 208 
LYS CD    HD2   sing N N 209 
LYS CD    HD3   sing N N 210 
LYS CE    NZ    sing N N 211 
LYS CE    HE2   sing N N 212 
LYS CE    HE3   sing N N 213 
LYS NZ    HZ1   sing N N 214 
LYS NZ    HZ2   sing N N 215 
LYS NZ    HZ3   sing N N 216 
LYS OXT   HXT   sing N N 217 
MET N     CA    sing N N 218 
MET N     H     sing N N 219 
MET N     H2    sing N N 220 
MET CA    C     sing N N 221 
MET CA    CB    sing N N 222 
MET CA    HA    sing N N 223 
MET C     O     doub N N 224 
MET C     OXT   sing N N 225 
MET CB    CG    sing N N 226 
MET CB    HB2   sing N N 227 
MET CB    HB3   sing N N 228 
MET CG    SD    sing N N 229 
MET CG    HG2   sing N N 230 
MET CG    HG3   sing N N 231 
MET SD    CE    sing N N 232 
MET CE    HE1   sing N N 233 
MET CE    HE2   sing N N 234 
MET CE    HE3   sing N N 235 
MET OXT   HXT   sing N N 236 
NAP PA    O1A   doub N N 237 
NAP PA    O2A   sing N N 238 
NAP PA    O5B   sing N N 239 
NAP PA    O3    sing N N 240 
NAP O2A   HOA2  sing N N 241 
NAP O5B   C5B   sing N N 242 
NAP C5B   C4B   sing N N 243 
NAP C5B   H51A  sing N N 244 
NAP C5B   H52A  sing N N 245 
NAP C4B   O4B   sing N N 246 
NAP C4B   C3B   sing N N 247 
NAP C4B   H4B   sing N N 248 
NAP O4B   C1B   sing N N 249 
NAP C3B   O3B   sing N N 250 
NAP C3B   C2B   sing N N 251 
NAP C3B   H3B   sing N N 252 
NAP O3B   HO3A  sing N N 253 
NAP C2B   O2B   sing N N 254 
NAP C2B   C1B   sing N N 255 
NAP C2B   H2B   sing N N 256 
NAP O2B   P2B   sing N N 257 
NAP C1B   N9A   sing N N 258 
NAP C1B   H1B   sing N N 259 
NAP N9A   C8A   sing Y N 260 
NAP N9A   C4A   sing Y N 261 
NAP C8A   N7A   doub Y N 262 
NAP C8A   H8A   sing N N 263 
NAP N7A   C5A   sing Y N 264 
NAP C5A   C6A   sing Y N 265 
NAP C5A   C4A   doub Y N 266 
NAP C6A   N6A   sing N N 267 
NAP C6A   N1A   doub Y N 268 
NAP N6A   H61A  sing N N 269 
NAP N6A   H62A  sing N N 270 
NAP N1A   C2A   sing Y N 271 
NAP C2A   N3A   doub Y N 272 
NAP C2A   H2A   sing N N 273 
NAP N3A   C4A   sing Y N 274 
NAP O3    PN    sing N N 275 
NAP PN    O1N   doub N N 276 
NAP PN    O2N   sing N N 277 
NAP PN    O5D   sing N N 278 
NAP O5D   C5D   sing N N 279 
NAP C5D   C4D   sing N N 280 
NAP C5D   H51N  sing N N 281 
NAP C5D   H52N  sing N N 282 
NAP C4D   O4D   sing N N 283 
NAP C4D   C3D   sing N N 284 
NAP C4D   H4D   sing N N 285 
NAP O4D   C1D   sing N N 286 
NAP C3D   O3D   sing N N 287 
NAP C3D   C2D   sing N N 288 
NAP C3D   H3D   sing N N 289 
NAP O3D   HO3N  sing N N 290 
NAP C2D   O2D   sing N N 291 
NAP C2D   C1D   sing N N 292 
NAP C2D   H2D   sing N N 293 
NAP O2D   HO2N  sing N N 294 
NAP C1D   N1N   sing N N 295 
NAP C1D   H1D   sing N N 296 
NAP N1N   C2N   sing Y N 297 
NAP N1N   C6N   doub Y N 298 
NAP C2N   C3N   doub Y N 299 
NAP C2N   H2N   sing N N 300 
NAP C3N   C7N   sing N N 301 
NAP C3N   C4N   sing Y N 302 
NAP C7N   O7N   doub N N 303 
NAP C7N   N7N   sing N N 304 
NAP N7N   H71N  sing N N 305 
NAP N7N   H72N  sing N N 306 
NAP C4N   C5N   doub Y N 307 
NAP C4N   H4N   sing N N 308 
NAP C5N   C6N   sing Y N 309 
NAP C5N   H5N   sing N N 310 
NAP C6N   H6N   sing N N 311 
NAP P2B   O1X   doub N N 312 
NAP P2B   O2X   sing N N 313 
NAP P2B   O3X   sing N N 314 
NAP O2X   HOP2  sing N N 315 
NAP O3X   HOP3  sing N N 316 
PHE N     CA    sing N N 317 
PHE N     H     sing N N 318 
PHE N     H2    sing N N 319 
PHE CA    C     sing N N 320 
PHE CA    CB    sing N N 321 
PHE CA    HA    sing N N 322 
PHE C     O     doub N N 323 
PHE C     OXT   sing N N 324 
PHE CB    CG    sing N N 325 
PHE CB    HB2   sing N N 326 
PHE CB    HB3   sing N N 327 
PHE CG    CD1   doub Y N 328 
PHE CG    CD2   sing Y N 329 
PHE CD1   CE1   sing Y N 330 
PHE CD1   HD1   sing N N 331 
PHE CD2   CE2   doub Y N 332 
PHE CD2   HD2   sing N N 333 
PHE CE1   CZ    doub Y N 334 
PHE CE1   HE1   sing N N 335 
PHE CE2   CZ    sing Y N 336 
PHE CE2   HE2   sing N N 337 
PHE CZ    HZ    sing N N 338 
PHE OXT   HXT   sing N N 339 
PRO N     CA    sing N N 340 
PRO N     CD    sing N N 341 
PRO N     H     sing N N 342 
PRO CA    C     sing N N 343 
PRO CA    CB    sing N N 344 
PRO CA    HA    sing N N 345 
PRO C     O     doub N N 346 
PRO C     OXT   sing N N 347 
PRO CB    CG    sing N N 348 
PRO CB    HB2   sing N N 349 
PRO CB    HB3   sing N N 350 
PRO CG    CD    sing N N 351 
PRO CG    HG2   sing N N 352 
PRO CG    HG3   sing N N 353 
PRO CD    HD2   sing N N 354 
PRO CD    HD3   sing N N 355 
PRO OXT   HXT   sing N N 356 
SER N     CA    sing N N 357 
SER N     H     sing N N 358 
SER N     H2    sing N N 359 
SER CA    C     sing N N 360 
SER CA    CB    sing N N 361 
SER CA    HA    sing N N 362 
SER C     O     doub N N 363 
SER C     OXT   sing N N 364 
SER CB    OG    sing N N 365 
SER CB    HB2   sing N N 366 
SER CB    HB3   sing N N 367 
SER OG    HG    sing N N 368 
SER OXT   HXT   sing N N 369 
THR N     CA    sing N N 370 
THR N     H     sing N N 371 
THR N     H2    sing N N 372 
THR CA    C     sing N N 373 
THR CA    CB    sing N N 374 
THR CA    HA    sing N N 375 
THR C     O     doub N N 376 
THR C     OXT   sing N N 377 
THR CB    OG1   sing N N 378 
THR CB    CG2   sing N N 379 
THR CB    HB    sing N N 380 
THR OG1   HG1   sing N N 381 
THR CG2   HG21  sing N N 382 
THR CG2   HG22  sing N N 383 
THR CG2   HG23  sing N N 384 
THR OXT   HXT   sing N N 385 
TRP N     CA    sing N N 386 
TRP N     H     sing N N 387 
TRP N     H2    sing N N 388 
TRP CA    C     sing N N 389 
TRP CA    CB    sing N N 390 
TRP CA    HA    sing N N 391 
TRP C     O     doub N N 392 
TRP C     OXT   sing N N 393 
TRP CB    CG    sing N N 394 
TRP CB    HB2   sing N N 395 
TRP CB    HB3   sing N N 396 
TRP CG    CD1   doub Y N 397 
TRP CG    CD2   sing Y N 398 
TRP CD1   NE1   sing Y N 399 
TRP CD1   HD1   sing N N 400 
TRP CD2   CE2   doub Y N 401 
TRP CD2   CE3   sing Y N 402 
TRP NE1   CE2   sing Y N 403 
TRP NE1   HE1   sing N N 404 
TRP CE2   CZ2   sing Y N 405 
TRP CE3   CZ3   doub Y N 406 
TRP CE3   HE3   sing N N 407 
TRP CZ2   CH2   doub Y N 408 
TRP CZ2   HZ2   sing N N 409 
TRP CZ3   CH2   sing Y N 410 
TRP CZ3   HZ3   sing N N 411 
TRP CH2   HH2   sing N N 412 
TRP OXT   HXT   sing N N 413 
TYR N     CA    sing N N 414 
TYR N     H     sing N N 415 
TYR N     H2    sing N N 416 
TYR CA    C     sing N N 417 
TYR CA    CB    sing N N 418 
TYR CA    HA    sing N N 419 
TYR C     O     doub N N 420 
TYR C     OXT   sing N N 421 
TYR CB    CG    sing N N 422 
TYR CB    HB2   sing N N 423 
TYR CB    HB3   sing N N 424 
TYR CG    CD1   doub Y N 425 
TYR CG    CD2   sing Y N 426 
TYR CD1   CE1   sing Y N 427 
TYR CD1   HD1   sing N N 428 
TYR CD2   CE2   doub Y N 429 
TYR CD2   HD2   sing N N 430 
TYR CE1   CZ    doub Y N 431 
TYR CE1   HE1   sing N N 432 
TYR CE2   CZ    sing Y N 433 
TYR CE2   HE2   sing N N 434 
TYR CZ    OH    sing N N 435 
TYR OH    HH    sing N N 436 
TYR OXT   HXT   sing N N 437 
U06 OBD   CBB   doub N N 438 
U06 NAI   C4    sing N N 439 
U06 N3    C4    doub Y N 440 
U06 N3    C2    sing Y N 441 
U06 CBB   OBC   sing N N 442 
U06 CBB   CAY   sing N N 443 
U06 NAF   C2    sing N N 444 
U06 C4    C5    sing Y N 445 
U06 CAZ   CAY   doub Y N 446 
U06 CAZ   CBA   sing Y N 447 
U06 C2    N1    doub Y N 448 
U06 CAY   CAX   sing Y N 449 
U06 CBA   CAV   doub Y N 450 
U06 C5    CAK   sing N N 451 
U06 C5    C6    doub Y N 452 
U06 N1    C6    sing Y N 453 
U06 CAK   CAL   trip N N 454 
U06 C6    CAB   sing N N 455 
U06 CAX   CAW   doub Y N 456 
U06 CAA   CAB   sing N N 457 
U06 CAV   CAW   sing Y N 458 
U06 CAV   CAT   sing N N 459 
U06 CAL   CAM   sing N N 460 
U06 CAU   CAT   doub Y N 461 
U06 CAU   CAN   sing Y N 462 
U06 CAM   CAN   sing N N 463 
U06 CAT   CAS   sing Y N 464 
U06 CAN   CAO   doub Y N 465 
U06 CAS   CAR   doub Y N 466 
U06 CAO   CAR   sing Y N 467 
U06 CAO   OAP   sing N N 468 
U06 OAP   CAQ   sing N N 469 
U06 CAA   H1    sing N N 470 
U06 CAA   H2    sing N N 471 
U06 CAA   H3    sing N N 472 
U06 CAB   H4    sing N N 473 
U06 CAB   H5    sing N N 474 
U06 NAF   H6    sing N N 475 
U06 NAF   H7    sing N N 476 
U06 NAI   H8    sing N N 477 
U06 NAI   H9    sing N N 478 
U06 CAM   H10   sing N N 479 
U06 CAM   H11   sing N N 480 
U06 CAU   H12   sing N N 481 
U06 CAQ   H13   sing N N 482 
U06 CAQ   H14   sing N N 483 
U06 CAQ   H15   sing N N 484 
U06 CAR   H16   sing N N 485 
U06 CAS   H17   sing N N 486 
U06 CAW   H18   sing N N 487 
U06 CAX   H19   sing N N 488 
U06 OBC   H20   sing N N 489 
U06 CAZ   H21   sing N N 490 
U06 CBA   H22   sing N N 491 
VAL N     CA    sing N N 492 
VAL N     H     sing N N 493 
VAL N     H2    sing N N 494 
VAL CA    C     sing N N 495 
VAL CA    CB    sing N N 496 
VAL CA    HA    sing N N 497 
VAL C     O     doub N N 498 
VAL C     OXT   sing N N 499 
VAL CB    CG1   sing N N 500 
VAL CB    CG2   sing N N 501 
VAL CB    HB    sing N N 502 
VAL CG1   HG11  sing N N 503 
VAL CG1   HG12  sing N N 504 
VAL CG1   HG13  sing N N 505 
VAL CG2   HG21  sing N N 506 
VAL CG2   HG22  sing N N 507 
VAL CG2   HG23  sing N N 508 
VAL OXT   HXT   sing N N 509 
XNP "O3'" "C3'" sing N N 510 
XNP "C3'" "C2'" sing N N 511 
XNP "C3'" "C4'" sing N N 512 
XNP "C2'" "O2'" sing N N 513 
XNP "C2'" "C1'" sing N N 514 
XNP "O2'" CAA   sing N N 515 
XNP CAA   CAB   sing N N 516 
XNP CAA   NAF   sing N N 517 
XNP CAB   CAC   sing N N 518 
XNP CAC   CAD   sing N N 519 
XNP CAD   CBT   sing N N 520 
XNP CAD   CAE   doub N N 521 
XNP CBT   OBV   doub N N 522 
XNP CBT   NBU   sing N N 523 
XNP CAE   NAF   sing N N 524 
XNP NAF   "C1'" sing N N 525 
XNP "C1'" "O4'" sing N N 526 
XNP "O4'" "C4'" sing N N 527 
XNP "C4'" "C5'" sing N N 528 
XNP "C5'" "O5'" sing N N 529 
XNP "O5'" PAN   sing N N 530 
XNP PAN   OBP   doub N N 531 
XNP PAN   OBO   sing N N 532 
XNP PAN   OAO   sing N N 533 
XNP OAO   PAP   sing N N 534 
XNP PAP   OBQ   doub N N 535 
XNP PAP   OBR   sing N N 536 
XNP PAP   OAQ   sing N N 537 
XNP OAQ   CAR   sing N N 538 
XNP CAR   CAS   sing N N 539 
XNP CAS   OAW   sing N N 540 
XNP CAS   CAT   sing N N 541 
XNP OAW   CAV   sing N N 542 
XNP CAT   OAZ   sing N N 543 
XNP CAT   CAU   sing N N 544 
XNP CAU   OAY   sing N N 545 
XNP CAU   CAV   sing N N 546 
XNP OAY   PBA   sing N N 547 
XNP PBA   OBB   doub N N 548 
XNP PBA   OBC   sing N N 549 
XNP PBA   OBD   sing N N 550 
XNP CAV   NAX   sing N N 551 
XNP NAX   CBE   sing Y N 552 
XNP NAX   CBH   sing Y N 553 
XNP CBE   NBF   doub Y N 554 
XNP NBF   CBG   sing Y N 555 
XNP CBG   CBH   doub Y N 556 
XNP CBG   CBI   sing Y N 557 
XNP CBH   NBL   sing Y N 558 
XNP NBL   CBK   doub Y N 559 
XNP CBK   NBJ   sing Y N 560 
XNP NBJ   CBI   doub Y N 561 
XNP CBI   NBM   sing N N 562 
XNP "O3'" H1    sing N N 563 
XNP "C3'" H2    sing N N 564 
XNP "C2'" H3    sing N N 565 
XNP CAA   H4    sing N N 566 
XNP CAB   H5    sing N N 567 
XNP CAB   H6    sing N N 568 
XNP CAC   H7    sing N N 569 
XNP CAC   H8    sing N N 570 
XNP NBU   H9    sing N N 571 
XNP NBU   H10   sing N N 572 
XNP CAE   H11   sing N N 573 
XNP "C1'" H12   sing N N 574 
XNP "C4'" H13   sing N N 575 
XNP "C5'" H14   sing N N 576 
XNP "C5'" H15   sing N N 577 
XNP OBO   H16   sing N N 578 
XNP OBR   H17   sing N N 579 
XNP CAR   H18   sing N N 580 
XNP CAR   H19   sing N N 581 
XNP CAS   H20   sing N N 582 
XNP CAT   H21   sing N N 583 
XNP OAZ   H22   sing N N 584 
XNP CAU   H23   sing N N 585 
XNP OBC   H24   sing N N 586 
XNP OBD   H25   sing N N 587 
XNP CAV   H26   sing N N 588 
XNP CBE   H27   sing N N 589 
XNP CBK   H30   sing N N 590 
XNP NBM   H31   sing N N 591 
XNP NBM   H32   sing N N 592 
# 
_pdbx_audit_support.funding_organization   
'National Institutes of Health/National Institute Of Allergy and Infectious Diseases (NIH/NIAID)' 
_pdbx_audit_support.country                'United States' 
_pdbx_audit_support.grant_number           AI111957 
_pdbx_audit_support.ordinal                1 
# 
_atom_sites.entry_id                    5HF0 
_atom_sites.fract_transf_matrix[1][1]   0.01348877 
_atom_sites.fract_transf_matrix[1][2]   0.00271219 
_atom_sites.fract_transf_matrix[1][3]   -0.00488037 
_atom_sites.fract_transf_matrix[2][1]   0.00401547 
_atom_sites.fract_transf_matrix[2][2]   0.01368114 
_atom_sites.fract_transf_matrix[2][3]   -0.00313115 
_atom_sites.fract_transf_matrix[3][1]   0.00292548 
_atom_sites.fract_transf_matrix[3][2]   0.00113644 
_atom_sites.fract_transf_matrix[3][3]   0.00871724 
_atom_sites.fract_transf_vector[1]      0.771609 
_atom_sites.fract_transf_vector[2]      0.597374 
_atom_sites.fract_transf_vector[3]      1.025094 
# 
loop_
_atom_type.symbol 
C 
N 
O 
P 
S 
# 
loop_
_atom_site.group_PDB 
_atom_site.id 
_atom_site.type_symbol 
_atom_site.label_atom_id 
_atom_site.label_alt_id 
_atom_site.label_comp_id 
_atom_site.label_asym_id 
_atom_site.label_entity_id 
_atom_site.label_seq_id 
_atom_site.pdbx_PDB_ins_code 
_atom_site.Cartn_x 
_atom_site.Cartn_y 
_atom_site.Cartn_z 
_atom_site.occupancy 
_atom_site.B_iso_or_equiv 
_atom_site.pdbx_formal_charge 
_atom_site.auth_seq_id 
_atom_site.auth_comp_id 
_atom_site.auth_asym_id 
_atom_site.auth_atom_id 
_atom_site.pdbx_PDB_model_num 
ATOM   1    N N     . THR A 1 1   ? -3.585  0.104   -15.623 1.00 36.09 ? 1   THR X N     1 
ATOM   2    C CA    . THR A 1 1   ? -3.192  1.164   -14.694 1.00 38.80 ? 1   THR X CA    1 
ATOM   3    C C     . THR A 1 1   ? -2.359  0.598   -13.530 1.00 28.54 ? 1   THR X C     1 
ATOM   4    O O     . THR A 1 1   ? -2.741  -0.387  -12.892 1.00 27.31 ? 1   THR X O     1 
ATOM   5    C CB    . THR A 1 1   ? -4.426  1.904   -14.135 1.00 37.21 ? 1   THR X CB    1 
ATOM   6    O OG1   . THR A 1 1   ? -5.331  2.191   -15.205 1.00 55.05 ? 1   THR X OG1   1 
ATOM   7    C CG2   . THR A 1 1   ? -4.032  3.215   -13.443 1.00 16.07 ? 1   THR X CG2   1 
ATOM   8    N N     . LEU A 1 2   ? -1.215  1.224   -13.277 1.00 24.43 ? 2   LEU X N     1 
ATOM   9    C CA    . LEU A 1 2   ? -0.315  0.816   -12.206 1.00 22.69 ? 2   LEU X CA    1 
ATOM   10   C C     . LEU A 1 2   ? -0.269  1.904   -11.116 1.00 17.95 ? 2   LEU X C     1 
ATOM   11   O O     . LEU A 1 2   ? 0.251   3.000   -11.340 1.00 18.67 ? 2   LEU X O     1 
ATOM   12   C CB    . LEU A 1 2   ? 1.086   0.537   -12.779 1.00 15.23 ? 2   LEU X CB    1 
ATOM   13   C CG    . LEU A 1 2   ? 2.167   -0.061  -11.869 1.00 23.94 ? 2   LEU X CG    1 
ATOM   14   C CD1   . LEU A 1 2   ? 1.740   -1.409  -11.312 1.00 18.27 ? 2   LEU X CD1   1 
ATOM   15   C CD2   . LEU A 1 2   ? 3.496   -0.195  -12.603 1.00 21.33 ? 2   LEU X CD2   1 
ATOM   16   N N     . SER A 1 3   ? -0.815  1.590   -9.944  1.00 16.37 ? 3   SER X N     1 
ATOM   17   C CA    . SER A 1 3   ? -0.913  2.548   -8.834  1.00 16.96 ? 3   SER X CA    1 
ATOM   18   C C     . SER A 1 3   ? -0.187  2.107   -7.557  1.00 23.15 ? 3   SER X C     1 
ATOM   19   O O     . SER A 1 3   ? -0.048  0.916   -7.278  1.00 17.85 ? 3   SER X O     1 
ATOM   20   C CB    . SER A 1 3   ? -2.382  2.793   -8.488  1.00 11.64 ? 3   SER X CB    1 
ATOM   21   O OG    . SER A 1 3   ? -3.127  3.113   -9.653  1.00 14.75 ? 3   SER X OG    1 
ATOM   22   N N     . ILE A 1 4   ? 0.250   3.078   -6.762  1.00 12.38 ? 4   ILE X N     1 
ATOM   23   C CA    . ILE A 1 4   ? 0.658   2.788   -5.396  1.00 9.56  ? 4   ILE X CA    1 
ATOM   24   C C     . ILE A 1 4   ? -0.540  2.972   -4.458  1.00 9.93  ? 4   ILE X C     1 
ATOM   25   O O     . ILE A 1 4   ? -1.373  3.849   -4.656  1.00 10.39 ? 4   ILE X O     1 
ATOM   26   C CB    . ILE A 1 4   ? 1.866   3.669   -4.978  1.00 14.28 ? 4   ILE X CB    1 
ATOM   27   C CG1   . ILE A 1 4   ? 3.172   2.959   -5.370  1.00 15.22 ? 4   ILE X CG1   1 
ATOM   28   C CG2   . ILE A 1 4   ? 1.858   3.969   -3.472  1.00 10.39 ? 4   ILE X CG2   1 
ATOM   29   C CD1   . ILE A 1 4   ? 4.445   3.763   -5.070  1.00 12.07 ? 4   ILE X CD1   1 
ATOM   30   N N     . LEU A 1 5   ? -0.647  2.100   -3.466  1.00 11.40 ? 5   LEU X N     1 
ATOM   31   C CA    . LEU A 1 5   ? -1.675  2.195   -2.444  1.00 9.41  ? 5   LEU X CA    1 
ATOM   32   C C     . LEU A 1 5   ? -0.996  2.106   -1.078  1.00 12.80 ? 5   LEU X C     1 
ATOM   33   O O     . LEU A 1 5   ? -0.438  1.064   -0.732  1.00 12.19 ? 5   LEU X O     1 
ATOM   34   C CB    . LEU A 1 5   ? -2.700  1.077   -2.626  1.00 11.65 ? 5   LEU X CB    1 
ATOM   35   C CG    . LEU A 1 5   ? -3.869  0.983   -1.654  1.00 18.03 ? 5   LEU X CG    1 
ATOM   36   C CD1   . LEU A 1 5   ? -4.622  2.317   -1.590  1.00 15.88 ? 5   LEU X CD1   1 
ATOM   37   C CD2   . LEU A 1 5   ? -4.798  -0.168  -2.081  1.00 12.52 ? 5   LEU X CD2   1 
ATOM   38   N N     . VAL A 1 6   ? -1.021  3.198   -0.315  1.00 11.36 ? 6   VAL X N     1 
ATOM   39   C CA    . VAL A 1 6   ? -0.253  3.271   0.932   1.00 10.89 ? 6   VAL X CA    1 
ATOM   40   C C     . VAL A 1 6   ? -0.896  4.210   1.975   1.00 13.30 ? 6   VAL X C     1 
ATOM   41   O O     . VAL A 1 6   ? -1.565  5.194   1.630   1.00 11.20 ? 6   VAL X O     1 
ATOM   42   C CB    . VAL A 1 6   ? 1.209   3.738   0.639   1.00 11.67 ? 6   VAL X CB    1 
ATOM   43   C CG1   . VAL A 1 6   ? 1.218   5.146   0.097   1.00 8.73  ? 6   VAL X CG1   1 
ATOM   44   C CG2   . VAL A 1 6   ? 2.100   3.648   1.887   1.00 10.95 ? 6   VAL X CG2   1 
ATOM   45   N N     . ALA A 1 7   ? -0.702  3.897   3.249   1.00 7.59  ? 7   ALA X N     1 
ATOM   46   C CA    . ALA A 1 7   ? -0.993  4.839   4.322   1.00 9.36  ? 7   ALA X CA    1 
ATOM   47   C C     . ALA A 1 7   ? 0.323   5.200   5.012   1.00 13.32 ? 7   ALA X C     1 
ATOM   48   O O     . ALA A 1 7   ? 1.055   4.306   5.420   1.00 12.09 ? 7   ALA X O     1 
ATOM   49   C CB    . ALA A 1 7   ? -1.977  4.235   5.318   1.00 10.73 ? 7   ALA X CB    1 
ATOM   50   N N     . HIS A 1 8   ? 0.649   6.487   5.127   1.00 10.42 ? 8   HIS X N     1 
ATOM   51   C CA    . HIS A 1 8   ? 1.868   6.857   5.856   1.00 9.18  ? 8   HIS X CA    1 
ATOM   52   C C     . HIS A 1 8   ? 1.621   8.054   6.751   1.00 13.02 ? 8   HIS X C     1 
ATOM   53   O O     . HIS A 1 8   ? 0.663   8.812   6.533   1.00 9.63  ? 8   HIS X O     1 
ATOM   54   C CB    . HIS A 1 8   ? 3.052   7.098   4.891   1.00 8.05  ? 8   HIS X CB    1 
ATOM   55   C CG    . HIS A 1 8   ? 2.999   8.374   4.106   1.00 7.75  ? 8   HIS X CG    1 
ATOM   56   N ND1   . HIS A 1 8   ? 3.063   9.624   4.692   1.00 9.95  ? 8   HIS X ND1   1 
ATOM   57   C CD2   . HIS A 1 8   ? 2.965   8.595   2.770   1.00 5.47  ? 8   HIS X CD2   1 
ATOM   58   C CE1   . HIS A 1 8   ? 3.038   10.552  3.757   1.00 8.79  ? 8   HIS X CE1   1 
ATOM   59   N NE2   . HIS A 1 8   ? 2.977   9.955   2.579   1.00 10.61 ? 8   HIS X NE2   1 
ATOM   60   N N     . ASP A 1 9   ? 2.446   8.197   7.789   1.00 7.60  ? 9   ASP X N     1 
ATOM   61   C CA    . ASP A 1 9   ? 2.204   9.250   8.772   1.00 10.81 ? 9   ASP X CA    1 
ATOM   62   C C     . ASP A 1 9   ? 2.985   10.513  8.371   1.00 11.19 ? 9   ASP X C     1 
ATOM   63   O O     . ASP A 1 9   ? 3.502   10.594  7.248   1.00 8.97  ? 9   ASP X O     1 
ATOM   64   C CB    . ASP A 1 9   ? 2.526   8.757   10.207  1.00 6.07  ? 9   ASP X CB    1 
ATOM   65   C CG    . ASP A 1 9   ? 4.022   8.787   10.561  1.00 10.41 ? 9   ASP X CG    1 
ATOM   66   O OD1   . ASP A 1 9   ? 4.892   9.095   9.706   1.00 10.23 ? 9   ASP X OD1   1 
ATOM   67   O OD2   . ASP A 1 9   ? 4.325   8.492   11.740  1.00 11.13 ? 9   ASP X OD2   1 
ATOM   68   N N     . LEU A 1 10  ? 3.066   11.491  9.267   1.00 9.94  ? 10  LEU X N     1 
ATOM   69   C CA    . LEU A 1 10  ? 3.672   12.783  8.922   1.00 15.08 ? 10  LEU X CA    1 
ATOM   70   C C     . LEU A 1 10  ? 5.151   12.667  8.576   1.00 15.93 ? 10  LEU X C     1 
ATOM   71   O O     . LEU A 1 10  ? 5.718   13.557  7.935   1.00 11.16 ? 10  LEU X O     1 
ATOM   72   C CB    . LEU A 1 10  ? 3.485   13.784  10.067  1.00 9.75  ? 10  LEU X CB    1 
ATOM   73   C CG    . LEU A 1 10  ? 2.024   14.171  10.291  1.00 14.69 ? 10  LEU X CG    1 
ATOM   74   C CD1   . LEU A 1 10  ? 1.839   14.955  11.583  1.00 14.77 ? 10  LEU X CD1   1 
ATOM   75   C CD2   . LEU A 1 10  ? 1.507   14.941  9.072   1.00 10.36 ? 10  LEU X CD2   1 
ATOM   76   N N     . GLN A 1 11  ? 5.774   11.565  8.983   1.00 9.01  ? 11  GLN X N     1 
ATOM   77   C CA    . GLN A 1 11  ? 7.199   11.393  8.727   1.00 14.44 ? 11  GLN X CA    1 
ATOM   78   C C     . GLN A 1 11  ? 7.435   10.221  7.773   1.00 11.83 ? 11  GLN X C     1 
ATOM   79   O O     . GLN A 1 11  ? 8.549   9.725   7.635   1.00 12.94 ? 11  GLN X O     1 
ATOM   80   C CB    . GLN A 1 11  ? 7.941   11.224  10.060  1.00 10.95 ? 11  GLN X CB    1 
ATOM   81   C CG    . GLN A 1 11  ? 8.017   12.575  10.804  1.00 24.79 ? 11  GLN X CG    1 
ATOM   82   C CD    . GLN A 1 11  ? 8.556   12.477  12.224  1.00 39.91 ? 11  GLN X CD    1 
ATOM   83   O OE1   . GLN A 1 11  ? 8.423   11.443  12.891  1.00 26.83 ? 11  GLN X OE1   1 
ATOM   84   N NE2   . GLN A 1 11  ? 9.177   13.559  12.691  1.00 27.82 ? 11  GLN X NE2   1 
ATOM   85   N N     . ARG A 1 12  ? 6.353   9.817   7.113   1.00 13.38 ? 12  ARG X N     1 
ATOM   86   C CA    . ARG A 1 12  ? 6.320   8.733   6.131   1.00 10.43 ? 12  ARG X CA    1 
ATOM   87   C C     . ARG A 1 12  ? 6.544   7.339   6.720   1.00 9.38  ? 12  ARG X C     1 
ATOM   88   O O     . ARG A 1 12  ? 6.938   6.428   6.004   1.00 12.60 ? 12  ARG X O     1 
ATOM   89   C CB    . ARG A 1 12  ? 7.337   8.985   5.018   1.00 5.27  ? 12  ARG X CB    1 
ATOM   90   C CG    . ARG A 1 12  ? 6.807   9.852   3.885   1.00 10.17 ? 12  ARG X CG    1 
ATOM   91   C CD    . ARG A 1 12  ? 7.929   10.207  2.899   1.00 15.05 ? 12  ARG X CD    1 
ATOM   92   N NE    . ARG A 1 12  ? 8.933   11.009  3.586   1.00 13.21 ? 12  ARG X NE    1 
ATOM   93   C CZ    . ARG A 1 12  ? 10.094  10.544  4.043   1.00 21.39 ? 12  ARG X CZ    1 
ATOM   94   N NH1   . ARG A 1 12  ? 10.435  9.255   3.858   1.00 7.55  ? 12  ARG X NH1   1 
ATOM   95   N NH2   . ARG A 1 12  ? 10.914  11.378  4.682   1.00 12.37 ? 12  ARG X NH2   1 
ATOM   96   N N     . VAL A 1 13  ? 6.292   7.170   8.013   1.00 8.88  ? 13  VAL X N     1 
ATOM   97   C CA    . VAL A 1 13  ? 6.243   5.831   8.590   1.00 12.86 ? 13  VAL X CA    1 
ATOM   98   C C     . VAL A 1 13  ? 5.080   5.042   7.987   1.00 13.06 ? 13  VAL X C     1 
ATOM   99   O O     . VAL A 1 13  ? 3.970   5.554   7.873   1.00 12.97 ? 13  VAL X O     1 
ATOM   100  C CB    . VAL A 1 13  ? 6.069   5.870   10.125  1.00 15.48 ? 13  VAL X CB    1 
ATOM   101  C CG1   . VAL A 1 13  ? 5.695   4.487   10.663  1.00 8.68  ? 13  VAL X CG1   1 
ATOM   102  C CG2   . VAL A 1 13  ? 7.330   6.406   10.799  1.00 9.77  ? 13  VAL X CG2   1 
ATOM   103  N N     . ILE A 1 14  ? 5.337   3.803   7.597   1.00 9.80  ? 14  ILE X N     1 
ATOM   104  C CA    . ILE A 1 14  ? 4.268   2.921   7.136   1.00 11.93 ? 14  ILE X CA    1 
ATOM   105  C C     . ILE A 1 14  ? 4.122   1.682   8.017   1.00 15.27 ? 14  ILE X C     1 
ATOM   106  O O     . ILE A 1 14  ? 3.114   0.986   7.944   1.00 13.71 ? 14  ILE X O     1 
ATOM   107  C CB    . ILE A 1 14  ? 4.488   2.476   5.667   1.00 13.81 ? 14  ILE X CB    1 
ATOM   108  C CG1   . ILE A 1 14  ? 5.821   1.727   5.526   1.00 13.28 ? 14  ILE X CG1   1 
ATOM   109  C CG2   . ILE A 1 14  ? 4.445   3.689   4.720   1.00 5.25  ? 14  ILE X CG2   1 
ATOM   110  C CD1   . ILE A 1 14  ? 5.996   1.018   4.194   1.00 10.70 ? 14  ILE X CD1   1 
ATOM   111  N N     . GLY A 1 15  ? 5.113   1.399   8.858   1.00 14.93 ? 15  GLY X N     1 
ATOM   112  C CA    . GLY A 1 15  ? 5.051   0.185   9.654   1.00 15.06 ? 15  GLY X CA    1 
ATOM   113  C C     . GLY A 1 15  ? 5.933   0.145   10.890  1.00 14.81 ? 15  GLY X C     1 
ATOM   114  O O     . GLY A 1 15  ? 6.908   0.895   11.009  1.00 12.32 ? 15  GLY X O     1 
ATOM   115  N N     . PHE A 1 16  ? 5.572   -0.733  11.819  1.00 8.97  ? 16  PHE X N     1 
ATOM   116  C CA    . PHE A 1 16  ? 6.398   -1.014  12.980  1.00 16.98 ? 16  PHE X CA    1 
ATOM   117  C C     . PHE A 1 16  ? 6.257   -2.472  13.362  1.00 17.45 ? 16  PHE X C     1 
ATOM   118  O O     . PHE A 1 16  ? 5.154   -2.935  13.642  1.00 16.00 ? 16  PHE X O     1 
ATOM   119  C CB    . PHE A 1 16  ? 6.016   -0.133  14.173  1.00 10.11 ? 16  PHE X CB    1 
ATOM   120  C CG    . PHE A 1 16  ? 6.948   -0.279  15.359  1.00 16.95 ? 16  PHE X CG    1 
ATOM   121  C CD1   . PHE A 1 16  ? 8.284   0.093   15.258  1.00 10.30 ? 16  PHE X CD1   1 
ATOM   122  C CD2   . PHE A 1 16  ? 6.482   -0.768  16.576  1.00 13.80 ? 16  PHE X CD2   1 
ATOM   123  C CE1   . PHE A 1 16  ? 9.148   -0.025  16.357  1.00 17.18 ? 16  PHE X CE1   1 
ATOM   124  C CE2   . PHE A 1 16  ? 7.338   -0.897  17.676  1.00 20.07 ? 16  PHE X CE2   1 
ATOM   125  C CZ    . PHE A 1 16  ? 8.672   -0.525  17.565  1.00 18.13 ? 16  PHE X CZ    1 
ATOM   126  N N     . GLU A 1 17  ? 7.384   -3.176  13.382  1.00 16.27 ? 17  GLU X N     1 
ATOM   127  C CA    . GLU A 1 17  ? 7.435   -4.579  13.774  1.00 15.94 ? 17  GLU X CA    1 
ATOM   128  C C     . GLU A 1 17  ? 6.365   -5.397  13.102  1.00 19.43 ? 17  GLU X C     1 
ATOM   129  O O     . GLU A 1 17  ? 5.492   -5.949  13.773  1.00 24.91 ? 17  GLU X O     1 
ATOM   130  C CB    . GLU A 1 17  ? 7.306   -4.712  15.282  1.00 12.64 ? 17  GLU X CB    1 
ATOM   131  C CG    . GLU A 1 17  ? 8.569   -4.284  15.998  1.00 22.25 ? 17  GLU X CG    1 
ATOM   132  C CD    . GLU A 1 17  ? 8.420   -4.337  17.493  1.00 23.10 ? 17  GLU X CD    1 
ATOM   133  O OE1   . GLU A 1 17  ? 7.269   -4.327  17.978  1.00 35.77 ? 17  GLU X OE1   1 
ATOM   134  O OE2   . GLU A 1 17  ? 9.455   -4.381  18.179  1.00 25.77 ? 17  GLU X OE2   1 
ATOM   135  N N     . ASN A 1 18  ? 6.432   -5.432  11.775  1.00 20.66 ? 18  ASN X N     1 
ATOM   136  C CA    . ASN A 1 18  ? 5.517   -6.220  10.951  1.00 35.21 ? 18  ASN X CA    1 
ATOM   137  C C     . ASN A 1 18  ? 4.059   -5.794  10.991  1.00 25.31 ? 18  ASN X C     1 
ATOM   138  O O     . ASN A 1 18  ? 3.229   -6.462  10.402  1.00 32.55 ? 18  ASN X O     1 
ATOM   139  C CB    . ASN A 1 18  ? 5.582   -7.699  11.330  1.00 32.94 ? 18  ASN X CB    1 
ATOM   140  C CG    . ASN A 1 18  ? 6.878   -8.341  10.935  1.00 42.04 ? 18  ASN X CG    1 
ATOM   141  O OD1   . ASN A 1 18  ? 7.675   -7.748  10.203  1.00 35.07 ? 18  ASN X OD1   1 
ATOM   142  N ND2   . ASN A 1 18  ? 7.108   -9.568  11.420  1.00 48.53 ? 18  ASN X ND2   1 
ATOM   143  N N     . GLN A 1 19  ? 3.719   -4.709  11.673  1.00 21.41 ? 19  GLN X N     1 
ATOM   144  C CA    A GLN A 1 19  ? 2.330   -4.292  11.835  0.45 22.21 ? 19  GLN X CA    1 
ATOM   145  C CA    B GLN A 1 19  ? 2.314   -4.334  11.688  0.55 22.23 ? 19  GLN X CA    1 
ATOM   146  C C     . GLN A 1 19  ? 2.117   -2.843  11.407  1.00 26.05 ? 19  GLN X C     1 
ATOM   147  O O     . GLN A 1 19  ? 3.075   -2.093  11.261  1.00 21.95 ? 19  GLN X O     1 
ATOM   148  C CB    A GLN A 1 19  ? 1.893   -4.460  13.293  0.45 22.93 ? 19  GLN X CB    1 
ATOM   149  C CB    B GLN A 1 19  ? 1.675   -4.748  13.020  0.55 24.80 ? 19  GLN X CB    1 
ATOM   150  C CG    A GLN A 1 19  ? 1.988   -5.882  13.824  0.45 27.14 ? 19  GLN X CG    1 
ATOM   151  C CG    B GLN A 1 19  ? 1.685   -6.280  13.285  0.55 28.10 ? 19  GLN X CG    1 
ATOM   152  C CD    A GLN A 1 19  ? 1.642   -5.974  15.294  0.45 27.85 ? 19  GLN X CD    1 
ATOM   153  C CD    B GLN A 1 19  ? 0.911   -7.110  12.243  0.55 32.30 ? 19  GLN X CD    1 
ATOM   154  O OE1   A GLN A 1 19  ? 1.061   -5.052  15.866  0.45 26.99 ? 19  GLN X OE1   1 
ATOM   155  O OE1   B GLN A 1 19  ? -0.108  -6.666  11.705  0.55 29.40 ? 19  GLN X OE1   1 
ATOM   156  N NE2   A GLN A 1 19  ? 2.014   -7.088  15.921  0.45 32.61 ? 19  GLN X NE2   1 
ATOM   157  N NE2   B GLN A 1 19  ? 1.395   -8.326  11.969  0.55 14.54 ? 19  GLN X NE2   1 
ATOM   158  N N     . LEU A 1 20  ? 0.861   -2.440  11.237  1.00 22.09 ? 20  LEU X N     1 
ATOM   159  C CA    . LEU A 1 20  ? 0.539   -1.035  11.039  1.00 19.40 ? 20  LEU X CA    1 
ATOM   160  C C     . LEU A 1 20  ? 0.574   -0.377  12.403  1.00 20.46 ? 20  LEU X C     1 
ATOM   161  O O     . LEU A 1 20  ? 0.032   -0.930  13.362  1.00 20.74 ? 20  LEU X O     1 
ATOM   162  C CB    . LEU A 1 20  ? -0.849  -0.847  10.410  1.00 18.35 ? 20  LEU X CB    1 
ATOM   163  C CG    . LEU A 1 20  ? -1.154  -1.457  9.051   1.00 24.40 ? 20  LEU X CG    1 
ATOM   164  C CD1   . LEU A 1 20  ? -2.654  -1.377  8.785   1.00 16.55 ? 20  LEU X CD1   1 
ATOM   165  C CD2   . LEU A 1 20  ? -0.369  -0.709  7.989   1.00 20.39 ? 20  LEU X CD2   1 
ATOM   166  N N     . PRO A 1 21  ? 1.190   0.809   12.495  1.00 25.97 ? 21  PRO X N     1 
ATOM   167  C CA    . PRO A 1 21  ? 1.324   1.503   13.787  1.00 14.92 ? 21  PRO X CA    1 
ATOM   168  C C     . PRO A 1 21  ? 0.005   2.038   14.333  1.00 16.38 ? 21  PRO X C     1 
ATOM   169  O O     . PRO A 1 21  ? -0.096  2.296   15.525  1.00 21.80 ? 21  PRO X O     1 
ATOM   170  C CB    . PRO A 1 21  ? 2.285   2.667   13.466  1.00 11.54 ? 21  PRO X CB    1 
ATOM   171  C CG    . PRO A 1 21  ? 2.986   2.255   12.178  1.00 19.55 ? 21  PRO X CG    1 
ATOM   172  C CD    . PRO A 1 21  ? 1.934   1.485   11.414  1.00 16.96 ? 21  PRO X CD    1 
ATOM   173  N N     . TRP A 1 22  ? -0.990  2.212   13.471  1.00 19.75 ? 22  TRP X N     1 
ATOM   174  C CA    . TRP A 1 22  ? -2.253  2.849   13.856  1.00 18.71 ? 22  TRP X CA    1 
ATOM   175  C C     . TRP A 1 22  ? -3.425  1.913   13.629  1.00 20.19 ? 22  TRP X C     1 
ATOM   176  O O     . TRP A 1 22  ? -3.324  0.968   12.851  1.00 14.11 ? 22  TRP X O     1 
ATOM   177  C CB    . TRP A 1 22  ? -2.483  4.134   13.046  1.00 16.93 ? 22  TRP X CB    1 
ATOM   178  C CG    . TRP A 1 22  ? -2.162  3.922   11.602  1.00 15.04 ? 22  TRP X CG    1 
ATOM   179  C CD1   . TRP A 1 22  ? -2.948  3.306   10.655  1.00 18.00 ? 22  TRP X CD1   1 
ATOM   180  C CD2   . TRP A 1 22  ? -0.943  4.274   10.946  1.00 12.44 ? 22  TRP X CD2   1 
ATOM   181  N NE1   . TRP A 1 22  ? -2.284  3.257   9.451   1.00 15.13 ? 22  TRP X NE1   1 
ATOM   182  C CE2   . TRP A 1 22  ? -1.058  3.851   9.598   1.00 14.99 ? 22  TRP X CE2   1 
ATOM   183  C CE3   . TRP A 1 22  ? 0.231   4.906   11.363  1.00 8.60  ? 22  TRP X CE3   1 
ATOM   184  C CZ2   . TRP A 1 22  ? -0.043  4.059   8.665   1.00 11.78 ? 22  TRP X CZ2   1 
ATOM   185  C CZ3   . TRP A 1 22  ? 1.236   5.106   10.439  1.00 8.06  ? 22  TRP X CZ3   1 
ATOM   186  C CH2   . TRP A 1 22  ? 1.092   4.683   9.102   1.00 13.56 ? 22  TRP X CH2   1 
ATOM   187  N N     . HIS A 1 23  ? -4.529  2.191   14.316  1.00 34.44 ? 23  HIS X N     1 
ATOM   188  C CA    A HIS A 1 23  ? -5.778  1.462   14.107  0.46 28.57 ? 23  HIS X CA    1 
ATOM   189  C CA    B HIS A 1 23  ? -5.780  1.470   14.117  0.54 28.59 ? 23  HIS X CA    1 
ATOM   190  C C     . HIS A 1 23  ? -6.775  2.400   13.456  1.00 25.25 ? 23  HIS X C     1 
ATOM   191  O O     . HIS A 1 23  ? -7.316  3.289   14.106  1.00 31.70 ? 23  HIS X O     1 
ATOM   192  C CB    A HIS A 1 23  ? -6.337  0.911   15.424  0.46 25.88 ? 23  HIS X CB    1 
ATOM   193  C CB    B HIS A 1 23  ? -6.337  0.960   15.445  0.54 25.84 ? 23  HIS X CB    1 
ATOM   194  C CG    A HIS A 1 23  ? -7.681  0.263   15.286  0.46 33.89 ? 23  HIS X CG    1 
ATOM   195  C CG    B HIS A 1 23  ? -5.348  0.182   16.254  0.54 30.46 ? 23  HIS X CG    1 
ATOM   196  N ND1   A HIS A 1 23  ? -8.819  0.768   15.884  0.46 31.85 ? 23  HIS X ND1   1 
ATOM   197  N ND1   B HIS A 1 23  ? -5.135  -1.167  16.069  0.54 29.08 ? 23  HIS X ND1   1 
ATOM   198  C CD2   A HIS A 1 23  ? -8.073  -0.844  14.611  0.46 27.33 ? 23  HIS X CD2   1 
ATOM   199  C CD2   B HIS A 1 23  ? -4.511  0.567   17.246  0.54 25.36 ? 23  HIS X CD2   1 
ATOM   200  C CE1   A HIS A 1 23  ? -9.851  -0.001  15.584  0.46 20.80 ? 23  HIS X CE1   1 
ATOM   201  C CE1   B HIS A 1 23  ? -4.211  -1.582  16.917  0.54 36.00 ? 23  HIS X CE1   1 
ATOM   202  N NE2   A HIS A 1 23  ? -9.425  -0.986  14.813  0.46 23.79 ? 23  HIS X NE2   1 
ATOM   203  N NE2   B HIS A 1 23  ? -3.814  -0.549  17.641  0.54 45.30 ? 23  HIS X NE2   1 
ATOM   204  N N     . LEU A 1 24  ? -7.010  2.207   12.168  1.00 23.50 ? 24  LEU X N     1 
ATOM   205  C CA    . LEU A 1 24  ? -7.875  3.126   11.453  1.00 22.57 ? 24  LEU X CA    1 
ATOM   206  C C     . LEU A 1 24  ? -8.822  2.405   10.491  1.00 25.77 ? 24  LEU X C     1 
ATOM   207  O O     . LEU A 1 24  ? -8.502  2.222   9.315   1.00 23.41 ? 24  LEU X O     1 
ATOM   208  C CB    . LEU A 1 24  ? -7.019  4.148   10.708  1.00 19.44 ? 24  LEU X CB    1 
ATOM   209  C CG    . LEU A 1 24  ? -7.709  5.446   10.299  1.00 22.56 ? 24  LEU X CG    1 
ATOM   210  C CD1   . LEU A 1 24  ? -8.354  6.109   11.510  1.00 17.95 ? 24  LEU X CD1   1 
ATOM   211  C CD2   . LEU A 1 24  ? -6.698  6.379   9.649   1.00 17.33 ? 24  LEU X CD2   1 
ATOM   212  N N     . PRO A 1 25  ? -10.001 1.996   10.993  1.00 32.55 ? 25  PRO X N     1 
ATOM   213  C CA    . PRO A 1 25  ? -10.961 1.224   10.190  1.00 23.17 ? 25  PRO X CA    1 
ATOM   214  C C     . PRO A 1 25  ? -11.373 1.901   8.879   1.00 18.23 ? 25  PRO X C     1 
ATOM   215  O O     . PRO A 1 25  ? -11.479 1.195   7.882   1.00 32.83 ? 25  PRO X O     1 
ATOM   216  C CB    . PRO A 1 25  ? -12.160 1.073   11.134  1.00 27.47 ? 25  PRO X CB    1 
ATOM   217  C CG    . PRO A 1 25  ? -11.550 1.071   12.501  1.00 25.76 ? 25  PRO X CG    1 
ATOM   218  C CD    . PRO A 1 25  ? -10.403 2.068   12.412  1.00 25.32 ? 25  PRO X CD    1 
ATOM   219  N N     . ASN A 1 26  ? -11.576 3.218   8.858   1.00 21.72 ? 26  ASN X N     1 
ATOM   220  C CA    . ASN A 1 26  ? -11.964 3.884   7.610   1.00 21.43 ? 26  ASN X CA    1 
ATOM   221  C C     . ASN A 1 26  ? -10.952 3.689   6.478   1.00 26.75 ? 26  ASN X C     1 
ATOM   222  O O     . ASN A 1 26  ? -11.332 3.679   5.297   1.00 20.53 ? 26  ASN X O     1 
ATOM   223  C CB    . ASN A 1 26  ? -12.197 5.385   7.830   1.00 23.21 ? 26  ASN X CB    1 
ATOM   224  C CG    . ASN A 1 26  ? -13.491 5.665   8.606   1.00 40.43 ? 26  ASN X CG    1 
ATOM   225  O OD1   . ASN A 1 26  ? -14.331 4.775   8.772   1.00 34.06 ? 26  ASN X OD1   1 
ATOM   226  N ND2   . ASN A 1 26  ? -13.647 6.899   9.090   1.00 26.62 ? 26  ASN X ND2   1 
ATOM   227  N N     . ASP A 1 27  ? -9.678  3.516   6.825   1.00 16.85 ? 27  ASP X N     1 
ATOM   228  C CA    . ASP A 1 27  ? -8.665  3.368   5.788   1.00 24.08 ? 27  ASP X CA    1 
ATOM   229  C C     . ASP A 1 27  ? -8.686  1.960   5.207   1.00 15.77 ? 27  ASP X C     1 
ATOM   230  O O     . ASP A 1 27  ? -8.459  1.767   4.005   1.00 14.48 ? 27  ASP X O     1 
ATOM   231  C CB    . ASP A 1 27  ? -7.265  3.708   6.311   1.00 16.47 ? 27  ASP X CB    1 
ATOM   232  C CG    . ASP A 1 27  ? -6.225  3.757   5.189   1.00 24.24 ? 27  ASP X CG    1 
ATOM   233  O OD1   . ASP A 1 27  ? -6.441  4.459   4.171   1.00 19.34 ? 27  ASP X OD1   1 
ATOM   234  O OD2   . ASP A 1 27  ? -5.203  3.068   5.310   1.00 25.96 ? 27  ASP X OD2   1 
ATOM   235  N N     . LEU A 1 28  ? -8.953  0.977   6.058   1.00 19.37 ? 28  LEU X N     1 
ATOM   236  C CA    . LEU A 1 28  ? -9.122  -0.389  5.579   1.00 22.00 ? 28  LEU X CA    1 
ATOM   237  C C     . LEU A 1 28  ? -10.289 -0.446  4.607   1.00 18.93 ? 28  LEU X C     1 
ATOM   238  O O     . LEU A 1 28  ? -10.221 -1.146  3.606   1.00 18.29 ? 28  LEU X O     1 
ATOM   239  C CB    . LEU A 1 28  ? -9.353  -1.378  6.736   1.00 26.40 ? 28  LEU X CB    1 
ATOM   240  C CG    . LEU A 1 28  ? -8.322  -1.563  7.866   1.00 41.87 ? 28  LEU X CG    1 
ATOM   241  C CD1   . LEU A 1 28  ? -8.237  -3.030  8.286   1.00 49.86 ? 28  LEU X CD1   1 
ATOM   242  C CD2   . LEU A 1 28  ? -6.956  -1.045  7.511   1.00 30.45 ? 28  LEU X CD2   1 
ATOM   243  N N     . LYS A 1 29  ? -11.360 0.289   4.901   1.00 17.49 ? 29  LYS X N     1 
ATOM   244  C CA    . LYS A 1 29  ? -12.492 0.338   3.974   1.00 20.50 ? 29  LYS X CA    1 
ATOM   245  C C     . LYS A 1 29  ? -12.114 1.030   2.672   1.00 20.50 ? 29  LYS X C     1 
ATOM   246  O O     . LYS A 1 29  ? -12.501 0.584   1.593   1.00 20.27 ? 29  LYS X O     1 
ATOM   247  C CB    . LYS A 1 29  ? -13.691 1.044   4.613   1.00 27.81 ? 29  LYS X CB    1 
ATOM   248  C CG    . LYS A 1 29  ? -14.272 0.323   5.828   1.00 47.22 ? 29  LYS X CG    1 
ATOM   249  C CD    . LYS A 1 29  ? -15.343 1.121   6.592   1.00 54.26 ? 29  LYS X CD    1 
ATOM   250  C CE    . LYS A 1 29  ? -16.246 1.992   5.700   1.00 51.47 ? 29  LYS X CE    1 
ATOM   251  N NZ    . LYS A 1 29  ? -16.608 1.385   4.381   1.00 71.80 ? 29  LYS X NZ    1 
ATOM   252  N N     . HIS A 1 30  ? -11.343 2.107   2.786   1.00 20.43 ? 30  HIS X N     1 
ATOM   253  C CA    . HIS A 1 30  ? -10.769 2.787   1.631   1.00 17.92 ? 30  HIS X CA    1 
ATOM   254  C C     . HIS A 1 30  ? -9.966  1.790   0.799   1.00 19.55 ? 30  HIS X C     1 
ATOM   255  O O     . HIS A 1 30  ? -10.137 1.714   -0.417  1.00 20.12 ? 30  HIS X O     1 
ATOM   256  C CB    . HIS A 1 30  ? -9.898  3.967   2.090   1.00 12.63 ? 30  HIS X CB    1 
ATOM   257  C CG    . HIS A 1 30  ? -9.279  4.748   0.971   1.00 19.59 ? 30  HIS X CG    1 
ATOM   258  N ND1   . HIS A 1 30  ? -10.011 5.553   0.122   1.00 20.85 ? 30  HIS X ND1   1 
ATOM   259  C CD2   . HIS A 1 30  ? -7.984  4.881   0.592   1.00 18.01 ? 30  HIS X CD2   1 
ATOM   260  C CE1   . HIS A 1 30  ? -9.198  6.130   -0.746  1.00 16.06 ? 30  HIS X CE1   1 
ATOM   261  N NE2   . HIS A 1 30  ? -7.962  5.746   -0.478  1.00 25.90 ? 30  HIS X NE2   1 
ATOM   262  N N     . VAL A 1 31  ? -9.119  0.993   1.448   1.00 17.84 ? 31  VAL X N     1 
ATOM   263  C CA    . VAL A 1 31  ? -8.351  -0.035  0.728   1.00 18.08 ? 31  VAL X CA    1 
ATOM   264  C C     . VAL A 1 31  ? -9.259  -1.056  0.025   1.00 20.04 ? 31  VAL X C     1 
ATOM   265  O O     . VAL A 1 31  ? -9.046  -1.400  -1.139  1.00 19.30 ? 31  VAL X O     1 
ATOM   266  C CB    . VAL A 1 31  ? -7.395  -0.785  1.676   1.00 17.48 ? 31  VAL X CB    1 
ATOM   267  C CG1   . VAL A 1 31  ? -6.736  -1.951  0.961   1.00 18.04 ? 31  VAL X CG1   1 
ATOM   268  C CG2   . VAL A 1 31  ? -6.339  0.158   2.187   1.00 16.61 ? 31  VAL X CG2   1 
ATOM   269  N N     . LYS A 1 32  ? -10.275 -1.522  0.744   1.00 22.03 ? 32  LYS X N     1 
ATOM   270  C CA    . LYS A 1 32  ? -11.267 -2.463  0.214   1.00 25.00 ? 32  LYS X CA    1 
ATOM   271  C C     . LYS A 1 32  ? -12.036 -1.922  -0.991  1.00 20.50 ? 32  LYS X C     1 
ATOM   272  O O     . LYS A 1 32  ? -12.188 -2.626  -1.990  1.00 23.51 ? 32  LYS X O     1 
ATOM   273  C CB    . LYS A 1 32  ? -12.253 -2.857  1.318   1.00 22.32 ? 32  LYS X CB    1 
ATOM   274  C CG    . LYS A 1 32  ? -13.277 -3.908  0.911   1.00 27.84 ? 32  LYS X CG    1 
ATOM   275  C CD    . LYS A 1 32  ? -14.193 -4.240  2.081   1.00 28.24 ? 32  LYS X CD    1 
ATOM   276  C CE    . LYS A 1 32  ? -15.092 -5.431  1.768   1.00 46.32 ? 32  LYS X CE    1 
ATOM   277  N NZ    . LYS A 1 32  ? -15.880 -5.861  2.963   1.00 55.27 ? 32  LYS X NZ    1 
ATOM   278  N N     . LYS A 1 33  ? -12.527 -0.686  -0.898  1.00 22.16 ? 33  LYS X N     1 
ATOM   279  C CA    . LYS A 1 33  ? -13.233 -0.056  -2.016  1.00 19.99 ? 33  LYS X CA    1 
ATOM   280  C C     . LYS A 1 33  ? -12.337 0.061   -3.242  1.00 27.98 ? 33  LYS X C     1 
ATOM   281  O O     . LYS A 1 33  ? -12.756 -0.245  -4.358  1.00 24.56 ? 33  LYS X O     1 
ATOM   282  C CB    . LYS A 1 33  ? -13.743 1.338   -1.647  1.00 26.33 ? 33  LYS X CB    1 
ATOM   283  C CG    . LYS A 1 33  ? -14.924 1.383   -0.691  1.00 52.34 ? 33  LYS X CG    1 
ATOM   284  C CD    . LYS A 1 33  ? -15.371 2.831   -0.449  1.00 55.88 ? 33  LYS X CD    1 
ATOM   285  C CE    . LYS A 1 33  ? -16.253 2.966   0.796   1.00 65.30 ? 33  LYS X CE    1 
ATOM   286  N NZ    . LYS A 1 33  ? -17.560 2.246   0.670   1.00 54.55 ? 33  LYS X NZ    1 
ATOM   287  N N     . LEU A 1 34  ? -11.109 0.531   -3.043  1.00 22.68 ? 34  LEU X N     1 
ATOM   288  C CA    . LEU A 1 34  ? -10.205 0.717   -4.169  1.00 21.80 ? 34  LEU X CA    1 
ATOM   289  C C     . LEU A 1 34  ? -9.790  -0.593  -4.826  1.00 23.63 ? 34  LEU X C     1 
ATOM   290  O O     . LEU A 1 34  ? -9.753  -0.673  -6.053  1.00 18.46 ? 34  LEU X O     1 
ATOM   291  C CB    . LEU A 1 34  ? -8.943  1.473   -3.742  1.00 26.58 ? 34  LEU X CB    1 
ATOM   292  C CG    . LEU A 1 34  ? -9.033  2.990   -3.611  1.00 26.18 ? 34  LEU X CG    1 
ATOM   293  C CD1   . LEU A 1 34  ? -7.732  3.550   -3.051  1.00 15.15 ? 34  LEU X CD1   1 
ATOM   294  C CD2   . LEU A 1 34  ? -9.341  3.593   -4.969  1.00 17.06 ? 34  LEU X CD2   1 
ATOM   295  N N     . SER A 1 35  ? -9.476  -1.617  -4.027  1.00 16.34 ? 35  SER X N     1 
ATOM   296  C CA    . SER A 1 35  ? -8.782  -2.782  -4.584  1.00 20.39 ? 35  SER X CA    1 
ATOM   297  C C     . SER A 1 35  ? -9.664  -4.003  -4.858  1.00 18.34 ? 35  SER X C     1 
ATOM   298  O O     . SER A 1 35  ? -9.242  -4.902  -5.579  1.00 19.52 ? 35  SER X O     1 
ATOM   299  C CB    . SER A 1 35  ? -7.618  -3.194  -3.675  1.00 11.67 ? 35  SER X CB    1 
ATOM   300  O OG    . SER A 1 35  ? -8.062  -3.548  -2.372  1.00 18.13 ? 35  SER X OG    1 
ATOM   301  N N     . THR A 1 36  ? -10.868 -4.046  -4.300  1.00 22.61 ? 36  THR X N     1 
ATOM   302  C CA    . THR A 1 36  ? -11.801 -5.139  -4.619  1.00 22.14 ? 36  THR X CA    1 
ATOM   303  C C     . THR A 1 36  ? -12.009 -5.284  -6.130  1.00 19.21 ? 36  THR X C     1 
ATOM   304  O O     . THR A 1 36  ? -12.270 -4.308  -6.833  1.00 19.68 ? 36  THR X O     1 
ATOM   305  C CB    . THR A 1 36  ? -13.157 -4.940  -3.929  1.00 25.01 ? 36  THR X CB    1 
ATOM   306  O OG1   . THR A 1 36  ? -12.994 -5.179  -2.530  1.00 24.74 ? 36  THR X OG1   1 
ATOM   307  C CG2   . THR A 1 36  ? -14.208 -5.921  -4.467  1.00 20.43 ? 36  THR X CG2   1 
ATOM   308  N N     . GLY A 1 37  ? -11.832 -6.502  -6.633  1.00 23.49 ? 37  GLY X N     1 
ATOM   309  C CA    . GLY A 1 37  ? -12.038 -6.770  -8.048  1.00 19.60 ? 37  GLY X CA    1 
ATOM   310  C C     . GLY A 1 37  ? -10.815 -6.456  -8.876  1.00 25.92 ? 37  GLY X C     1 
ATOM   311  O O     . GLY A 1 37  ? -10.855 -6.525  -10.105 1.00 20.25 ? 37  GLY X O     1 
ATOM   312  N N     . HIS A 1 38  ? -9.719  -6.105  -8.205  1.00 25.00 ? 38  HIS X N     1 
ATOM   313  C CA    . HIS A 1 38  ? -8.488  -5.743  -8.906  1.00 20.98 ? 38  HIS X CA    1 
ATOM   314  C C     . HIS A 1 38  ? -7.311  -6.527  -8.352  1.00 19.89 ? 38  HIS X C     1 
ATOM   315  O O     . HIS A 1 38  ? -7.498  -7.578  -7.754  1.00 26.39 ? 38  HIS X O     1 
ATOM   316  C CB    . HIS A 1 38  ? -8.242  -4.234  -8.802  1.00 17.22 ? 38  HIS X CB    1 
ATOM   317  C CG    . HIS A 1 38  ? -9.356  -3.413  -9.372  1.00 26.08 ? 38  HIS X CG    1 
ATOM   318  N ND1   . HIS A 1 38  ? -9.612  -3.343  -10.726 1.00 25.59 ? 38  HIS X ND1   1 
ATOM   319  C CD2   . HIS A 1 38  ? -10.298 -2.648  -8.766  1.00 21.96 ? 38  HIS X CD2   1 
ATOM   320  C CE1   . HIS A 1 38  ? -10.656 -2.557  -10.932 1.00 26.21 ? 38  HIS X CE1   1 
ATOM   321  N NE2   . HIS A 1 38  ? -11.090 -2.124  -9.761  1.00 29.28 ? 38  HIS X NE2   1 
ATOM   322  N N     . THR A 1 39  ? -6.098  -6.019  -8.536  1.00 19.95 ? 39  THR X N     1 
ATOM   323  C CA    . THR A 1 39  ? -4.915  -6.771  -8.129  1.00 22.28 ? 39  THR X CA    1 
ATOM   324  C C     . THR A 1 39  ? -4.038  -6.033  -7.114  1.00 23.68 ? 39  THR X C     1 
ATOM   325  O O     . THR A 1 39  ? -3.720  -4.850  -7.293  1.00 17.85 ? 39  THR X O     1 
ATOM   326  C CB    . THR A 1 39  ? -4.066  -7.131  -9.362  1.00 22.10 ? 39  THR X CB    1 
ATOM   327  O OG1   . THR A 1 39  ? -4.848  -7.944  -10.238 1.00 23.50 ? 39  THR X OG1   1 
ATOM   328  C CG2   . THR A 1 39  ? -2.790  -7.885  -8.962  1.00 17.57 ? 39  THR X CG2   1 
ATOM   329  N N     . LEU A 1 40  ? -3.665  -6.739  -6.048  1.00 19.12 ? 40  LEU X N     1 
ATOM   330  C CA    . LEU A 1 40  ? -2.680  -6.244  -5.080  1.00 15.94 ? 40  LEU X CA    1 
ATOM   331  C C     . LEU A 1 40  ? -1.355  -6.972  -5.255  1.00 17.92 ? 40  LEU X C     1 
ATOM   332  O O     . LEU A 1 40  ? -1.321  -8.193  -5.281  1.00 17.89 ? 40  LEU X O     1 
ATOM   333  C CB    . LEU A 1 40  ? -3.154  -6.430  -3.641  1.00 14.09 ? 40  LEU X CB    1 
ATOM   334  C CG    . LEU A 1 40  ? -4.420  -5.756  -3.136  1.00 18.53 ? 40  LEU X CG    1 
ATOM   335  C CD1   . LEU A 1 40  ? -4.615  -6.126  -1.677  1.00 14.64 ? 40  LEU X CD1   1 
ATOM   336  C CD2   . LEU A 1 40  ? -4.297  -4.265  -3.301  1.00 12.64 ? 40  LEU X CD2   1 
ATOM   337  N N     . VAL A 1 41  ? -0.272  -6.212  -5.382  1.00 14.57 ? 41  VAL X N     1 
ATOM   338  C CA    . VAL A 1 41  ? 1.069   -6.767  -5.423  1.00 16.29 ? 41  VAL X CA    1 
ATOM   339  C C     . VAL A 1 41  ? 1.798   -6.358  -4.154  1.00 18.33 ? 41  VAL X C     1 
ATOM   340  O O     . VAL A 1 41  ? 1.779   -5.190  -3.777  1.00 16.38 ? 41  VAL X O     1 
ATOM   341  C CB    . VAL A 1 41  ? 1.856   -6.286  -6.652  1.00 17.05 ? 41  VAL X CB    1 
ATOM   342  C CG1   . VAL A 1 41  ? 3.290   -6.817  -6.612  1.00 13.71 ? 41  VAL X CG1   1 
ATOM   343  C CG2   . VAL A 1 41  ? 1.174   -6.738  -7.901  1.00 18.97 ? 41  VAL X CG2   1 
ATOM   344  N N     . MET A 1 42  ? 2.431   -7.318  -3.493  1.00 14.35 ? 42  MET X N     1 
ATOM   345  C CA    . MET A 1 42  ? 3.106   -7.040  -2.239  1.00 18.07 ? 42  MET X CA    1 
ATOM   346  C C     . MET A 1 42  ? 4.370   -7.894  -2.062  1.00 21.56 ? 42  MET X C     1 
ATOM   347  O O     . MET A 1 42  ? 4.441   -9.020  -2.547  1.00 18.29 ? 42  MET X O     1 
ATOM   348  C CB    . MET A 1 42  ? 2.134   -7.265  -1.084  1.00 15.39 ? 42  MET X CB    1 
ATOM   349  C CG    . MET A 1 42  ? 1.714   -8.720  -0.892  1.00 16.59 ? 42  MET X CG    1 
ATOM   350  S SD    . MET A 1 42  ? 0.301   -8.937  0.218   1.00 23.67 ? 42  MET X SD    1 
ATOM   351  C CE    . MET A 1 42  ? -1.090  -8.708  -0.892  1.00 19.02 ? 42  MET X CE    1 
ATOM   352  N N     . GLY A 1 43  ? 5.374   -7.358  -1.372  1.00 18.34 ? 43  GLY X N     1 
ATOM   353  C CA    . GLY A 1 43  ? 6.553   -8.153  -1.051  1.00 10.73 ? 43  GLY X CA    1 
ATOM   354  C C     . GLY A 1 43  ? 6.205   -9.223  -0.025  1.00 13.93 ? 43  GLY X C     1 
ATOM   355  O O     . GLY A 1 43  ? 5.163   -9.154  0.630   1.00 10.04 ? 43  GLY X O     1 
ATOM   356  N N     . ARG A 1 44  ? 7.087   -10.210 0.118   1.00 18.34 ? 44  ARG X N     1 
ATOM   357  C CA    . ARG A 1 44  ? 6.857   -11.358 0.988   1.00 13.45 ? 44  ARG X CA    1 
ATOM   358  C C     . ARG A 1 44  ? 6.554   -10.972 2.443   1.00 16.86 ? 44  ARG X C     1 
ATOM   359  O O     . ARG A 1 44  ? 5.619   -11.494 3.043   1.00 15.73 ? 44  ARG X O     1 
ATOM   360  C CB    . ARG A 1 44  ? 8.073   -12.294 0.916   1.00 19.42 ? 44  ARG X CB    1 
ATOM   361  C CG    . ARG A 1 44  ? 7.920   -13.630 1.617   1.00 22.13 ? 44  ARG X CG    1 
ATOM   362  C CD    . ARG A 1 44  ? 8.647   -13.626 2.962   1.00 18.10 ? 44  ARG X CD    1 
ATOM   363  N NE    . ARG A 1 44  ? 10.046  -13.214 2.875   1.00 25.00 ? 44  ARG X NE    1 
ATOM   364  C CZ    . ARG A 1 44  ? 10.805  -12.943 3.937   1.00 17.87 ? 44  ARG X CZ    1 
ATOM   365  N NH1   . ARG A 1 44  ? 10.284  -13.038 5.149   1.00 19.76 ? 44  ARG X NH1   1 
ATOM   366  N NH2   . ARG A 1 44  ? 12.069  -12.556 3.789   1.00 16.73 ? 44  ARG X NH2   1 
ATOM   367  N N     . LYS A 1 45  ? 7.323   -10.043 3.006   1.00 14.62 ? 45  LYS X N     1 
ATOM   368  C CA    . LYS A 1 45  ? 7.145   -9.685  4.416   1.00 20.25 ? 45  LYS X CA    1 
ATOM   369  C C     . LYS A 1 45  ? 5.774   -9.063  4.700   1.00 13.05 ? 45  LYS X C     1 
ATOM   370  O O     . LYS A 1 45  ? 5.133   -9.384  5.705   1.00 17.79 ? 45  LYS X O     1 
ATOM   371  C CB    . LYS A 1 45  ? 8.259   -8.733  4.869   1.00 14.62 ? 45  LYS X CB    1 
ATOM   372  C CG    . LYS A 1 45  ? 9.629   -9.392  4.907   1.00 15.01 ? 45  LYS X CG    1 
ATOM   373  C CD    . LYS A 1 45  ? 10.696  -8.428  5.379   1.00 21.00 ? 45  LYS X CD    1 
ATOM   374  C CE    . LYS A 1 45  ? 12.070  -9.080  5.410   1.00 24.54 ? 45  LYS X CE    1 
ATOM   375  N NZ    . LYS A 1 45  ? 13.062  -8.157  6.025   1.00 31.46 ? 45  LYS X NZ    1 
ATOM   376  N N     . THR A 1 46  ? 5.328   -8.187  3.806   1.00 13.22 ? 46  THR X N     1 
ATOM   377  C CA    . THR A 1 46  ? 4.012   -7.573  3.930   1.00 14.55 ? 46  THR X CA    1 
ATOM   378  C C     . THR A 1 46  ? 2.946   -8.646  3.925   1.00 18.50 ? 46  THR X C     1 
ATOM   379  O O     . THR A 1 46  ? 2.037   -8.629  4.772   1.00 17.34 ? 46  THR X O     1 
ATOM   380  C CB    . THR A 1 46  ? 3.724   -6.570  2.796   1.00 16.75 ? 46  THR X CB    1 
ATOM   381  O OG1   . THR A 1 46  ? 4.593   -5.436  2.927   1.00 17.90 ? 46  THR X OG1   1 
ATOM   382  C CG2   . THR A 1 46  ? 2.287   -6.096  2.854   1.00 12.96 ? 46  THR X CG2   1 
ATOM   383  N N     . PHE A 1 47  ? 3.059   -9.588  2.987   1.00 16.71 ? 47  PHE X N     1 
ATOM   384  C CA    . PHE A 1 47  ? 2.078   -10.658 2.933   1.00 16.79 ? 47  PHE X CA    1 
ATOM   385  C C     . PHE A 1 47  ? 2.047   -11.498 4.208   1.00 18.22 ? 47  PHE X C     1 
ATOM   386  O O     . PHE A 1 47  ? 0.965   -11.869 4.690   1.00 19.63 ? 47  PHE X O     1 
ATOM   387  C CB    . PHE A 1 47  ? 2.297   -11.613 1.768   1.00 14.30 ? 47  PHE X CB    1 
ATOM   388  C CG    . PHE A 1 47  ? 1.434   -12.838 1.880   1.00 27.26 ? 47  PHE X CG    1 
ATOM   389  C CD1   . PHE A 1 47  ? 0.050   -12.733 1.746   1.00 22.39 ? 47  PHE X CD1   1 
ATOM   390  C CD2   . PHE A 1 47  ? 1.977   -14.069 2.206   1.00 22.94 ? 47  PHE X CD2   1 
ATOM   391  C CE1   . PHE A 1 47  ? -0.762  -13.839 1.895   1.00 29.85 ? 47  PHE X CE1   1 
ATOM   392  C CE2   . PHE A 1 47  ? 1.168   -15.182 2.354   1.00 22.14 ? 47  PHE X CE2   1 
ATOM   393  C CZ    . PHE A 1 47  ? -0.202  -15.068 2.200   1.00 23.69 ? 47  PHE X CZ    1 
ATOM   394  N N     . GLU A 1 48  ? 3.208   -11.818 4.761   1.00 13.61 ? 48  GLU X N     1 
ATOM   395  C CA    A GLU A 1 48  ? 3.248   -12.662 5.959   0.62 22.74 ? 48  GLU X CA    1 
ATOM   396  C CA    B GLU A 1 48  ? 3.219   -12.659 5.953   0.38 22.83 ? 48  GLU X CA    1 
ATOM   397  C C     . GLU A 1 48  ? 2.703   -11.917 7.164   1.00 17.00 ? 48  GLU X C     1 
ATOM   398  O O     . GLU A 1 48  ? 2.157   -12.520 8.080   1.00 27.33 ? 48  GLU X O     1 
ATOM   399  C CB    A GLU A 1 48  ? 4.672   -13.152 6.244   0.62 22.78 ? 48  GLU X CB    1 
ATOM   400  C CB    B GLU A 1 48  ? 4.617   -13.197 6.212   0.38 22.97 ? 48  GLU X CB    1 
ATOM   401  C CG    A GLU A 1 48  ? 5.342   -13.855 5.069   0.62 30.10 ? 48  GLU X CG    1 
ATOM   402  C CG    B GLU A 1 48  ? 4.955   -14.309 5.263   0.38 29.47 ? 48  GLU X CG    1 
ATOM   403  C CD    A GLU A 1 48  ? 5.073   -15.354 5.009   0.62 33.31 ? 48  GLU X CD    1 
ATOM   404  C CD    B GLU A 1 48  ? 6.429   -14.525 5.130   0.38 31.26 ? 48  GLU X CD    1 
ATOM   405  O OE1   A GLU A 1 48  ? 3.896   -15.765 4.941   0.62 30.25 ? 48  GLU X OE1   1 
ATOM   406  O OE1   B GLU A 1 48  ? 7.207   -13.727 5.704   0.38 26.16 ? 48  GLU X OE1   1 
ATOM   407  O OE2   A GLU A 1 48  ? 6.056   -16.126 5.016   0.62 45.49 ? 48  GLU X OE2   1 
ATOM   408  O OE2   B GLU A 1 48  ? 6.813   -15.500 4.448   0.38 37.75 ? 48  GLU X OE2   1 
ATOM   409  N N     . SER A 1 49  ? 2.852   -10.600 7.163   1.00 26.93 ? 49  SER X N     1 
ATOM   410  C CA    . SER A 1 49  ? 2.338   -9.804  8.271   1.00 24.22 ? 49  SER X CA    1 
ATOM   411  C C     . SER A 1 49  ? 0.824   -9.752  8.213   1.00 27.82 ? 49  SER X C     1 
ATOM   412  O O     . SER A 1 49  ? 0.154   -9.677  9.245   1.00 30.26 ? 49  SER X O     1 
ATOM   413  C CB    . SER A 1 49  ? 2.898   -8.395  8.230   1.00 26.19 ? 49  SER X CB    1 
ATOM   414  O OG    . SER A 1 49  ? 2.181   -7.625  7.286   1.00 38.09 ? 49  SER X OG    1 
ATOM   415  N N     . ILE A 1 50  ? 0.287   -9.767  6.994   1.00 29.37 ? 50  ILE X N     1 
ATOM   416  C CA    . ILE A 1 50  ? -1.161  -9.803  6.798   1.00 31.55 ? 50  ILE X CA    1 
ATOM   417  C C     . ILE A 1 50  ? -1.676  -11.175 7.221   1.00 27.25 ? 50  ILE X C     1 
ATOM   418  O O     . ILE A 1 50  ? -2.664  -11.278 7.940   1.00 42.01 ? 50  ILE X O     1 
ATOM   419  C CB    . ILE A 1 50  ? -1.553  -9.508  5.334   1.00 23.64 ? 50  ILE X CB    1 
ATOM   420  C CG1   . ILE A 1 50  ? -1.149  -8.091  4.951   1.00 19.36 ? 50  ILE X CG1   1 
ATOM   421  C CG2   . ILE A 1 50  ? -3.028  -9.666  5.122   1.00 25.13 ? 50  ILE X CG2   1 
ATOM   422  C CD1   . ILE A 1 50  ? -1.489  -7.759  3.499   1.00 30.10 ? 50  ILE X CD1   1 
ATOM   423  N N     . GLY A 1 51  ? -0.991  -12.223 6.777   1.00 26.17 ? 51  GLY X N     1 
ATOM   424  C CA    . GLY A 1 51  ? -1.283  -13.573 7.232   1.00 34.16 ? 51  GLY X CA    1 
ATOM   425  C C     . GLY A 1 51  ? -1.970  -14.456 6.208   1.00 40.91 ? 51  GLY X C     1 
ATOM   426  O O     . GLY A 1 51  ? -1.628  -15.631 6.058   1.00 39.54 ? 51  GLY X O     1 
ATOM   427  N N     . LYS A 1 52  ? -2.944  -13.888 5.502   1.00 34.80 ? 52  LYS X N     1 
ATOM   428  C CA    . LYS A 1 52  ? -3.727  -14.630 4.509   1.00 46.45 ? 52  LYS X CA    1 
ATOM   429  C C     . LYS A 1 52  ? -4.099  -13.686 3.377   1.00 30.38 ? 52  LYS X C     1 
ATOM   430  O O     . LYS A 1 52  ? -4.062  -12.476 3.565   1.00 27.46 ? 52  LYS X O     1 
ATOM   431  C CB    . LYS A 1 52  ? -4.975  -15.253 5.157   1.00 40.08 ? 52  LYS X CB    1 
ATOM   432  C CG    . LYS A 1 52  ? -4.788  -16.732 5.506   0.73 40.88 ? 52  LYS X CG    1 
ATOM   433  C CD    . LYS A 1 52  ? -5.503  -17.133 6.789   1.00 53.77 ? 52  LYS X CD    1 
ATOM   434  C CE    . LYS A 1 52  ? -5.243  -18.599 7.116   1.00 52.76 ? 52  LYS X CE    1 
ATOM   435  N NZ    . LYS A 1 52  ? -3.790  -18.927 7.124   1.00 40.42 ? 52  LYS X NZ    1 
ATOM   436  N N     . PRO A 1 53  ? -4.437  -14.223 2.197   1.00 29.22 ? 53  PRO X N     1 
ATOM   437  C CA    . PRO A 1 53  ? -4.784  -13.305 1.103   1.00 25.48 ? 53  PRO X CA    1 
ATOM   438  C C     . PRO A 1 53  ? -6.073  -12.529 1.397   1.00 23.69 ? 53  PRO X C     1 
ATOM   439  O O     . PRO A 1 53  ? -6.915  -13.011 2.146   1.00 27.85 ? 53  PRO X O     1 
ATOM   440  C CB    . PRO A 1 53  ? -4.956  -14.236 -0.111  1.00 33.33 ? 53  PRO X CB    1 
ATOM   441  C CG    . PRO A 1 53  ? -5.240  -15.586 0.467   1.00 26.61 ? 53  PRO X CG    1 
ATOM   442  C CD    . PRO A 1 53  ? -4.526  -15.640 1.794   1.00 36.85 ? 53  PRO X CD    1 
ATOM   443  N N     . LEU A 1 54  ? -6.201  -11.333 0.837   1.00 25.31 ? 54  LEU X N     1 
ATOM   444  C CA    . LEU A 1 54  ? -7.397  -10.516 1.036   1.00 27.50 ? 54  LEU X CA    1 
ATOM   445  C C     . LEU A 1 54  ? -8.491  -10.945 0.063   1.00 18.94 ? 54  LEU X C     1 
ATOM   446  O O     . LEU A 1 54  ? -8.209  -11.243 -1.097  1.00 23.87 ? 54  LEU X O     1 
ATOM   447  C CB    . LEU A 1 54  ? -7.065  -9.033  0.866   1.00 19.36 ? 54  LEU X CB    1 
ATOM   448  C CG    . LEU A 1 54  ? -5.931  -8.574  1.796   1.00 23.22 ? 54  LEU X CG    1 
ATOM   449  C CD1   . LEU A 1 54  ? -5.664  -7.092  1.660   1.00 30.15 ? 54  LEU X CD1   1 
ATOM   450  C CD2   . LEU A 1 54  ? -6.263  -8.924  3.245   1.00 26.97 ? 54  LEU X CD2   1 
ATOM   451  N N     . PRO A 1 55  ? -9.741  -11.009 0.544   1.00 31.23 ? 55  PRO X N     1 
ATOM   452  C CA    . PRO A 1 55  ? -10.864 -11.520 -0.263  1.00 28.10 ? 55  PRO X CA    1 
ATOM   453  C C     . PRO A 1 55  ? -11.214 -10.660 -1.474  1.00 23.60 ? 55  PRO X C     1 
ATOM   454  O O     . PRO A 1 55  ? -11.094 -9.436  -1.424  1.00 23.86 ? 55  PRO X O     1 
ATOM   455  C CB    . PRO A 1 55  ? -12.040 -11.527 0.726   1.00 27.13 ? 55  PRO X CB    1 
ATOM   456  C CG    . PRO A 1 55  ? -11.411 -11.526 2.084   1.00 31.36 ? 55  PRO X CG    1 
ATOM   457  C CD    . PRO A 1 55  ? -10.128 -10.749 1.943   1.00 22.89 ? 55  PRO X CD    1 
ATOM   458  N N     . ASN A 1 56  ? -11.644 -11.318 -2.548  1.00 20.39 ? 56  ASN X N     1 
ATOM   459  C CA    . ASN A 1 56  ? -12.300 -10.666 -3.687  1.00 27.49 ? 56  ASN X CA    1 
ATOM   460  C C     . ASN A 1 56  ? -11.383 -9.790  -4.528  1.00 32.62 ? 56  ASN X C     1 
ATOM   461  O O     . ASN A 1 56  ? -11.826 -8.818  -5.142  1.00 29.48 ? 56  ASN X O     1 
ATOM   462  C CB    . ASN A 1 56  ? -13.495 -9.834  -3.218  1.00 21.58 ? 56  ASN X CB    1 
ATOM   463  C CG    . ASN A 1 56  ? -14.480 -10.639 -2.388  1.00 29.12 ? 56  ASN X CG    1 
ATOM   464  O OD1   . ASN A 1 56  ? -14.881 -10.214 -1.306  1.00 32.29 ? 56  ASN X OD1   1 
ATOM   465  N ND2   . ASN A 1 56  ? -14.857 -11.817 -2.882  1.00 28.73 ? 56  ASN X ND2   1 
ATOM   466  N N     . ARG A 1 57  ? -10.107 -10.148 -4.560  1.00 28.12 ? 57  ARG X N     1 
ATOM   467  C CA    . ARG A 1 57  ? -9.149  -9.508  -5.442  1.00 19.47 ? 57  ARG X CA    1 
ATOM   468  C C     . ARG A 1 57  ? -8.022  -10.480 -5.664  1.00 22.87 ? 57  ARG X C     1 
ATOM   469  O O     . ARG A 1 57  ? -7.823  -11.384 -4.856  1.00 18.10 ? 57  ARG X O     1 
ATOM   470  C CB    . ARG A 1 57  ? -8.627  -8.192  -4.846  1.00 25.80 ? 57  ARG X CB    1 
ATOM   471  C CG    . ARG A 1 57  ? -7.775  -8.336  -3.597  1.00 14.33 ? 57  ARG X CG    1 
ATOM   472  C CD    . ARG A 1 57  ? -8.026  -7.180  -2.674  1.00 18.93 ? 57  ARG X CD    1 
ATOM   473  N NE    . ARG A 1 57  ? -9.153  -7.437  -1.789  1.00 23.48 ? 57  ARG X NE    1 
ATOM   474  C CZ    . ARG A 1 57  ? -9.423  -6.725  -0.698  1.00 26.06 ? 57  ARG X CZ    1 
ATOM   475  N NH1   . ARG A 1 57  ? -8.656  -5.693  -0.361  1.00 19.78 ? 57  ARG X NH1   1 
ATOM   476  N NH2   . ARG A 1 57  ? -10.457 -7.048  0.059   1.00 23.75 ? 57  ARG X NH2   1 
ATOM   477  N N     . ARG A 1 58  ? -7.281  -10.303 -6.749  1.00 16.48 ? 58  ARG X N     1 
ATOM   478  C CA    . ARG A 1 58  ? -6.081  -11.095 -6.952  1.00 19.63 ? 58  ARG X CA    1 
ATOM   479  C C     . ARG A 1 58  ? -4.978  -10.638 -5.978  1.00 34.38 ? 58  ARG X C     1 
ATOM   480  O O     . ARG A 1 58  ? -4.695  -9.439  -5.862  1.00 28.44 ? 58  ARG X O     1 
ATOM   481  C CB    . ARG A 1 58  ? -5.622  -10.975 -8.393  1.00 19.91 ? 58  ARG X CB    1 
ATOM   482  C CG    . ARG A 1 58  ? -4.520  -11.909 -8.786  1.00 21.81 ? 58  ARG X CG    1 
ATOM   483  C CD    . ARG A 1 58  ? -4.179  -11.704 -10.251 1.00 20.64 ? 58  ARG X CD    1 
ATOM   484  N NE    . ARG A 1 58  ? -3.187  -12.653 -10.728 1.00 23.69 ? 58  ARG X NE    1 
ATOM   485  C CZ    . ARG A 1 58  ? -2.632  -12.601 -11.933 1.00 24.67 ? 58  ARG X CZ    1 
ATOM   486  N NH1   . ARG A 1 58  ? -2.968  -11.636 -12.770 1.00 28.74 ? 58  ARG X NH1   1 
ATOM   487  N NH2   . ARG A 1 58  ? -1.738  -13.507 -12.300 1.00 25.52 ? 58  ARG X NH2   1 
ATOM   488  N N     . ASN A 1 59  ? -4.389  -11.594 -5.263  1.00 25.51 ? 59  ASN X N     1 
ATOM   489  C CA    . ASN A 1 59  ? -3.254  -11.348 -4.376  1.00 19.71 ? 59  ASN X CA    1 
ATOM   490  C C     . ASN A 1 59  ? -1.971  -11.879 -4.997  1.00 24.30 ? 59  ASN X C     1 
ATOM   491  O O     . ASN A 1 59  ? -1.825  -13.086 -5.170  1.00 24.97 ? 59  ASN X O     1 
ATOM   492  C CB    . ASN A 1 59  ? -3.472  -12.012 -3.016  1.00 20.36 ? 59  ASN X CB    1 
ATOM   493  C CG    . ASN A 1 59  ? -4.605  -11.387 -2.226  1.00 28.66 ? 59  ASN X CG    1 
ATOM   494  O OD1   . ASN A 1 59  ? -4.382  -10.798 -1.163  1.00 17.90 ? 59  ASN X OD1   1 
ATOM   495  N ND2   . ASN A 1 59  ? -5.832  -11.531 -2.723  1.00 21.46 ? 59  ASN X ND2   1 
ATOM   496  N N     . VAL A 1 60  ? -1.045  -10.986 -5.330  1.00 21.17 ? 60  VAL X N     1 
ATOM   497  C CA    . VAL A 1 60  ? 0.226   -11.371 -5.937  1.00 11.95 ? 60  VAL X CA    1 
ATOM   498  C C     . VAL A 1 60  ? 1.380   -11.055 -4.992  1.00 18.10 ? 60  VAL X C     1 
ATOM   499  O O     . VAL A 1 60  ? 1.536   -9.918  -4.578  1.00 18.99 ? 60  VAL X O     1 
ATOM   500  C CB    . VAL A 1 60  ? 0.453   -10.651 -7.264  1.00 12.21 ? 60  VAL X CB    1 
ATOM   501  C CG1   . VAL A 1 60  ? 1.817   -11.002 -7.828  1.00 17.35 ? 60  VAL X CG1   1 
ATOM   502  C CG2   . VAL A 1 60  ? -0.648  -10.984 -8.255  1.00 15.56 ? 60  VAL X CG2   1 
ATOM   503  N N     . VAL A 1 61  ? 2.186   -12.058 -4.646  1.00 19.58 ? 61  VAL X N     1 
ATOM   504  C CA    . VAL A 1 61  ? 3.289   -11.854 -3.708  1.00 18.47 ? 61  VAL X CA    1 
ATOM   505  C C     . VAL A 1 61  ? 4.642   -11.999 -4.412  1.00 22.28 ? 61  VAL X C     1 
ATOM   506  O O     . VAL A 1 61  ? 4.914   -12.988 -5.095  1.00 17.86 ? 61  VAL X O     1 
ATOM   507  C CB    . VAL A 1 61  ? 3.206   -12.831 -2.514  1.00 18.53 ? 61  VAL X CB    1 
ATOM   508  C CG1   . VAL A 1 61  ? 4.437   -12.733 -1.647  1.00 19.57 ? 61  VAL X CG1   1 
ATOM   509  C CG2   . VAL A 1 61  ? 1.959   -12.549 -1.687  1.00 12.08 ? 61  VAL X CG2   1 
ATOM   510  N N     . LEU A 1 62  ? 5.477   -10.976 -4.259  1.00 18.62 ? 62  LEU X N     1 
ATOM   511  C CA    . LEU A 1 62  ? 6.793   -10.966 -4.870  1.00 12.41 ? 62  LEU X CA    1 
ATOM   512  C C     . LEU A 1 62  ? 7.788   -11.534 -3.878  1.00 17.79 ? 62  LEU X C     1 
ATOM   513  O O     . LEU A 1 62  ? 7.885   -11.041 -2.752  1.00 16.70 ? 62  LEU X O     1 
ATOM   514  C CB    . LEU A 1 62  ? 7.180   -9.544  -5.291  1.00 16.95 ? 62  LEU X CB    1 
ATOM   515  C CG    . LEU A 1 62  ? 8.589   -9.296  -5.836  1.00 18.62 ? 62  LEU X CG    1 
ATOM   516  C CD1   . LEU A 1 62  ? 8.845   -10.066 -7.117  1.00 19.85 ? 62  LEU X CD1   1 
ATOM   517  C CD2   . LEU A 1 62  ? 8.825   -7.811  -6.037  1.00 19.62 ? 62  LEU X CD2   1 
ATOM   518  N N     . THR A 1 63  ? 8.498   -12.592 -4.282  1.00 19.42 ? 63  THR X N     1 
ATOM   519  C CA    . THR A 1 63  ? 9.498   -13.233 -3.422  1.00 16.17 ? 63  THR X CA    1 
ATOM   520  C C     . THR A 1 63  ? 10.573  -13.940 -4.242  1.00 21.01 ? 63  THR X C     1 
ATOM   521  O O     . THR A 1 63  ? 10.342  -14.269 -5.403  1.00 19.92 ? 63  THR X O     1 
ATOM   522  C CB    . THR A 1 63  ? 8.855   -14.270 -2.458  1.00 20.09 ? 63  THR X CB    1 
ATOM   523  O OG1   . THR A 1 63  ? 9.890   -14.997 -1.792  1.00 25.39 ? 63  THR X OG1   1 
ATOM   524  C CG2   . THR A 1 63  ? 7.995   -15.258 -3.202  1.00 11.81 ? 63  THR X CG2   1 
ATOM   525  N N     . SER A 1 64  ? 11.744  -14.179 -3.642  1.00 22.21 ? 64  SER X N     1 
ATOM   526  C CA    . SER A 1 64  ? 12.778  -14.970 -4.317  1.00 30.89 ? 64  SER X CA    1 
ATOM   527  C C     . SER A 1 64  ? 12.677  -16.457 -3.938  1.00 25.00 ? 64  SER X C     1 
ATOM   528  O O     . SER A 1 64  ? 13.393  -17.289 -4.484  1.00 31.57 ? 64  SER X O     1 
ATOM   529  C CB    . SER A 1 64  ? 14.188  -14.430 -4.014  1.00 22.25 ? 64  SER X CB    1 
ATOM   530  O OG    . SER A 1 64  ? 14.540  -14.554 -2.642  1.00 21.80 ? 64  SER X OG    1 
ATOM   531  N N     . ASP A 1 65  ? 11.766  -16.779 -3.020  1.00 27.33 ? 65  ASP X N     1 
ATOM   532  C CA    . ASP A 1 65  ? 11.575  -18.145 -2.528  1.00 22.15 ? 65  ASP X CA    1 
ATOM   533  C C     . ASP A 1 65  ? 10.809  -19.001 -3.544  1.00 23.22 ? 65  ASP X C     1 
ATOM   534  O O     . ASP A 1 65  ? 9.596   -18.853 -3.721  1.00 17.18 ? 65  ASP X O     1 
ATOM   535  C CB    . ASP A 1 65  ? 10.833  -18.111 -1.176  1.00 31.80 ? 65  ASP X CB    1 
ATOM   536  C CG    . ASP A 1 65  ? 10.686  -19.500 -0.522  1.00 28.35 ? 65  ASP X CG    1 
ATOM   537  O OD1   . ASP A 1 65  ? 11.103  -20.514 -1.113  1.00 30.23 ? 65  ASP X OD1   1 
ATOM   538  O OD2   . ASP A 1 65  ? 10.144  -19.564 0.604   1.00 34.90 ? 65  ASP X OD2   1 
ATOM   539  N N     . THR A 1 66  ? 11.518  -19.913 -4.198  1.00 33.87 ? 66  THR X N     1 
ATOM   540  C CA    . THR A 1 66  ? 10.906  -20.743 -5.230  1.00 26.71 ? 66  THR X CA    1 
ATOM   541  C C     . THR A 1 66  ? 10.023  -21.851 -4.643  1.00 25.69 ? 66  THR X C     1 
ATOM   542  O O     . THR A 1 66  ? 9.387   -22.595 -5.391  1.00 28.96 ? 66  THR X O     1 
ATOM   543  C CB    . THR A 1 66  ? 11.970  -21.374 -6.133  1.00 36.86 ? 66  THR X CB    1 
ATOM   544  O OG1   . THR A 1 66  ? 12.793  -22.254 -5.358  1.00 36.56 ? 66  THR X OG1   1 
ATOM   545  C CG2   . THR A 1 66  ? 12.833  -20.286 -6.763  1.00 27.46 ? 66  THR X CG2   1 
ATOM   546  N N     . SER A 1 67  ? 9.987   -21.949 -3.311  1.00 27.10 ? 67  SER X N     1 
ATOM   547  C CA    . SER A 1 67  ? 9.091   -22.879 -2.615  1.00 26.88 ? 67  SER X CA    1 
ATOM   548  C C     . SER A 1 67  ? 7.795   -22.211 -2.225  1.00 28.19 ? 67  SER X C     1 
ATOM   549  O O     . SER A 1 67  ? 6.873   -22.861 -1.736  1.00 26.55 ? 67  SER X O     1 
ATOM   550  C CB    . SER A 1 67  ? 9.740   -23.441 -1.349  1.00 22.63 ? 67  SER X CB    1 
ATOM   551  O OG    . SER A 1 67  ? 10.794  -24.318 -1.669  1.00 34.40 ? 67  SER X OG    1 
ATOM   552  N N     . PHE A 1 68  ? 7.738   -20.899 -2.391  1.00 32.58 ? 68  PHE X N     1 
ATOM   553  C CA    . PHE A 1 68  ? 6.557   -20.172 -1.975  1.00 22.85 ? 68  PHE X CA    1 
ATOM   554  C C     . PHE A 1 68  ? 5.373   -20.646 -2.783  1.00 20.14 ? 68  PHE X C     1 
ATOM   555  O O     . PHE A 1 68  ? 5.392   -20.632 -4.013  1.00 24.84 ? 68  PHE X O     1 
ATOM   556  C CB    . PHE A 1 68  ? 6.742   -18.663 -2.149  1.00 33.89 ? 68  PHE X CB    1 
ATOM   557  C CG    . PHE A 1 68  ? 5.740   -17.841 -1.394  1.00 25.35 ? 68  PHE X CG    1 
ATOM   558  C CD1   . PHE A 1 68  ? 4.522   -17.517 -1.961  1.00 29.04 ? 68  PHE X CD1   1 
ATOM   559  C CD2   . PHE A 1 68  ? 6.019   -17.394 -0.114  1.00 31.01 ? 68  PHE X CD2   1 
ATOM   560  C CE1   . PHE A 1 68  ? 3.604   -16.753 -1.270  1.00 27.95 ? 68  PHE X CE1   1 
ATOM   561  C CE2   . PHE A 1 68  ? 5.105   -16.632 0.581   1.00 32.90 ? 68  PHE X CE2   1 
ATOM   562  C CZ    . PHE A 1 68  ? 3.897   -16.311 0.002   1.00 25.71 ? 68  PHE X CZ    1 
ATOM   563  N N     . ASN A 1 69  ? 4.339   -21.071 -2.082  1.00 29.72 ? 69  ASN X N     1 
ATOM   564  C CA    . ASN A 1 69  ? 3.123   -21.499 -2.737  1.00 43.62 ? 69  ASN X CA    1 
ATOM   565  C C     . ASN A 1 69  ? 1.998   -21.495 -1.719  1.00 52.53 ? 69  ASN X C     1 
ATOM   566  O O     . ASN A 1 69  ? 1.881   -22.415 -0.907  1.00 61.99 ? 69  ASN X O     1 
ATOM   567  C CB    . ASN A 1 69  ? 3.302   -22.882 -3.363  1.00 38.34 ? 69  ASN X CB    1 
ATOM   568  C CG    . ASN A 1 69  ? 1.997   -23.477 -3.830  1.00 53.25 ? 69  ASN X CG    1 
ATOM   569  O OD1   . ASN A 1 69  ? 1.253   -24.059 -3.036  1.00 57.04 ? 69  ASN X OD1   1 
ATOM   570  N ND2   . ASN A 1 69  ? 1.706   -23.341 -5.122  1.00 42.11 ? 69  ASN X ND2   1 
ATOM   571  N N     . VAL A 1 70  ? 1.192   -20.440 -1.746  1.00 29.01 ? 70  VAL X N     1 
ATOM   572  C CA    . VAL A 1 70  ? 0.104   -20.307 -0.798  1.00 31.58 ? 70  VAL X CA    1 
ATOM   573  C C     . VAL A 1 70  ? -1.189  -20.331 -1.594  1.00 36.12 ? 70  VAL X C     1 
ATOM   574  O O     . VAL A 1 70  ? -1.235  -19.842 -2.721  1.00 32.58 ? 70  VAL X O     1 
ATOM   575  C CB    . VAL A 1 70  ? 0.228   -19.013 0.038   1.00 34.38 ? 70  VAL X CB    1 
ATOM   576  C CG1   . VAL A 1 70  ? -0.911  -18.894 1.039   1.00 22.53 ? 70  VAL X CG1   1 
ATOM   577  C CG2   . VAL A 1 70  ? 1.568   -18.983 0.757   1.00 24.34 ? 70  VAL X CG2   1 
ATOM   578  N N     . GLU A 1 71  ? -2.231  -20.935 -1.041  1.00 34.00 ? 71  GLU X N     1 
ATOM   579  C CA    . GLU A 1 71  ? -3.469  -21.017 -1.783  1.00 37.65 ? 71  GLU X CA    1 
ATOM   580  C C     . GLU A 1 71  ? -4.195  -19.670 -1.748  1.00 32.63 ? 71  GLU X C     1 
ATOM   581  O O     . GLU A 1 71  ? -4.389  -19.072 -0.680  1.00 29.29 ? 71  GLU X O     1 
ATOM   582  C CB    . GLU A 1 71  ? -4.361  -22.128 -1.242  1.00 39.62 ? 71  GLU X CB    1 
ATOM   583  C CG    . GLU A 1 71  ? -5.566  -22.385 -2.132  1.00 63.34 ? 71  GLU X CG    1 
ATOM   584  C CD    . GLU A 1 71  ? -6.814  -22.719 -1.344  1.00 82.24 ? 71  GLU X CD    1 
ATOM   585  O OE1   . GLU A 1 71  ? -6.757  -22.664 -0.093  1.00 75.61 ? 71  GLU X OE1   1 
ATOM   586  O OE2   . GLU A 1 71  ? -7.853  -23.018 -1.980  1.00 73.52 ? 71  GLU X OE2   1 
ATOM   587  N N     . GLY A 1 72  ? -4.582  -19.205 -2.933  1.00 27.22 ? 72  GLY X N     1 
ATOM   588  C CA    . GLY A 1 72  ? -5.264  -17.935 -3.085  1.00 29.19 ? 72  GLY X CA    1 
ATOM   589  C C     . GLY A 1 72  ? -4.288  -16.848 -3.471  1.00 30.14 ? 72  GLY X C     1 
ATOM   590  O O     . GLY A 1 72  ? -4.664  -15.695 -3.636  1.00 35.23 ? 72  GLY X O     1 
ATOM   591  N N     . VAL A 1 73  ? -3.026  -17.230 -3.621  1.00 26.25 ? 73  VAL X N     1 
ATOM   592  C CA    . VAL A 1 73  ? -1.950  -16.285 -3.875  1.00 25.16 ? 73  VAL X CA    1 
ATOM   593  C C     . VAL A 1 73  ? -1.208  -16.668 -5.138  1.00 21.07 ? 73  VAL X C     1 
ATOM   594  O O     . VAL A 1 73  ? -0.812  -17.804 -5.293  1.00 24.25 ? 73  VAL X O     1 
ATOM   595  C CB    . VAL A 1 73  ? -0.946  -16.239 -2.693  1.00 18.87 ? 73  VAL X CB    1 
ATOM   596  C CG1   . VAL A 1 73  ? 0.275   -15.414 -3.042  1.00 23.14 ? 73  VAL X CG1   1 
ATOM   597  C CG2   . VAL A 1 73  ? -1.609  -15.720 -1.446  1.00 20.97 ? 73  VAL X CG2   1 
ATOM   598  N N     . ASP A 1 74  ? -1.019  -15.720 -6.042  1.00 24.16 ? 74  ASP X N     1 
ATOM   599  C CA    . ASP A 1 74  ? -0.138  -15.932 -7.181  1.00 19.92 ? 74  ASP X CA    1 
ATOM   600  C C     . ASP A 1 74  ? 1.232   -15.388 -6.846  1.00 28.05 ? 74  ASP X C     1 
ATOM   601  O O     . ASP A 1 74  ? 1.343   -14.408 -6.117  1.00 32.63 ? 74  ASP X O     1 
ATOM   602  C CB    . ASP A 1 74  ? -0.664  -15.247 -8.440  1.00 20.80 ? 74  ASP X CB    1 
ATOM   603  C CG    . ASP A 1 74  ? -2.074  -15.639 -8.764  1.00 25.05 ? 74  ASP X CG    1 
ATOM   604  O OD1   . ASP A 1 74  ? -2.545  -16.683 -8.256  1.00 30.62 ? 74  ASP X OD1   1 
ATOM   605  O OD2   . ASP A 1 74  ? -2.713  -14.897 -9.536  1.00 39.23 ? 74  ASP X OD2   1 
ATOM   606  N N     . VAL A 1 75  ? 2.266   -16.012 -7.399  1.00 24.62 ? 75  VAL X N     1 
ATOM   607  C CA    . VAL A 1 75  ? 3.633   -15.711 -7.009  1.00 28.51 ? 75  VAL X CA    1 
ATOM   608  C C     . VAL A 1 75  ? 4.402   -15.201 -8.205  1.00 20.64 ? 75  VAL X C     1 
ATOM   609  O O     . VAL A 1 75  ? 4.258   -15.715 -9.312  1.00 28.49 ? 75  VAL X O     1 
ATOM   610  C CB    . VAL A 1 75  ? 4.358   -16.952 -6.421  1.00 25.49 ? 75  VAL X CB    1 
ATOM   611  C CG1   . VAL A 1 75  ? 5.706   -16.567 -5.842  1.00 16.05 ? 75  VAL X CG1   1 
ATOM   612  C CG2   . VAL A 1 75  ? 3.502   -17.602 -5.353  1.00 35.39 ? 75  VAL X CG2   1 
ATOM   613  N N     . ILE A 1 76  ? 5.198   -14.166 -7.983  1.00 20.02 ? 76  ILE X N     1 
ATOM   614  C CA    . ILE A 1 76  ? 6.105   -13.675 -9.008  1.00 22.20 ? 76  ILE X CA    1 
ATOM   615  C C     . ILE A 1 76  ? 7.481   -13.555 -8.367  1.00 20.15 ? 76  ILE X C     1 
ATOM   616  O O     . ILE A 1 76  ? 7.587   -13.460 -7.142  1.00 19.74 ? 76  ILE X O     1 
ATOM   617  C CB    . ILE A 1 76  ? 5.637   -12.322 -9.605  1.00 27.30 ? 76  ILE X CB    1 
ATOM   618  C CG1   . ILE A 1 76  ? 5.591   -11.235 -8.525  1.00 23.57 ? 76  ILE X CG1   1 
ATOM   619  C CG2   . ILE A 1 76  ? 4.260   -12.484 -10.263 1.00 19.27 ? 76  ILE X CG2   1 
ATOM   620  C CD1   . ILE A 1 76  ? 5.304   -9.834  -9.051  1.00 20.13 ? 76  ILE X CD1   1 
ATOM   621  N N     . HIS A 1 77  ? 8.529   -13.570 -9.185  1.00 27.91 ? 77  HIS X N     1 
ATOM   622  C CA    . HIS A 1 77  ? 9.892   -13.630 -8.671  1.00 25.10 ? 77  HIS X CA    1 
ATOM   623  C C     . HIS A 1 77  ? 10.739  -12.488 -9.191  1.00 27.21 ? 77  HIS X C     1 
ATOM   624  O O     . HIS A 1 77  ? 11.902  -12.329 -8.804  1.00 22.40 ? 77  HIS X O     1 
ATOM   625  C CB    . HIS A 1 77  ? 10.533  -14.972 -9.036  1.00 28.50 ? 77  HIS X CB    1 
ATOM   626  C CG    . HIS A 1 77  ? 9.830   -16.144 -8.436  1.00 28.02 ? 77  HIS X CG    1 
ATOM   627  N ND1   . HIS A 1 77  ? 9.783   -16.362 -7.075  1.00 26.04 ? 77  HIS X ND1   1 
ATOM   628  C CD2   . HIS A 1 77  ? 9.113   -17.142 -9.004  1.00 25.87 ? 77  HIS X CD2   1 
ATOM   629  C CE1   . HIS A 1 77  ? 9.081   -17.454 -6.832  1.00 25.52 ? 77  HIS X CE1   1 
ATOM   630  N NE2   . HIS A 1 77  ? 8.658   -17.944 -7.984  1.00 29.69 ? 77  HIS X NE2   1 
ATOM   631  N N     . SER A 1 78  ? 10.143  -11.686 -10.065 1.00 27.16 ? 78  SER X N     1 
ATOM   632  C CA    . SER A 1 78  ? 10.821  -10.523 -10.614 1.00 26.78 ? 78  SER X CA    1 
ATOM   633  C C     . SER A 1 78  ? 9.917   -9.301  -10.562 1.00 22.91 ? 78  SER X C     1 
ATOM   634  O O     . SER A 1 78  ? 8.697   -9.417  -10.703 1.00 24.03 ? 78  SER X O     1 
ATOM   635  C CB    . SER A 1 78  ? 11.262  -10.787 -12.059 1.00 29.10 ? 78  SER X CB    1 
ATOM   636  O OG    . SER A 1 78  ? 11.832  -9.625  -12.640 1.00 49.44 ? 78  SER X OG    1 
ATOM   637  N N     . ILE A 1 79  ? 10.522  -8.139  -10.335 1.00 25.62 ? 79  ILE X N     1 
ATOM   638  C CA    . ILE A 1 79  ? 9.844   -6.863  -10.536 1.00 25.73 ? 79  ILE X CA    1 
ATOM   639  C C     . ILE A 1 79  ? 9.168   -6.847  -11.906 1.00 26.16 ? 79  ILE X C     1 
ATOM   640  O O     . ILE A 1 79  ? 8.004   -6.460  -12.030 1.00 24.39 ? 79  ILE X O     1 
ATOM   641  C CB    . ILE A 1 79  ? 10.835  -5.680  -10.431 1.00 28.74 ? 79  ILE X CB    1 
ATOM   642  C CG1   . ILE A 1 79  ? 11.035  -5.276  -8.974  1.00 28.17 ? 79  ILE X CG1   1 
ATOM   643  C CG2   . ILE A 1 79  ? 10.329  -4.486  -11.205 1.00 40.23 ? 79  ILE X CG2   1 
ATOM   644  C CD1   . ILE A 1 79  ? 9.775   -4.783  -8.314  1.00 29.54 ? 79  ILE X CD1   1 
ATOM   645  N N     . GLU A 1 80  ? 9.899   -7.308  -12.923 1.00 27.23 ? 80  GLU X N     1 
ATOM   646  C CA    . GLU A 1 80  ? 9.455   -7.239  -14.319 1.00 25.83 ? 80  GLU X CA    1 
ATOM   647  C C     . GLU A 1 80  ? 8.137   -7.967  -14.549 1.00 29.33 ? 80  GLU X C     1 
ATOM   648  O O     . GLU A 1 80  ? 7.373   -7.601  -15.438 1.00 33.72 ? 80  GLU X O     1 
ATOM   649  C CB    . GLU A 1 80  ? 10.540  -7.801  -15.244 1.00 29.89 ? 80  GLU X CB    1 
ATOM   650  C CG    . GLU A 1 80  ? 11.916  -7.178  -15.013 1.00 44.14 ? 80  GLU X CG    1 
ATOM   651  C CD    . GLU A 1 80  ? 11.959  -5.686  -15.351 1.00 66.85 ? 80  GLU X CD    1 
ATOM   652  O OE1   . GLU A 1 80  ? 11.338  -5.287  -16.365 1.00 60.64 ? 80  GLU X OE1   1 
ATOM   653  O OE2   . GLU A 1 80  ? 12.614  -4.914  -14.607 1.00 52.93 ? 80  GLU X OE2   1 
ATOM   654  N N     . ASP A 1 81  ? 7.849   -8.969  -13.720 1.00 25.96 ? 81  ASP X N     1 
ATOM   655  C CA    . ASP A 1 81  ? 6.593   -9.704  -13.822 1.00 24.89 ? 81  ASP X CA    1 
ATOM   656  C C     . ASP A 1 81  ? 5.373   -8.831  -13.520 1.00 35.46 ? 81  ASP X C     1 
ATOM   657  O O     . ASP A 1 81  ? 4.257   -9.150  -13.939 1.00 30.26 ? 81  ASP X O     1 
ATOM   658  C CB    . ASP A 1 81  ? 6.612   -10.909 -12.876 1.00 26.91 ? 81  ASP X CB    1 
ATOM   659  C CG    . ASP A 1 81  ? 7.645   -11.946 -13.280 1.00 30.61 ? 81  ASP X CG    1 
ATOM   660  O OD1   . ASP A 1 81  ? 7.676   -12.322 -14.470 1.00 35.53 ? 81  ASP X OD1   1 
ATOM   661  O OD2   . ASP A 1 81  ? 8.443   -12.360 -12.416 1.00 34.96 ? 81  ASP X OD2   1 
ATOM   662  N N     . ILE A 1 82  ? 5.586   -7.742  -12.783 1.00 30.22 ? 82  ILE X N     1 
ATOM   663  C CA    . ILE A 1 82  ? 4.486   -6.858  -12.407 1.00 25.29 ? 82  ILE X CA    1 
ATOM   664  C C     . ILE A 1 82  ? 3.825   -6.289  -13.654 1.00 23.71 ? 82  ILE X C     1 
ATOM   665  O O     . ILE A 1 82  ? 2.592   -6.247  -13.751 1.00 27.90 ? 82  ILE X O     1 
ATOM   666  C CB    . ILE A 1 82  ? 4.962   -5.708  -11.487 1.00 25.55 ? 82  ILE X CB    1 
ATOM   667  C CG1   . ILE A 1 82  ? 5.374   -6.269  -10.122 1.00 24.71 ? 82  ILE X CG1   1 
ATOM   668  C CG2   . ILE A 1 82  ? 3.870   -4.631  -11.333 1.00 17.70 ? 82  ILE X CG2   1 
ATOM   669  C CD1   . ILE A 1 82  ? 6.001   -5.250  -9.174  1.00 25.07 ? 82  ILE X CD1   1 
ATOM   670  N N     . TYR A 1 83  ? 4.645   -5.901  -14.625 1.00 24.62 ? 83  TYR X N     1 
ATOM   671  C CA    . TYR A 1 83  ? 4.147   -5.268  -15.848 1.00 34.81 ? 83  TYR X CA    1 
ATOM   672  C C     . TYR A 1 83  ? 3.333   -6.219  -16.734 1.00 37.74 ? 83  TYR X C     1 
ATOM   673  O O     . TYR A 1 83  ? 2.709   -5.786  -17.704 1.00 39.96 ? 83  TYR X O     1 
ATOM   674  C CB    . TYR A 1 83  ? 5.317   -4.683  -16.646 1.00 24.71 ? 83  TYR X CB    1 
ATOM   675  C CG    . TYR A 1 83  ? 6.217   -3.791  -15.824 1.00 26.30 ? 83  TYR X CG    1 
ATOM   676  C CD1   . TYR A 1 83  ? 5.754   -2.579  -15.314 1.00 34.20 ? 83  TYR X CD1   1 
ATOM   677  C CD2   . TYR A 1 83  ? 7.528   -4.153  -15.554 1.00 29.03 ? 83  TYR X CD2   1 
ATOM   678  C CE1   . TYR A 1 83  ? 6.576   -1.753  -14.553 1.00 31.07 ? 83  TYR X CE1   1 
ATOM   679  C CE2   . TYR A 1 83  ? 8.360   -3.335  -14.794 1.00 34.91 ? 83  TYR X CE2   1 
ATOM   680  C CZ    . TYR A 1 83  ? 7.879   -2.139  -14.296 1.00 36.04 ? 83  TYR X CZ    1 
ATOM   681  O OH    . TYR A 1 83  ? 8.703   -1.328  -13.549 1.00 35.94 ? 83  TYR X OH    1 
ATOM   682  N N     . GLN A 1 84  ? 3.325   -7.506  -16.394 1.00 25.53 ? 84  GLN X N     1 
ATOM   683  C CA    . GLN A 1 84  ? 2.566   -8.496  -17.158 1.00 37.49 ? 84  GLN X CA    1 
ATOM   684  C C     . GLN A 1 84  ? 1.192   -8.709  -16.569 1.00 36.19 ? 84  GLN X C     1 
ATOM   685  O O     . GLN A 1 84  ? 0.354   -9.369  -17.166 1.00 31.97 ? 84  GLN X O     1 
ATOM   686  C CB    . GLN A 1 84  ? 3.317   -9.827  -17.206 1.00 39.29 ? 84  GLN X CB    1 
ATOM   687  C CG    . GLN A 1 84  ? 4.614   -9.679  -17.936 1.00 44.44 ? 84  GLN X CG    1 
ATOM   688  C CD    . GLN A 1 84  ? 4.389   -9.219  -19.354 1.00 51.30 ? 84  GLN X CD    1 
ATOM   689  O OE1   . GLN A 1 84  ? 3.520   -9.746  -20.058 1.00 63.93 ? 84  GLN X OE1   1 
ATOM   690  N NE2   . GLN A 1 84  ? 5.109   -8.173  -19.757 1.00 37.73 ? 84  GLN X NE2   1 
ATOM   691  N N     . LEU A 1 85  ? 0.965   -8.167  -15.382 1.00 30.90 ? 85  LEU X N     1 
ATOM   692  C CA    . LEU A 1 85  ? -0.319  -8.352  -14.737 1.00 27.20 ? 85  LEU X CA    1 
ATOM   693  C C     . LEU A 1 85  ? -1.352  -7.484  -15.435 1.00 29.43 ? 85  LEU X C     1 
ATOM   694  O O     . LEU A 1 85  ? -1.112  -6.300  -15.678 1.00 30.65 ? 85  LEU X O     1 
ATOM   695  C CB    . LEU A 1 85  ? -0.233  -8.020  -13.246 1.00 23.72 ? 85  LEU X CB    1 
ATOM   696  C CG    . LEU A 1 85  ? 0.802   -8.846  -12.484 1.00 24.59 ? 85  LEU X CG    1 
ATOM   697  C CD1   . LEU A 1 85  ? 1.014   -8.262  -11.097 1.00 21.97 ? 85  LEU X CD1   1 
ATOM   698  C CD2   . LEU A 1 85  ? 0.343   -10.284 -12.391 1.00 24.42 ? 85  LEU X CD2   1 
ATOM   699  N N     . PRO A 1 86  ? -2.492  -8.080  -15.799 1.00 39.25 ? 86  PRO X N     1 
ATOM   700  C CA    . PRO A 1 86  ? -3.596  -7.329  -16.399 1.00 34.25 ? 86  PRO X CA    1 
ATOM   701  C C     . PRO A 1 86  ? -4.447  -6.557  -15.391 1.00 35.70 ? 86  PRO X C     1 
ATOM   702  O O     . PRO A 1 86  ? -4.537  -6.917  -14.204 1.00 30.32 ? 86  PRO X O     1 
ATOM   703  C CB    . PRO A 1 86  ? -4.434  -8.427  -17.061 1.00 27.95 ? 86  PRO X CB    1 
ATOM   704  C CG    . PRO A 1 86  ? -4.175  -9.633  -16.221 1.00 31.40 ? 86  PRO X CG    1 
ATOM   705  C CD    . PRO A 1 86  ? -2.721  -9.536  -15.856 1.00 31.25 ? 86  PRO X CD    1 
ATOM   706  N N     . GLY A 1 87  ? -5.085  -5.499  -15.885 1.00 22.37 ? 87  GLY X N     1 
ATOM   707  C CA    . GLY A 1 87  ? -6.105  -4.799  -15.132 1.00 21.98 ? 87  GLY X CA    1 
ATOM   708  C C     . GLY A 1 87  ? -5.524  -3.675  -14.309 1.00 23.45 ? 87  GLY X C     1 
ATOM   709  O O     . GLY A 1 87  ? -4.432  -3.191  -14.598 1.00 18.42 ? 87  GLY X O     1 
ATOM   710  N N     . HIS A 1 88  ? -6.257  -3.248  -13.287 1.00 19.15 ? 88  HIS X N     1 
ATOM   711  C CA    . HIS A 1 88  ? -5.737  -2.228  -12.381 1.00 24.02 ? 88  HIS X CA    1 
ATOM   712  C C     . HIS A 1 88  ? -4.879  -2.895  -11.297 1.00 16.40 ? 88  HIS X C     1 
ATOM   713  O O     . HIS A 1 88  ? -5.382  -3.672  -10.493 1.00 16.65 ? 88  HIS X O     1 
ATOM   714  C CB    . HIS A 1 88  ? -6.880  -1.418  -11.759 1.00 17.86 ? 88  HIS X CB    1 
ATOM   715  C CG    . HIS A 1 88  ? -6.444  -0.111  -11.177 1.00 22.71 ? 88  HIS X CG    1 
ATOM   716  N ND1   . HIS A 1 88  ? -7.335  0.853   -10.754 1.00 20.77 ? 88  HIS X ND1   1 
ATOM   717  C CD2   . HIS A 1 88  ? -5.206  0.397   -10.954 1.00 19.80 ? 88  HIS X CD2   1 
ATOM   718  C CE1   . HIS A 1 88  ? -6.665  1.895   -10.292 1.00 29.37 ? 88  HIS X CE1   1 
ATOM   719  N NE2   . HIS A 1 88  ? -5.373  1.642   -10.398 1.00 22.61 ? 88  HIS X NE2   1 
ATOM   720  N N     . VAL A 1 89  ? -3.586  -2.595  -11.293 1.00 19.75 ? 89  VAL X N     1 
ATOM   721  C CA    . VAL A 1 89  ? -2.648  -3.217  -10.358 1.00 19.10 ? 89  VAL X CA    1 
ATOM   722  C C     . VAL A 1 89  ? -2.194  -2.217  -9.290  1.00 20.33 ? 89  VAL X C     1 
ATOM   723  O O     . VAL A 1 89  ? -1.660  -1.165  -9.619  1.00 17.81 ? 89  VAL X O     1 
ATOM   724  C CB    . VAL A 1 89  ? -1.409  -3.778  -11.113 1.00 25.63 ? 89  VAL X CB    1 
ATOM   725  C CG1   . VAL A 1 89  ? -0.315  -4.206  -10.147 1.00 19.63 ? 89  VAL X CG1   1 
ATOM   726  C CG2   . VAL A 1 89  ? -1.820  -4.937  -12.007 1.00 20.19 ? 89  VAL X CG2   1 
ATOM   727  N N     . PHE A 1 90  ? -2.424  -2.537  -8.018  1.00 16.67 ? 90  PHE X N     1 
ATOM   728  C CA    . PHE A 1 90  ? -1.972  -1.682  -6.921  1.00 14.34 ? 90  PHE X CA    1 
ATOM   729  C C     . PHE A 1 90  ? -0.733  -2.244  -6.248  1.00 23.06 ? 90  PHE X C     1 
ATOM   730  O O     . PHE A 1 90  ? -0.763  -3.378  -5.751  1.00 14.45 ? 90  PHE X O     1 
ATOM   731  C CB    . PHE A 1 90  ? -3.066  -1.514  -5.866  1.00 10.66 ? 90  PHE X CB    1 
ATOM   732  C CG    . PHE A 1 90  ? -4.327  -0.900  -6.390  1.00 21.80 ? 90  PHE X CG    1 
ATOM   733  C CD1   . PHE A 1 90  ? -5.324  -1.695  -6.941  1.00 13.24 ? 90  PHE X CD1   1 
ATOM   734  C CD2   . PHE A 1 90  ? -4.522  0.481   -6.327  1.00 22.85 ? 90  PHE X CD2   1 
ATOM   735  C CE1   . PHE A 1 90  ? -6.492  -1.129  -7.430  1.00 20.53 ? 90  PHE X CE1   1 
ATOM   736  C CE2   . PHE A 1 90  ? -5.693  1.066   -6.822  1.00 21.54 ? 90  PHE X CE2   1 
ATOM   737  C CZ    . PHE A 1 90  ? -6.677  0.259   -7.371  1.00 27.76 ? 90  PHE X CZ    1 
ATOM   738  N N     . ILE A 1 91  ? 0.344   -1.458  -6.225  1.00 15.32 ? 91  ILE X N     1 
ATOM   739  C CA    . ILE A 1 91  ? 1.506   -1.783  -5.387  1.00 13.76 ? 91  ILE X CA    1 
ATOM   740  C C     . ILE A 1 91  ? 1.164   -1.516  -3.918  1.00 14.73 ? 91  ILE X C     1 
ATOM   741  O O     . ILE A 1 91  ? 0.931   -0.378  -3.529  1.00 14.26 ? 91  ILE X O     1 
ATOM   742  C CB    . ILE A 1 91  ? 2.732   -0.970  -5.767  1.00 14.00 ? 91  ILE X CB    1 
ATOM   743  C CG1   . ILE A 1 91  ? 3.046   -1.123  -7.260  1.00 15.87 ? 91  ILE X CG1   1 
ATOM   744  C CG2   . ILE A 1 91  ? 3.916   -1.387  -4.901  1.00 17.40 ? 91  ILE X CG2   1 
ATOM   745  C CD1   . ILE A 1 91  ? 3.336   -2.559  -7.680  1.00 18.10 ? 91  ILE X CD1   1 
ATOM   746  N N     . PHE A 1 92  ? 1.141   -2.567  -3.109  1.00 13.34 ? 92  PHE X N     1 
ATOM   747  C CA    . PHE A 1 92  ? 0.499   -2.523  -1.804  1.00 14.84 ? 92  PHE X CA    1 
ATOM   748  C C     . PHE A 1 92  ? 1.501   -2.473  -0.652  1.00 17.52 ? 92  PHE X C     1 
ATOM   749  O O     . PHE A 1 92  ? 1.125   -2.179  0.481   1.00 16.10 ? 92  PHE X O     1 
ATOM   750  C CB    . PHE A 1 92  ? -0.412  -3.745  -1.668  1.00 12.65 ? 92  PHE X CB    1 
ATOM   751  C CG    . PHE A 1 92  ? -1.343  -3.713  -0.479  1.00 12.31 ? 92  PHE X CG    1 
ATOM   752  C CD1   . PHE A 1 92  ? -2.348  -2.764  -0.384  1.00 23.62 ? 92  PHE X CD1   1 
ATOM   753  C CD2   . PHE A 1 92  ? -1.260  -4.689  0.507   1.00 16.42 ? 92  PHE X CD2   1 
ATOM   754  C CE1   . PHE A 1 92  ? -3.227  -2.763  0.696   1.00 19.23 ? 92  PHE X CE1   1 
ATOM   755  C CE2   . PHE A 1 92  ? -2.143  -4.696  1.576   1.00 23.02 ? 92  PHE X CE2   1 
ATOM   756  C CZ    . PHE A 1 92  ? -3.124  -3.731  1.670   1.00 18.57 ? 92  PHE X CZ    1 
ATOM   757  N N     . GLY A 1 93  ? 2.772   -2.739  -0.934  1.00 11.33 ? 93  GLY X N     1 
ATOM   758  C CA    . GLY A 1 93  ? 3.778   -2.733  0.126   1.00 14.10 ? 93  GLY X CA    1 
ATOM   759  C C     . GLY A 1 93  ? 4.847   -3.792  -0.067  1.00 17.00 ? 93  GLY X C     1 
ATOM   760  O O     . GLY A 1 93  ? 4.713   -4.630  -0.965  1.00 17.96 ? 93  GLY X O     1 
ATOM   761  N N     . GLY A 1 94  ? 5.920   -3.748  0.730   1.00 14.33 ? 94  GLY X N     1 
ATOM   762  C CA    . GLY A 1 94  ? 6.120   -2.726  1.746   1.00 12.74 ? 94  GLY X CA    1 
ATOM   763  C C     . GLY A 1 94  ? 7.171   -1.708  1.337   1.00 12.43 ? 94  GLY X C     1 
ATOM   764  O O     . GLY A 1 94  ? 7.205   -1.258  0.181   1.00 12.35 ? 94  GLY X O     1 
ATOM   765  N N     . GLN A 1 95  ? 8.040   -1.340  2.275   1.00 13.84 ? 95  GLN X N     1 
ATOM   766  C CA    . GLN A 1 95  ? 9.045   -0.323  1.990   1.00 10.70 ? 95  GLN X CA    1 
ATOM   767  C C     . GLN A 1 95  ? 9.917   -0.686  0.791   1.00 17.44 ? 95  GLN X C     1 
ATOM   768  O O     . GLN A 1 95  ? 10.177  0.147   -0.081  1.00 14.96 ? 95  GLN X O     1 
ATOM   769  C CB    . GLN A 1 95  ? 9.946   -0.080  3.200   1.00 10.22 ? 95  GLN X CB    1 
ATOM   770  C CG    . GLN A 1 95  ? 11.195  0.727   2.820   1.00 10.82 ? 95  GLN X CG    1 
ATOM   771  C CD    . GLN A 1 95  ? 12.065  1.119   4.013   1.00 14.19 ? 95  GLN X CD    1 
ATOM   772  O OE1   . GLN A 1 95  ? 11.586  1.250   5.138   1.00 12.42 ? 95  GLN X OE1   1 
ATOM   773  N NE2   . GLN A 1 95  ? 13.348  1.328   3.755   1.00 18.91 ? 95  GLN X NE2   1 
ATOM   774  N N     . THR A 1 96  ? 10.385  -1.930  0.758   1.00 18.50 ? 96  THR X N     1 
ATOM   775  C CA    . THR A 1 96  ? 11.256  -2.372  -0.322  1.00 15.09 ? 96  THR X CA    1 
ATOM   776  C C     . THR A 1 96  ? 10.545  -2.258  -1.681  1.00 16.93 ? 96  THR X C     1 
ATOM   777  O O     . THR A 1 96  ? 11.098  -1.729  -2.650  1.00 15.17 ? 96  THR X O     1 
ATOM   778  C CB    . THR A 1 96  ? 11.736  -3.825  -0.084  1.00 16.95 ? 96  THR X CB    1 
ATOM   779  O OG1   . THR A 1 96  ? 12.516  -3.886  1.123   1.00 16.43 ? 96  THR X OG1   1 
ATOM   780  C CG2   . THR A 1 96  ? 12.586  -4.286  -1.232  1.00 19.99 ? 96  THR X CG2   1 
ATOM   781  N N     . LEU A 1 97  ? 9.312   -2.740  -1.758  1.00 16.29 ? 97  LEU X N     1 
ATOM   782  C CA    . LEU A 1 97  ? 8.599   -2.679  -3.024  1.00 17.99 ? 97  LEU X CA    1 
ATOM   783  C C     . LEU A 1 97  ? 8.223   -1.224  -3.389  1.00 18.97 ? 97  LEU X C     1 
ATOM   784  O O     . LEU A 1 97  ? 8.300   -0.839  -4.557  1.00 17.96 ? 97  LEU X O     1 
ATOM   785  C CB    . LEU A 1 97  ? 7.358   -3.572  -2.981  1.00 22.67 ? 97  LEU X CB    1 
ATOM   786  C CG    . LEU A 1 97  ? 6.686   -3.815  -4.331  1.00 27.00 ? 97  LEU X CG    1 
ATOM   787  C CD1   . LEU A 1 97  ? 7.648   -4.470  -5.311  1.00 18.98 ? 97  LEU X CD1   1 
ATOM   788  C CD2   . LEU A 1 97  ? 5.455   -4.659  -4.136  1.00 29.03 ? 97  LEU X CD2   1 
ATOM   789  N N     . PHE A 1 98  ? 7.833   -0.418  -2.400  1.00 12.11 ? 98  PHE X N     1 
ATOM   790  C CA    . PHE A 1 98  ? 7.567   0.998   -2.664  1.00 17.93 ? 98  PHE X CA    1 
ATOM   791  C C     . PHE A 1 98  ? 8.806   1.670   -3.254  1.00 17.54 ? 98  PHE X C     1 
ATOM   792  O O     . PHE A 1 98  ? 8.696   2.411   -4.233  1.00 15.98 ? 98  PHE X O     1 
ATOM   793  C CB    . PHE A 1 98  ? 7.109   1.725   -1.395  1.00 9.44  ? 98  PHE X CB    1 
ATOM   794  C CG    . PHE A 1 98  ? 5.707   1.372   -0.972  1.00 12.88 ? 98  PHE X CG    1 
ATOM   795  C CD1   . PHE A 1 98  ? 4.710   1.198   -1.922  1.00 11.08 ? 98  PHE X CD1   1 
ATOM   796  C CD2   . PHE A 1 98  ? 5.388   1.211   0.365   1.00 8.26  ? 98  PHE X CD2   1 
ATOM   797  C CE1   . PHE A 1 98  ? 3.414   0.871   -1.549  1.00 8.47  ? 98  PHE X CE1   1 
ATOM   798  C CE2   . PHE A 1 98  ? 4.103   0.872   0.749   1.00 11.05 ? 98  PHE X CE2   1 
ATOM   799  C CZ    . PHE A 1 98  ? 3.111   0.704   -0.207  1.00 8.71  ? 98  PHE X CZ    1 
ATOM   800  N N     . GLU A 1 99  ? 9.982   1.381   -2.693  1.00 10.25 ? 99  GLU X N     1 
ATOM   801  C CA    . GLU A 1 99  ? 11.225  1.961   -3.200  1.00 14.26 ? 99  GLU X CA    1 
ATOM   802  C C     . GLU A 1 99  ? 11.499  1.531   -4.638  1.00 15.78 ? 99  GLU X C     1 
ATOM   803  O O     . GLU A 1 99  ? 11.950  2.323   -5.466  1.00 17.22 ? 99  GLU X O     1 
ATOM   804  C CB    . GLU A 1 99  ? 12.405  1.578   -2.302  1.00 12.08 ? 99  GLU X CB    1 
ATOM   805  C CG    . GLU A 1 99  ? 12.415  2.311   -0.961  1.00 22.78 ? 99  GLU X CG    1 
ATOM   806  C CD    . GLU A 1 99  ? 13.469  1.781   0.025   1.00 18.46 ? 99  GLU X CD    1 
ATOM   807  O OE1   . GLU A 1 99  ? 13.608  2.382   1.109   1.00 20.11 ? 99  GLU X OE1   1 
ATOM   808  O OE2   . GLU A 1 99  ? 14.137  0.760   -0.267  1.00 23.13 ? 99  GLU X OE2   1 
ATOM   809  N N     . GLU A 1 100 ? 11.203  0.277   -4.945  1.00 19.15 ? 100 GLU X N     1 
ATOM   810  C CA    . GLU A 1 100 ? 11.421  -0.240  -6.288  1.00 15.87 ? 100 GLU X CA    1 
ATOM   811  C C     . GLU A 1 100 ? 10.421  0.298   -7.301  1.00 21.96 ? 100 GLU X C     1 
ATOM   812  O O     . GLU A 1 100 ? 10.719  0.343   -8.489  1.00 20.14 ? 100 GLU X O     1 
ATOM   813  C CB    . GLU A 1 100 ? 11.369  -1.766  -6.269  1.00 13.85 ? 100 GLU X CB    1 
ATOM   814  C CG    . GLU A 1 100 ? 12.445  -2.378  -5.370  1.00 18.59 ? 100 GLU X CG    1 
ATOM   815  C CD    . GLU A 1 100 ? 12.367  -3.894  -5.284  1.00 20.46 ? 100 GLU X CD    1 
ATOM   816  O OE1   . GLU A 1 100 ? 11.635  -4.416  -4.409  1.00 18.42 ? 100 GLU X OE1   1 
ATOM   817  O OE2   . GLU A 1 100 ? 13.048  -4.559  -6.091  1.00 19.93 ? 100 GLU X OE2   1 
ATOM   818  N N     . MET A 1 101 ? 9.238   0.708   -6.846  1.00 17.89 ? 101 MET X N     1 
ATOM   819  C CA    . MET A 1 101 ? 8.160   1.008   -7.792  1.00 13.41 ? 101 MET X CA    1 
ATOM   820  C C     . MET A 1 101 ? 7.747   2.483   -7.898  1.00 17.76 ? 101 MET X C     1 
ATOM   821  O O     . MET A 1 101 ? 7.040   2.850   -8.838  1.00 17.79 ? 101 MET X O     1 
ATOM   822  C CB    . MET A 1 101 ? 6.925   0.171   -7.446  1.00 13.07 ? 101 MET X CB    1 
ATOM   823  C CG    . MET A 1 101 ? 7.096   -1.342  -7.663  1.00 24.21 ? 101 MET X CG    1 
ATOM   824  S SD    . MET A 1 101 ? 7.735   -1.770  -9.314  1.00 24.02 ? 101 MET X SD    1 
ATOM   825  C CE    . MET A 1 101 ? 6.348   -1.288  -10.333 1.00 15.14 ? 101 MET X CE    1 
ATOM   826  N N     . ILE A 1 102 ? 8.180   3.325   -6.965  1.00 14.10 ? 102 ILE X N     1 
ATOM   827  C CA    . ILE A 1 102 ? 7.638   4.691   -6.891  1.00 19.10 ? 102 ILE X CA    1 
ATOM   828  C C     . ILE A 1 102 ? 7.959   5.509   -8.140  1.00 23.26 ? 102 ILE X C     1 
ATOM   829  O O     . ILE A 1 102 ? 7.161   6.354   -8.535  1.00 22.53 ? 102 ILE X O     1 
ATOM   830  C CB    . ILE A 1 102 ? 8.135   5.463   -5.636  1.00 16.24 ? 102 ILE X CB    1 
ATOM   831  C CG1   . ILE A 1 102 ? 7.363   6.786   -5.480  1.00 20.87 ? 102 ILE X CG1   1 
ATOM   832  C CG2   . ILE A 1 102 ? 9.666   5.670   -5.652  1.00 15.95 ? 102 ILE X CG2   1 
ATOM   833  C CD1   . ILE A 1 102 ? 7.470   7.416   -4.089  1.00 14.37 ? 102 ILE X CD1   1 
ATOM   834  N N     . ASP A 1 103 ? 9.096   5.227   -8.777  1.00 16.96 ? 103 ASP X N     1 
ATOM   835  C CA    . ASP A 1 103 ? 9.471   5.877   -10.036 1.00 21.19 ? 103 ASP X CA    1 
ATOM   836  C C     . ASP A 1 103 ? 8.812   5.260   -11.261 1.00 20.27 ? 103 ASP X C     1 
ATOM   837  O O     . ASP A 1 103 ? 9.013   5.736   -12.365 1.00 23.13 ? 103 ASP X O     1 
ATOM   838  C CB    . ASP A 1 103 ? 10.994  5.835   -10.234 1.00 23.88 ? 103 ASP X CB    1 
ATOM   839  C CG    . ASP A 1 103 ? 11.732  6.769   -9.293  1.00 29.21 ? 103 ASP X CG    1 
ATOM   840  O OD1   . ASP A 1 103 ? 11.216  7.872   -9.022  1.00 35.33 ? 103 ASP X OD1   1 
ATOM   841  O OD2   . ASP A 1 103 ? 12.829  6.403   -8.823  1.00 38.22 ? 103 ASP X OD2   1 
ATOM   842  N N     . LYS A 1 104 ? 8.030   4.205   -11.069 1.00 22.36 ? 104 LYS X N     1 
ATOM   843  C CA    . LYS A 1 104 ? 7.443   3.479   -12.190 1.00 22.14 ? 104 LYS X CA    1 
ATOM   844  C C     . LYS A 1 104 ? 5.931   3.623   -12.254 1.00 17.04 ? 104 LYS X C     1 
ATOM   845  O O     . LYS A 1 104 ? 5.329   3.462   -13.311 1.00 24.03 ? 104 LYS X O     1 
ATOM   846  C CB    . LYS A 1 104 ? 7.793   1.984   -12.108 1.00 21.82 ? 104 LYS X CB    1 
ATOM   847  C CG    . LYS A 1 104 ? 9.260   1.687   -11.836 1.00 24.26 ? 104 LYS X CG    1 
ATOM   848  C CD    . LYS A 1 104 ? 10.113  1.947   -13.065 1.00 35.52 ? 104 LYS X CD    1 
ATOM   849  C CE    . LYS A 1 104 ? 11.597  1.842   -12.733 1.00 45.37 ? 104 LYS X CE    1 
ATOM   850  N NZ    . LYS A 1 104 ? 12.446  2.278   -13.876 1.00 49.83 ? 104 LYS X NZ    1 
ATOM   851  N N     . VAL A 1 105 ? 5.298   3.915   -11.131 1.00 18.80 ? 105 VAL X N     1 
ATOM   852  C CA    . VAL A 1 105 ? 3.843   3.897   -11.124 1.00 23.36 ? 105 VAL X CA    1 
ATOM   853  C C     . VAL A 1 105 ? 3.238   5.142   -11.808 1.00 25.86 ? 105 VAL X C     1 
ATOM   854  O O     . VAL A 1 105 ? 3.866   6.203   -11.881 1.00 17.32 ? 105 VAL X O     1 
ATOM   855  C CB    . VAL A 1 105 ? 3.286   3.766   -9.688  1.00 15.43 ? 105 VAL X CB    1 
ATOM   856  C CG1   . VAL A 1 105 ? 3.697   2.431   -9.085  1.00 18.61 ? 105 VAL X CG1   1 
ATOM   857  C CG2   . VAL A 1 105 ? 3.753   4.923   -8.810  1.00 8.78  ? 105 VAL X CG2   1 
ATOM   858  N N     . ASP A 1 106 ? 2.016   4.973   -12.313 1.00 18.76 ? 106 ASP X N     1 
ATOM   859  C CA    . ASP A 1 106 ? 1.215   6.053   -12.883 1.00 25.82 ? 106 ASP X CA    1 
ATOM   860  C C     . ASP A 1 106 ? 0.716   7.043   -11.826 1.00 19.97 ? 106 ASP X C     1 
ATOM   861  O O     . ASP A 1 106 ? 0.744   8.255   -12.024 1.00 21.13 ? 106 ASP X O     1 
ATOM   862  C CB    . ASP A 1 106 ? 0.017   5.456   -13.630 1.00 23.52 ? 106 ASP X CB    1 
ATOM   863  C CG    . ASP A 1 106 ? 0.442   4.480   -14.722 1.00 24.03 ? 106 ASP X CG    1 
ATOM   864  O OD1   . ASP A 1 106 ? 1.409   4.799   -15.435 1.00 28.05 ? 106 ASP X OD1   1 
ATOM   865  O OD2   . ASP A 1 106 ? -0.177  3.403   -14.869 1.00 21.30 ? 106 ASP X OD2   1 
ATOM   866  N N     . ASP A 1 107 ? 0.234   6.516   -10.706 1.00 15.59 ? 107 ASP X N     1 
ATOM   867  C CA    . ASP A 1 107 ? -0.369  7.365   -9.692  1.00 15.45 ? 107 ASP X CA    1 
ATOM   868  C C     . ASP A 1 107 ? -0.279  6.702   -8.318  1.00 12.68 ? 107 ASP X C     1 
ATOM   869  O O     . ASP A 1 107 ? 0.144   5.551   -8.201  1.00 13.24 ? 107 ASP X O     1 
ATOM   870  C CB    . ASP A 1 107 ? -1.831  7.696   -10.071 1.00 8.87  ? 107 ASP X CB    1 
ATOM   871  C CG    . ASP A 1 107 ? -2.713  6.473   -10.179 1.00 15.84 ? 107 ASP X CG    1 
ATOM   872  O OD1   . ASP A 1 107 ? -2.190  5.335   -10.263 1.00 13.05 ? 107 ASP X OD1   1 
ATOM   873  O OD2   . ASP A 1 107 ? -3.951  6.655   -10.182 1.00 15.42 ? 107 ASP X OD2   1 
ATOM   874  N N     . MET A 1 108 ? -0.636  7.449   -7.279  1.00 12.48 ? 108 MET X N     1 
ATOM   875  C CA    . MET A 1 108 ? -0.544  6.956   -5.906  1.00 8.30  ? 108 MET X CA    1 
ATOM   876  C C     . MET A 1 108 ? -1.799  7.327   -5.136  1.00 13.42 ? 108 MET X C     1 
ATOM   877  O O     . MET A 1 108 ? -2.238  8.481   -5.186  1.00 13.13 ? 108 MET X O     1 
ATOM   878  C CB    . MET A 1 108 ? 0.688   7.532   -5.196  1.00 6.14  ? 108 MET X CB    1 
ATOM   879  C CG    . MET A 1 108 ? 2.006   7.365   -5.965  1.00 10.42 ? 108 MET X CG    1 
ATOM   880  S SD    . MET A 1 108 ? 3.487   7.708   -4.980  1.00 13.10 ? 108 MET X SD    1 
ATOM   881  C CE    . MET A 1 108 ? 3.395   9.475   -4.721  1.00 8.95  ? 108 MET X CE    1 
ATOM   882  N N     . TYR A 1 109 ? -2.387  6.344   -4.452  1.00 11.16 ? 109 TYR X N     1 
ATOM   883  C CA    . TYR A 1 109 ? -3.451  6.590   -3.495  1.00 9.47  ? 109 TYR X CA    1 
ATOM   884  C C     . TYR A 1 109 ? -2.858  6.575   -2.090  1.00 16.17 ? 109 TYR X C     1 
ATOM   885  O O     . TYR A 1 109 ? -2.612  5.511   -1.495  1.00 10.72 ? 109 TYR X O     1 
ATOM   886  C CB    . TYR A 1 109 ? -4.567  5.549   -3.623  1.00 17.82 ? 109 TYR X CB    1 
ATOM   887  C CG    . TYR A 1 109 ? -5.290  5.604   -4.954  1.00 15.66 ? 109 TYR X CG    1 
ATOM   888  C CD1   . TYR A 1 109 ? -4.790  4.942   -6.066  1.00 12.45 ? 109 TYR X CD1   1 
ATOM   889  C CD2   . TYR A 1 109 ? -6.455  6.351   -5.102  1.00 15.12 ? 109 TYR X CD2   1 
ATOM   890  C CE1   . TYR A 1 109 ? -5.449  5.006   -7.291  1.00 19.23 ? 109 TYR X CE1   1 
ATOM   891  C CE2   . TYR A 1 109 ? -7.123  6.416   -6.318  1.00 13.89 ? 109 TYR X CE2   1 
ATOM   892  C CZ    . TYR A 1 109 ? -6.621  5.740   -7.403  1.00 17.58 ? 109 TYR X CZ    1 
ATOM   893  O OH    . TYR A 1 109 ? -7.283  5.815   -8.607  1.00 18.86 ? 109 TYR X OH    1 
ATOM   894  N N     . ILE A 1 110 ? -2.623  7.766   -1.559  1.00 9.10  ? 110 ILE X N     1 
ATOM   895  C CA    . ILE A 1 110 ? -1.993  7.893   -0.256  1.00 8.18  ? 110 ILE X CA    1 
ATOM   896  C C     . ILE A 1 110 ? -2.989  8.308   0.817   1.00 8.14  ? 110 ILE X C     1 
ATOM   897  O O     . ILE A 1 110 ? -3.733  9.266   0.647   1.00 11.59 ? 110 ILE X O     1 
ATOM   898  C CB    . ILE A 1 110 ? -0.850  8.921   -0.309  1.00 6.97  ? 110 ILE X CB    1 
ATOM   899  C CG1   . ILE A 1 110 ? 0.170   8.495   -1.369  1.00 6.60  ? 110 ILE X CG1   1 
ATOM   900  C CG2   . ILE A 1 110 ? -0.217  9.094   1.091   1.00 7.74  ? 110 ILE X CG2   1 
ATOM   901  C CD1   . ILE A 1 110 ? 1.390   9.386   -1.456  1.00 14.52 ? 110 ILE X CD1   1 
ATOM   902  N N     . THR A 1 111 ? -3.021  7.579   1.918   1.00 7.07  ? 111 THR X N     1 
ATOM   903  C CA    . THR A 1 111 ? -3.687  8.085   3.107   1.00 7.99  ? 111 THR X CA    1 
ATOM   904  C C     . THR A 1 111 ? -2.628  8.712   4.017   1.00 12.97 ? 111 THR X C     1 
ATOM   905  O O     . THR A 1 111 ? -1.751  8.021   4.529   1.00 13.36 ? 111 THR X O     1 
ATOM   906  C CB    . THR A 1 111 ? -4.435  6.983   3.860   1.00 9.59  ? 111 THR X CB    1 
ATOM   907  O OG1   . THR A 1 111 ? -5.317  6.314   2.958   1.00 12.37 ? 111 THR X OG1   1 
ATOM   908  C CG2   . THR A 1 111 ? -5.239  7.579   5.010   1.00 7.64  ? 111 THR X CG2   1 
ATOM   909  N N     . VAL A 1 112 ? -2.665  10.028  4.174   1.00 11.09 ? 112 VAL X N     1 
ATOM   910  C CA    . VAL A 1 112 ? -1.757  10.678  5.109   1.00 7.43  ? 112 VAL X CA    1 
ATOM   911  C C     . VAL A 1 112 ? -2.349  10.600  6.506   1.00 12.82 ? 112 VAL X C     1 
ATOM   912  O O     . VAL A 1 112 ? -3.428  11.140  6.759   1.00 13.09 ? 112 VAL X O     1 
ATOM   913  C CB    . VAL A 1 112 ? -1.510  12.150  4.748   1.00 14.45 ? 112 VAL X CB    1 
ATOM   914  C CG1   . VAL A 1 112 ? -0.578  12.800  5.780   1.00 10.94 ? 112 VAL X CG1   1 
ATOM   915  C CG2   . VAL A 1 112 ? -0.926  12.252  3.361   1.00 12.97 ? 112 VAL X CG2   1 
ATOM   916  N N     . ILE A 1 113 ? -1.675  9.884   7.397   1.00 12.46 ? 113 ILE X N     1 
ATOM   917  C CA    . ILE A 1 113 ? -2.100  9.815   8.791   1.00 13.86 ? 113 ILE X CA    1 
ATOM   918  C C     . ILE A 1 113 ? -1.473  11.020  9.482   1.00 17.51 ? 113 ILE X C     1 
ATOM   919  O O     . ILE A 1 113 ? -0.254  11.137  9.519   1.00 13.14 ? 113 ILE X O     1 
ATOM   920  C CB    . ILE A 1 113 ? -1.653  8.496   9.500   1.00 20.53 ? 113 ILE X CB    1 
ATOM   921  C CG1   . ILE A 1 113 ? -1.901  7.255   8.621   1.00 17.05 ? 113 ILE X CG1   1 
ATOM   922  C CG2   . ILE A 1 113 ? -2.310  8.363   10.854  1.00 12.70 ? 113 ILE X CG2   1 
ATOM   923  C CD1   . ILE A 1 113 ? -3.336  6.927   8.388   1.00 9.72  ? 113 ILE X CD1   1 
ATOM   924  N N     . GLU A 1 114 ? -2.290  11.920  10.020  1.00 13.79 ? 114 GLU X N     1 
ATOM   925  C CA    . GLU A 1 114 ? -1.752  13.172  10.521  1.00 13.42 ? 114 GLU X CA    1 
ATOM   926  C C     . GLU A 1 114 ? -1.256  13.031  11.952  1.00 13.16 ? 114 GLU X C     1 
ATOM   927  O O     . GLU A 1 114 ? -1.762  13.692  12.854  1.00 9.66  ? 114 GLU X O     1 
ATOM   928  C CB    . GLU A 1 114 ? -2.803  14.275  10.440  1.00 10.47 ? 114 GLU X CB    1 
ATOM   929  C CG    . GLU A 1 114 ? -3.655  14.233  9.181   1.00 21.89 ? 114 GLU X CG    1 
ATOM   930  C CD    . GLU A 1 114 ? -3.083  15.037  8.034   1.00 35.13 ? 114 GLU X CD    1 
ATOM   931  O OE1   . GLU A 1 114 ? -1.977  15.611  8.183   1.00 29.69 ? 114 GLU X OE1   1 
ATOM   932  O OE2   . GLU A 1 114 ? -3.758  15.099  6.980   1.00 40.62 ? 114 GLU X OE2   1 
ATOM   933  N N     . GLY A 1 115 ? -0.254  12.177  12.145  1.00 11.14 ? 115 GLY X N     1 
ATOM   934  C CA    . GLY A 1 115 ? 0.348   11.947  13.449  1.00 15.92 ? 115 GLY X CA    1 
ATOM   935  C C     . GLY A 1 115 ? 1.792   11.493  13.290  1.00 12.60 ? 115 GLY X C     1 
ATOM   936  O O     . GLY A 1 115 ? 2.225   11.243  12.169  1.00 10.27 ? 115 GLY X O     1 
ATOM   937  N N     . LYS A 1 116 ? 2.530   11.405  14.395  1.00 9.51  ? 116 LYS X N     1 
ATOM   938  C CA    . LYS A 1 116 ? 3.925   10.930  14.380  1.00 11.67 ? 116 LYS X CA    1 
ATOM   939  C C     . LYS A 1 116 ? 4.027   9.654   15.183  1.00 9.54  ? 116 LYS X C     1 
ATOM   940  O O     . LYS A 1 116 ? 3.895   9.681   16.406  1.00 12.24 ? 116 LYS X O     1 
ATOM   941  C CB    . LYS A 1 116 ? 4.890   11.974  14.956  1.00 6.25  ? 116 LYS X CB    1 
ATOM   942  C CG    . LYS A 1 116 ? 5.114   13.182  14.043  1.00 18.63 ? 116 LYS X CG    1 
ATOM   943  C CD    . LYS A 1 116 ? 5.879   14.301  14.744  1.00 23.46 ? 116 LYS X CD    1 
ATOM   944  C CE    . LYS A 1 116 ? 6.190   15.438  13.755  1.00 42.63 ? 116 LYS X CE    1 
ATOM   945  N NZ    . LYS A 1 116 ? 6.827   16.637  14.401  1.00 39.82 ? 116 LYS X NZ    1 
ATOM   946  N N     . PHE A 1 117 ? 4.241   8.539   14.492  1.00 11.24 ? 117 PHE X N     1 
ATOM   947  C CA    . PHE A 1 117 ? 4.289   7.221   15.131  1.00 14.15 ? 117 PHE X CA    1 
ATOM   948  C C     . PHE A 1 117 ? 5.714   6.730   15.163  1.00 12.87 ? 117 PHE X C     1 
ATOM   949  O O     . PHE A 1 117 ? 6.539   7.179   14.367  1.00 12.83 ? 117 PHE X O     1 
ATOM   950  C CB    . PHE A 1 117 ? 3.399   6.221   14.378  1.00 14.89 ? 117 PHE X CB    1 
ATOM   951  C CG    . PHE A 1 117 ? 1.923   6.514   14.513  1.00 14.24 ? 117 PHE X CG    1 
ATOM   952  C CD1   . PHE A 1 117 ? 1.339   7.554   13.802  1.00 10.22 ? 117 PHE X CD1   1 
ATOM   953  C CD2   . PHE A 1 117 ? 1.129   5.760   15.367  1.00 11.18 ? 117 PHE X CD2   1 
ATOM   954  C CE1   . PHE A 1 117 ? -0.015  7.840   13.940  1.00 8.08  ? 117 PHE X CE1   1 
ATOM   955  C CE2   . PHE A 1 117 ? -0.228  6.037   15.504  1.00 10.68 ? 117 PHE X CE2   1 
ATOM   956  C CZ    . PHE A 1 117 ? -0.791  7.076   14.791  1.00 8.39  ? 117 PHE X CZ    1 
ATOM   957  N N     . ARG A 1 118 ? 6.009   5.818   16.080  1.00 12.50 ? 118 ARG X N     1 
ATOM   958  C CA    . ARG A 1 118 ? 7.278   5.088   16.042  1.00 15.65 ? 118 ARG X CA    1 
ATOM   959  C C     . ARG A 1 118 ? 7.225   4.089   14.885  1.00 11.33 ? 118 ARG X C     1 
ATOM   960  O O     . ARG A 1 118 ? 6.270   3.309   14.771  1.00 12.44 ? 118 ARG X O     1 
ATOM   961  C CB    . ARG A 1 118 ? 7.551   4.368   17.375  1.00 14.82 ? 118 ARG X CB    1 
ATOM   962  C CG    . ARG A 1 118 ? 8.684   3.342   17.269  1.00 32.72 ? 118 ARG X CG    1 
ATOM   963  C CD    . ARG A 1 118 ? 9.095   2.736   18.615  1.00 39.72 ? 118 ARG X CD    1 
ATOM   964  N NE    . ARG A 1 118 ? 9.471   3.775   19.561  1.00 56.51 ? 118 ARG X NE    1 
ATOM   965  C CZ    . ARG A 1 118 ? 8.692   4.183   20.555  1.00 55.58 ? 118 ARG X CZ    1 
ATOM   966  N NH1   . ARG A 1 118 ? 7.508   3.615   20.744  1.00 61.50 ? 118 ARG X NH1   1 
ATOM   967  N NH2   . ARG A 1 118 ? 9.094   5.154   21.363  1.00 53.22 ? 118 ARG X NH2   1 
ATOM   968  N N     . GLY A 1 119 ? 8.220   4.111   14.006  1.00 11.48 ? 119 GLY X N     1 
ATOM   969  C CA    . GLY A 1 119 ? 8.223   3.173   12.895  1.00 9.88  ? 119 GLY X CA    1 
ATOM   970  C C     . GLY A 1 119 ? 9.569   2.540   12.645  1.00 11.98 ? 119 GLY X C     1 
ATOM   971  O O     . GLY A 1 119 ? 10.575  3.040   13.122  1.00 10.16 ? 119 GLY X O     1 
ATOM   972  N N     . ASP A 1 120 ? 9.595   1.434   11.903  1.00 9.25  ? 120 ASP X N     1 
ATOM   973  C CA    . ASP A 1 120 ? 10.865  0.900   11.411  1.00 10.46 ? 120 ASP X CA    1 
ATOM   974  C C     . ASP A 1 120 ? 10.836  0.695   9.896   1.00 10.22 ? 120 ASP X C     1 
ATOM   975  O O     . ASP A 1 120 ? 11.769  0.168   9.311   1.00 11.77 ? 120 ASP X O     1 
ATOM   976  C CB    . ASP A 1 120 ? 11.222  -0.415  12.111  1.00 15.78 ? 120 ASP X CB    1 
ATOM   977  C CG    . ASP A 1 120 ? 10.122  -1.449  12.019  1.00 12.87 ? 120 ASP X CG    1 
ATOM   978  O OD1   . ASP A 1 120 ? 9.352   -1.424  11.042  1.00 16.07 ? 120 ASP X OD1   1 
ATOM   979  O OD2   . ASP A 1 120 ? 10.019  -2.288  12.941  1.00 14.83 ? 120 ASP X OD2   1 
ATOM   980  N N     . THR A 1 121 ? 9.748   1.126   9.274   1.00 9.50  ? 121 THR X N     1 
ATOM   981  C CA    A THR A 1 121 ? 9.625   1.019   7.823   0.58 13.30 ? 121 THR X CA    1 
ATOM   982  C CA    B THR A 1 121 ? 9.506   0.946   7.852   0.42 13.45 ? 121 THR X CA    1 
ATOM   983  C C     . THR A 1 121 ? 8.959   2.264   7.282   1.00 14.04 ? 121 THR X C     1 
ATOM   984  O O     . THR A 1 121 ? 8.038   2.830   7.881   1.00 10.99 ? 121 THR X O     1 
ATOM   985  C CB    A THR A 1 121 ? 8.834   -0.227  7.378   0.58 12.21 ? 121 THR X CB    1 
ATOM   986  C CB    B THR A 1 121 ? 8.513   -0.216  7.646   0.42 12.35 ? 121 THR X CB    1 
ATOM   987  O OG1   A THR A 1 121 ? 7.769   -0.471  8.303   0.58 13.52 ? 121 THR X OG1   1 
ATOM   988  O OG1   B THR A 1 121 ? 8.877   -1.306  8.508   0.42 13.60 ? 121 THR X OG1   1 
ATOM   989  C CG2   A THR A 1 121 ? 9.756   -1.445  7.305   0.58 14.29 ? 121 THR X CG2   1 
ATOM   990  C CG2   B THR A 1 121 ? 8.501   -0.685  6.225   0.42 11.57 ? 121 THR X CG2   1 
ATOM   991  N N     . PHE A 1 122 ? 9.492   2.734   6.160   1.00 9.39  ? 122 PHE X N     1 
ATOM   992  C CA    . PHE A 1 122 ? 9.144   4.066   5.648   1.00 10.10 ? 122 PHE X CA    1 
ATOM   993  C C     . PHE A 1 122 ? 8.771   4.090   4.178   1.00 11.15 ? 122 PHE X C     1 
ATOM   994  O O     . PHE A 1 122 ? 9.321   3.342   3.378   1.00 10.16 ? 122 PHE X O     1 
ATOM   995  C CB    . PHE A 1 122 ? 10.318  5.039   5.846   1.00 11.08 ? 122 PHE X CB    1 
ATOM   996  C CG    . PHE A 1 122 ? 10.524  5.460   7.267   1.00 11.49 ? 122 PHE X CG    1 
ATOM   997  C CD1   . PHE A 1 122 ? 11.108  4.597   8.187   1.00 6.13  ? 122 PHE X CD1   1 
ATOM   998  C CD2   . PHE A 1 122 ? 10.134  6.723   7.683   1.00 9.29  ? 122 PHE X CD2   1 
ATOM   999  C CE1   . PHE A 1 122 ? 11.282  4.981   9.506   1.00 11.05 ? 122 PHE X CE1   1 
ATOM   1000 C CE2   . PHE A 1 122 ? 10.305  7.120   8.995   1.00 11.57 ? 122 PHE X CE2   1 
ATOM   1001 C CZ    . PHE A 1 122 ? 10.882  6.244   9.915   1.00 12.47 ? 122 PHE X CZ    1 
ATOM   1002 N N     . PHE A 1 123 ? 7.860   4.986   3.824   1.00 9.58  ? 123 PHE X N     1 
ATOM   1003 C CA    . PHE A 1 123 ? 7.584   5.274   2.426   1.00 9.57  ? 123 PHE X CA    1 
ATOM   1004 C C     . PHE A 1 123 ? 8.698   6.200   1.920   1.00 10.73 ? 123 PHE X C     1 
ATOM   1005 O O     . PHE A 1 123 ? 9.147   7.089   2.648   1.00 13.69 ? 123 PHE X O     1 
ATOM   1006 C CB    . PHE A 1 123 ? 6.194   5.915   2.267   1.00 8.56  ? 123 PHE X CB    1 
ATOM   1007 C CG    . PHE A 1 123 ? 5.713   5.968   0.850   1.00 10.45 ? 123 PHE X CG    1 
ATOM   1008 C CD1   . PHE A 1 123 ? 5.214   4.832   0.234   1.00 10.31 ? 123 PHE X CD1   1 
ATOM   1009 C CD2   . PHE A 1 123 ? 5.765   7.149   0.127   1.00 7.78  ? 123 PHE X CD2   1 
ATOM   1010 C CE1   . PHE A 1 123 ? 4.772   4.866   -1.090  1.00 10.82 ? 123 PHE X CE1   1 
ATOM   1011 C CE2   . PHE A 1 123 ? 5.322   7.193   -1.201  1.00 9.68  ? 123 PHE X CE2   1 
ATOM   1012 C CZ    . PHE A 1 123 ? 4.829   6.055   -1.807  1.00 10.91 ? 123 PHE X CZ    1 
ATOM   1013 N N     . PRO A 1 124 ? 9.165   5.994   0.685   1.00 10.14 ? 124 PRO X N     1 
ATOM   1014 C CA    . PRO A 1 124 ? 10.249  6.858   0.207   1.00 10.96 ? 124 PRO X CA    1 
ATOM   1015 C C     . PRO A 1 124 ? 9.832   8.317   0.080   1.00 16.02 ? 124 PRO X C     1 
ATOM   1016 O O     . PRO A 1 124 ? 8.642   8.598   -0.118  1.00 15.09 ? 124 PRO X O     1 
ATOM   1017 C CB    . PRO A 1 124 ? 10.598  6.270   -1.173  1.00 11.29 ? 124 PRO X CB    1 
ATOM   1018 C CG    . PRO A 1 124 ? 9.437   5.424   -1.557  1.00 16.29 ? 124 PRO X CG    1 
ATOM   1019 C CD    . PRO A 1 124 ? 8.815   4.938   -0.281  1.00 12.85 ? 124 PRO X CD    1 
ATOM   1020 N N     . PRO A 1 125 ? 10.799  9.241   0.201   1.00 16.87 ? 125 PRO X N     1 
ATOM   1021 C CA    . PRO A 1 125 ? 10.535  10.669  -0.036  1.00 13.32 ? 125 PRO X CA    1 
ATOM   1022 C C     . PRO A 1 125 ? 10.025  10.895  -1.453  1.00 13.06 ? 125 PRO X C     1 
ATOM   1023 O O     . PRO A 1 125 ? 10.406  10.173  -2.371  1.00 17.58 ? 125 PRO X O     1 
ATOM   1024 C CB    . PRO A 1 125 ? 11.901  11.332  0.167   1.00 16.54 ? 125 PRO X CB    1 
ATOM   1025 C CG    . PRO A 1 125 ? 12.693  10.332  1.010   1.00 20.87 ? 125 PRO X CG    1 
ATOM   1026 C CD    . PRO A 1 125 ? 12.207  8.981   0.559   1.00 16.32 ? 125 PRO X CD    1 
ATOM   1027 N N     . TYR A 1 126 ? 9.136   11.867  -1.604  1.00 14.47 ? 126 TYR X N     1 
ATOM   1028 C CA    . TYR A 1 126 ? 8.594   12.249  -2.894  1.00 16.25 ? 126 TYR X CA    1 
ATOM   1029 C C     . TYR A 1 126 ? 8.264   13.726  -2.799  1.00 22.26 ? 126 TYR X C     1 
ATOM   1030 O O     . TYR A 1 126 ? 8.002   14.231  -1.715  1.00 18.53 ? 126 TYR X O     1 
ATOM   1031 C CB    . TYR A 1 126 ? 7.348   11.430  -3.259  1.00 8.33  ? 126 TYR X CB    1 
ATOM   1032 C CG    . TYR A 1 126 ? 6.185   11.568  -2.286  1.00 15.55 ? 126 TYR X CG    1 
ATOM   1033 C CD1   . TYR A 1 126 ? 6.098   10.762  -1.159  1.00 12.99 ? 126 TYR X CD1   1 
ATOM   1034 C CD2   . TYR A 1 126 ? 5.163   12.493  -2.505  1.00 15.74 ? 126 TYR X CD2   1 
ATOM   1035 C CE1   . TYR A 1 126 ? 5.033   10.870  -0.270  1.00 12.41 ? 126 TYR X CE1   1 
ATOM   1036 C CE2   . TYR A 1 126 ? 4.099   12.617  -1.613  1.00 12.01 ? 126 TYR X CE2   1 
ATOM   1037 C CZ    . TYR A 1 126 ? 4.041   11.797  -0.499  1.00 14.94 ? 126 TYR X CZ    1 
ATOM   1038 O OH    . TYR A 1 126 ? 2.993   11.888  0.390   1.00 16.19 ? 126 TYR X OH    1 
ATOM   1039 N N     . THR A 1 127 ? 8.277   14.427  -3.923  1.00 20.93 ? 127 THR X N     1 
ATOM   1040 C CA    . THR A 1 127 ? 7.985   15.856  -3.885  1.00 28.16 ? 127 THR X CA    1 
ATOM   1041 C C     . THR A 1 127 ? 6.729   16.189  -4.697  1.00 23.28 ? 127 THR X C     1 
ATOM   1042 O O     . THR A 1 127 ? 6.461   15.559  -5.724  1.00 25.09 ? 127 THR X O     1 
ATOM   1043 C CB    . THR A 1 127 ? 9.199   16.666  -4.389  1.00 26.82 ? 127 THR X CB    1 
ATOM   1044 O OG1   . THR A 1 127 ? 8.808   18.021  -4.615  1.00 33.97 ? 127 THR X OG1   1 
ATOM   1045 C CG2   . THR A 1 127 ? 9.753   16.068  -5.672  1.00 25.17 ? 127 THR X CG2   1 
ATOM   1046 N N     . PHE A 1 128 ? 5.942   17.158  -4.234  1.00 36.10 ? 128 PHE X N     1 
ATOM   1047 C CA    . PHE A 1 128 ? 4.736   17.547  -4.970  1.00 25.18 ? 128 PHE X CA    1 
ATOM   1048 C C     . PHE A 1 128 ? 5.066   18.256  -6.283  1.00 33.43 ? 128 PHE X C     1 
ATOM   1049 O O     . PHE A 1 128 ? 4.181   18.491  -7.095  1.00 37.01 ? 128 PHE X O     1 
ATOM   1050 C CB    . PHE A 1 128 ? 3.832   18.424  -4.108  1.00 33.18 ? 128 PHE X CB    1 
ATOM   1051 C CG    . PHE A 1 128 ? 3.106   17.661  -3.038  1.00 41.57 ? 128 PHE X CG    1 
ATOM   1052 C CD1   . PHE A 1 128 ? 2.007   16.881  -3.354  1.00 25.51 ? 128 PHE X CD1   1 
ATOM   1053 C CD2   . PHE A 1 128 ? 3.542   17.697  -1.722  1.00 39.20 ? 128 PHE X CD2   1 
ATOM   1054 C CE1   . PHE A 1 128 ? 1.348   16.162  -2.379  1.00 27.80 ? 128 PHE X CE1   1 
ATOM   1055 C CE2   . PHE A 1 128 ? 2.885   16.978  -0.744  1.00 29.81 ? 128 PHE X CE2   1 
ATOM   1056 C CZ    . PHE A 1 128 ? 1.789   16.208  -1.075  1.00 28.11 ? 128 PHE X CZ    1 
ATOM   1057 N N     . GLU A 1 129 ? 6.339   18.579  -6.496  1.00 23.70 ? 129 GLU X N     1 
ATOM   1058 C CA    . GLU A 1 129 ? 6.787   19.089  -7.792  1.00 44.88 ? 129 GLU X CA    1 
ATOM   1059 C C     . GLU A 1 129 ? 6.608   18.044  -8.890  1.00 37.38 ? 129 GLU X C     1 
ATOM   1060 O O     . GLU A 1 129 ? 6.537   18.383  -10.071 1.00 47.57 ? 129 GLU X O     1 
ATOM   1061 C CB    . GLU A 1 129 ? 8.260   19.515  -7.741  1.00 40.67 ? 129 GLU X CB    1 
ATOM   1062 C CG    . GLU A 1 129 ? 8.581   20.629  -6.758  1.00 57.74 ? 129 GLU X CG    1 
ATOM   1063 C CD    . GLU A 1 129 ? 10.081  20.755  -6.502  1.00 76.96 ? 129 GLU X CD    1 
ATOM   1064 O OE1   . GLU A 1 129 ? 10.877  20.271  -7.342  1.00 65.42 ? 129 GLU X OE1   1 
ATOM   1065 O OE2   . GLU A 1 129 ? 10.463  21.324  -5.454  1.00 70.76 ? 129 GLU X OE2   1 
ATOM   1066 N N     . ASP A 1 130 ? 6.542   16.775  -8.497  1.00 28.85 ? 130 ASP X N     1 
ATOM   1067 C CA    . ASP A 1 130 ? 6.439   15.671  -9.451  1.00 26.20 ? 130 ASP X CA    1 
ATOM   1068 C C     . ASP A 1 130 ? 5.030   15.110  -9.532  1.00 21.66 ? 130 ASP X C     1 
ATOM   1069 O O     . ASP A 1 130 ? 4.745   14.281  -10.396 1.00 27.72 ? 130 ASP X O     1 
ATOM   1070 C CB    . ASP A 1 130 ? 7.393   14.532  -9.073  1.00 26.69 ? 130 ASP X CB    1 
ATOM   1071 C CG    . ASP A 1 130 ? 8.842   14.954  -9.072  1.00 38.08 ? 130 ASP X CG    1 
ATOM   1072 O OD1   . ASP A 1 130 ? 9.159   16.025  -9.637  1.00 36.63 ? 130 ASP X OD1   1 
ATOM   1073 O OD2   . ASP A 1 130 ? 9.664   14.202  -8.510  1.00 29.53 ? 130 ASP X OD2   1 
ATOM   1074 N N     . TRP A 1 131 ? 4.161   15.546  -8.623  1.00 18.13 ? 131 TRP X N     1 
ATOM   1075 C CA    . TRP A 1 131 ? 2.848   14.922  -8.472  1.00 22.21 ? 131 TRP X CA    1 
ATOM   1076 C C     . TRP A 1 131 ? 1.723   15.934  -8.386  1.00 27.54 ? 131 TRP X C     1 
ATOM   1077 O O     . TRP A 1 131 ? 1.727   16.800  -7.514  1.00 30.94 ? 131 TRP X O     1 
ATOM   1078 C CB    . TRP A 1 131 ? 2.826   14.038  -7.218  1.00 15.46 ? 131 TRP X CB    1 
ATOM   1079 C CG    . TRP A 1 131 ? 3.831   12.945  -7.268  1.00 20.60 ? 131 TRP X CG    1 
ATOM   1080 C CD1   . TRP A 1 131 ? 5.114   12.979  -6.790  1.00 14.06 ? 131 TRP X CD1   1 
ATOM   1081 C CD2   . TRP A 1 131 ? 3.654   11.653  -7.862  1.00 13.92 ? 131 TRP X CD2   1 
ATOM   1082 N NE1   . TRP A 1 131 ? 5.736   11.775  -7.036  1.00 21.40 ? 131 TRP X NE1   1 
ATOM   1083 C CE2   . TRP A 1 131 ? 4.868   10.951  -7.697  1.00 13.22 ? 131 TRP X CE2   1 
ATOM   1084 C CE3   . TRP A 1 131 ? 2.589   11.022  -8.510  1.00 14.43 ? 131 TRP X CE3   1 
ATOM   1085 C CZ2   . TRP A 1 131 ? 5.036   9.647   -8.152  1.00 14.91 ? 131 TRP X CZ2   1 
ATOM   1086 C CZ3   . TRP A 1 131 ? 2.760   9.725   -8.967  1.00 12.09 ? 131 TRP X CZ3   1 
ATOM   1087 C CH2   . TRP A 1 131 ? 3.970   9.053   -8.787  1.00 15.61 ? 131 TRP X CH2   1 
ATOM   1088 N N     . GLU A 1 132 ? 0.747   15.815  -9.277  1.00 22.00 ? 132 GLU X N     1 
ATOM   1089 C CA    . GLU A 1 132 ? -0.432  16.661  -9.204  1.00 15.58 ? 132 GLU X CA    1 
ATOM   1090 C C     . GLU A 1 132 ? -1.442  16.048  -8.238  1.00 16.08 ? 132 GLU X C     1 
ATOM   1091 O O     . GLU A 1 132 ? -1.642  14.829  -8.220  1.00 16.38 ? 132 GLU X O     1 
ATOM   1092 C CB    . GLU A 1 132 ? -1.070  16.849  -10.591 1.00 19.98 ? 132 GLU X CB    1 
ATOM   1093 C CG    . GLU A 1 132 ? -2.164  17.916  -10.608 1.00 32.27 ? 132 GLU X CG    1 
ATOM   1094 C CD    . GLU A 1 132 ? -2.816  18.116  -11.965 1.00 30.18 ? 132 GLU X CD    1 
ATOM   1095 O OE1   . GLU A 1 132 ? -2.456  17.413  -12.938 1.00 38.36 ? 132 GLU X OE1   1 
ATOM   1096 O OE2   . GLU A 1 132 ? -3.704  18.989  -12.054 1.00 49.74 ? 132 GLU X OE2   1 
ATOM   1097 N N     . VAL A 1 133 ? -2.082  16.905  -7.450  1.00 13.55 ? 133 VAL X N     1 
ATOM   1098 C CA    . VAL A 1 133 ? -3.127  16.503  -6.521  1.00 12.67 ? 133 VAL X CA    1 
ATOM   1099 C C     . VAL A 1 133 ? -4.452  16.391  -7.266  1.00 17.70 ? 133 VAL X C     1 
ATOM   1100 O O     . VAL A 1 133 ? -5.115  17.397  -7.516  1.00 17.04 ? 133 VAL X O     1 
ATOM   1101 C CB    . VAL A 1 133 ? -3.267  17.513  -5.363  1.00 11.99 ? 133 VAL X CB    1 
ATOM   1102 C CG1   . VAL A 1 133 ? -4.350  17.064  -4.380  1.00 12.37 ? 133 VAL X CG1   1 
ATOM   1103 C CG2   . VAL A 1 133 ? -1.914  17.720  -4.647  1.00 8.34  ? 133 VAL X CG2   1 
ATOM   1104 N N     . ALA A 1 134 ? -4.827  15.174  -7.646  1.00 10.65 ? 134 ALA X N     1 
ATOM   1105 C CA    . ALA A 1 134 ? -6.076  14.982  -8.364  1.00 12.31 ? 134 ALA X CA    1 
ATOM   1106 C C     . ALA A 1 134 ? -7.239  15.141  -7.409  1.00 11.90 ? 134 ALA X C     1 
ATOM   1107 O O     . ALA A 1 134 ? -8.323  15.583  -7.794  1.00 15.15 ? 134 ALA X O     1 
ATOM   1108 C CB    . ALA A 1 134 ? -6.116  13.615  -9.035  1.00 7.02  ? 134 ALA X CB    1 
ATOM   1109 N N     . SER A 1 135 ? -7.008  14.759  -6.159  1.00 11.30 ? 135 SER X N     1 
ATOM   1110 C CA    . SER A 1 135 ? -7.994  14.961  -5.101  1.00 12.57 ? 135 SER X CA    1 
ATOM   1111 C C     . SER A 1 135 ? -7.384  14.854  -3.693  1.00 14.11 ? 135 SER X C     1 
ATOM   1112 O O     . SER A 1 135 ? -6.373  14.193  -3.458  1.00 9.97  ? 135 SER X O     1 
ATOM   1113 C CB    . SER A 1 135 ? -9.169  13.974  -5.247  1.00 12.61 ? 135 SER X CB    1 
ATOM   1114 O OG    . SER A 1 135 ? -8.759  12.626  -5.147  1.00 11.47 ? 135 SER X OG    1 
ATOM   1115 N N     . SER A 1 136 ? -8.028  15.537  -2.763  1.00 10.94 ? 136 SER X N     1 
ATOM   1116 C CA    . SER A 1 136 ? -7.615  15.539  -1.382  1.00 14.53 ? 136 SER X CA    1 
ATOM   1117 C C     . SER A 1 136 ? -8.880  15.648  -0.545  1.00 16.49 ? 136 SER X C     1 
ATOM   1118 O O     . SER A 1 136 ? -9.578  16.658  -0.602  1.00 18.75 ? 136 SER X O     1 
ATOM   1119 C CB    . SER A 1 136 ? -6.645  16.690  -1.100  1.00 8.88  ? 136 SER X CB    1 
ATOM   1120 O OG    . SER A 1 136 ? -6.337  16.755  0.280   1.00 14.20 ? 136 SER X OG    1 
ATOM   1121 N N     . VAL A 1 137 ? -9.169  14.586  0.204   1.00 12.75 ? 137 VAL X N     1 
ATOM   1122 C CA    . VAL A 1 137 ? -10.406 14.429  0.955   1.00 12.35 ? 137 VAL X CA    1 
ATOM   1123 C C     . VAL A 1 137 ? -10.089 14.126  2.422   1.00 19.55 ? 137 VAL X C     1 
ATOM   1124 O O     . VAL A 1 137 ? -9.463  13.111  2.715   1.00 15.21 ? 137 VAL X O     1 
ATOM   1125 C CB    . VAL A 1 137 ? -11.260 13.278  0.387   1.00 14.90 ? 137 VAL X CB    1 
ATOM   1126 C CG1   . VAL A 1 137 ? -12.518 13.094  1.206   1.00 12.98 ? 137 VAL X CG1   1 
ATOM   1127 C CG2   . VAL A 1 137 ? -11.587 13.504  -1.098  1.00 12.17 ? 137 VAL X CG2   1 
ATOM   1128 N N     . GLU A 1 138 ? -10.502 14.994  3.344   1.00 19.78 ? 138 GLU X N     1 
ATOM   1129 C CA    . GLU A 1 138 ? -10.305 14.719  4.771   1.00 17.92 ? 138 GLU X CA    1 
ATOM   1130 C C     . GLU A 1 138 ? -11.183 13.573  5.243   1.00 15.08 ? 138 GLU X C     1 
ATOM   1131 O O     . GLU A 1 138 ? -12.371 13.487  4.897   1.00 23.93 ? 138 GLU X O     1 
ATOM   1132 C CB    . GLU A 1 138 ? -10.589 15.950  5.624   1.00 16.19 ? 138 GLU X CB    1 
ATOM   1133 C CG    . GLU A 1 138 ? -9.572  17.053  5.500   1.00 33.43 ? 138 GLU X CG    1 
ATOM   1134 C CD    . GLU A 1 138 ? -10.060 18.338  6.152   1.00 50.68 ? 138 GLU X CD    1 
ATOM   1135 O OE1   . GLU A 1 138 ? -9.675  19.436  5.688   1.00 49.79 ? 138 GLU X OE1   1 
ATOM   1136 O OE2   . GLU A 1 138 ? -10.840 18.245  7.128   1.00 36.80 ? 138 GLU X OE2   1 
ATOM   1137 N N     . GLY A 1 139 ? -10.595 12.682  6.028   1.00 15.11 ? 139 GLY X N     1 
ATOM   1138 C CA    . GLY A 1 139 ? -11.342 11.560  6.570   1.00 15.16 ? 139 GLY X CA    1 
ATOM   1139 C C     . GLY A 1 139 ? -12.152 12.027  7.766   1.00 20.16 ? 139 GLY X C     1 
ATOM   1140 O O     . GLY A 1 139 ? -11.743 12.960  8.472   1.00 18.04 ? 139 GLY X O     1 
ATOM   1141 N N     . LYS A 1 140 ? -13.299 11.392  7.991   1.00 23.67 ? 140 LYS X N     1 
ATOM   1142 C CA    . LYS A 1 140 ? -14.172 11.753  9.101   1.00 27.55 ? 140 LYS X CA    1 
ATOM   1143 C C     . LYS A 1 140 ? -13.721 11.063  10.360  1.00 21.65 ? 140 LYS X C     1 
ATOM   1144 O O     . LYS A 1 140 ? -13.438 9.868   10.351  1.00 31.96 ? 140 LYS X O     1 
ATOM   1145 C CB    . LYS A 1 140 ? -15.625 11.381  8.808   1.00 34.19 ? 140 LYS X CB    1 
ATOM   1146 C CG    . LYS A 1 140 ? -16.099 11.764  7.421   1.00 45.20 ? 140 LYS X CG    1 
ATOM   1147 C CD    . LYS A 1 140 ? -16.651 13.181  7.350   1.00 40.08 ? 140 LYS X CD    1 
ATOM   1148 C CE    . LYS A 1 140 ? -17.602 13.275  6.158   1.00 50.36 ? 140 LYS X CE    1 
ATOM   1149 N NZ    . LYS A 1 140 ? -18.016 14.653  5.800   1.00 32.68 ? 140 LYS X NZ    1 
ATOM   1150 N N     . LEU A 1 141 ? -13.648 11.818  11.445  1.00 28.21 ? 141 LEU X N     1 
ATOM   1151 C CA    . LEU A 1 141 ? -13.298 11.244  12.738  1.00 42.78 ? 141 LEU X CA    1 
ATOM   1152 C C     . LEU A 1 141 ? -14.544 10.761  13.454  1.00 38.34 ? 141 LEU X C     1 
ATOM   1153 O O     . LEU A 1 141 ? -15.617 11.330  13.276  1.00 35.37 ? 141 LEU X O     1 
ATOM   1154 C CB    . LEU A 1 141 ? -12.571 12.267  13.604  1.00 27.83 ? 141 LEU X CB    1 
ATOM   1155 C CG    . LEU A 1 141 ? -11.255 12.773  13.039  1.00 22.73 ? 141 LEU X CG    1 
ATOM   1156 C CD1   . LEU A 1 141 ? -10.469 13.445  14.150  1.00 27.38 ? 141 LEU X CD1   1 
ATOM   1157 C CD2   . LEU A 1 141 ? -10.499 11.611  12.436  1.00 28.73 ? 141 LEU X CD2   1 
ATOM   1158 N N     . ASP A 1 142 ? -14.409 9.723   14.267  1.00 42.58 ? 142 ASP X N     1 
ATOM   1159 C CA    . ASP A 1 142 ? -15.534 9.272   15.067  1.00 36.79 ? 142 ASP X CA    1 
ATOM   1160 C C     . ASP A 1 142 ? -15.083 8.381   16.203  1.00 42.90 ? 142 ASP X C     1 
ATOM   1161 O O     . ASP A 1 142 ? -13.917 8.401   16.618  1.00 42.71 ? 142 ASP X O     1 
ATOM   1162 C CB    . ASP A 1 142 ? -16.566 8.538   14.202  1.00 37.77 ? 142 ASP X CB    1 
ATOM   1163 C CG    . ASP A 1 142 ? -15.995 7.311   13.490  1.00 42.09 ? 142 ASP X CG    1 
ATOM   1164 O OD1   . ASP A 1 142 ? -15.126 6.615   14.053  1.00 39.81 ? 142 ASP X OD1   1 
ATOM   1165 O OD2   . ASP A 1 142 ? -16.441 7.025   12.357  1.00 44.71 ? 142 ASP X OD2   1 
ATOM   1166 N N     . GLU A 1 143 ? -16.049 7.614   16.696  1.00 55.55 ? 143 GLU X N     1 
ATOM   1167 C CA    . GLU A 1 143 ? -15.847 6.590   17.708  1.00 51.55 ? 143 GLU X CA    1 
ATOM   1168 C C     . GLU A 1 143 ? -14.569 5.790   17.438  1.00 39.32 ? 143 GLU X C     1 
ATOM   1169 O O     . GLU A 1 143 ? -13.625 5.790   18.242  1.00 38.76 ? 143 GLU X O     1 
ATOM   1170 C CB    . GLU A 1 143 ? -17.075 5.646   17.751  1.00 58.30 ? 143 GLU X CB    1 
ATOM   1171 C CG    . GLU A 1 143 ? -17.673 5.273   16.352  1.00 62.79 ? 143 GLU X CG    1 
ATOM   1172 C CD    . GLU A 1 143 ? -18.849 6.137   15.894  1.00 74.95 ? 143 GLU X CD    1 
ATOM   1173 O OE1   . GLU A 1 143 ? -19.232 7.086   16.614  1.00 79.22 ? 143 GLU X OE1   1 
ATOM   1174 O OE2   . GLU A 1 143 ? -19.381 5.861   14.793  1.00 73.21 ? 143 GLU X OE2   1 
ATOM   1175 N N     . LYS A 1 144 ? -14.524 5.167   16.261  1.00 40.95 ? 144 LYS X N     1 
ATOM   1176 C CA    . LYS A 1 144 ? -13.521 4.149   15.942  1.00 42.37 ? 144 LYS X CA    1 
ATOM   1177 C C     . LYS A 1 144 ? -12.393 4.634   15.028  1.00 40.21 ? 144 LYS X C     1 
ATOM   1178 O O     . LYS A 1 144 ? -11.493 3.862   14.699  1.00 31.79 ? 144 LYS X O     1 
ATOM   1179 C CB    . LYS A 1 144 ? -14.219 2.944   15.303  1.00 47.36 ? 144 LYS X CB    1 
ATOM   1180 C CG    . LYS A 1 144 ? -15.432 2.467   16.098  1.00 49.74 ? 144 LYS X CG    1 
ATOM   1181 C CD    . LYS A 1 144 ? -16.177 1.346   15.402  1.00 69.82 ? 144 LYS X CD    1 
ATOM   1182 C CE    . LYS A 1 144 ? -17.321 0.820   16.256  1.00 71.51 ? 144 LYS X CE    1 
ATOM   1183 N NZ    . LYS A 1 144 ? -16.837 0.148   17.500  1.00 59.68 ? 144 LYS X NZ    1 
ATOM   1184 N N     . ASN A 1 145 ? -12.444 5.906   14.631  1.00 36.59 ? 145 ASN X N     1 
ATOM   1185 C CA    . ASN A 1 145 ? -11.414 6.513   13.787  1.00 31.00 ? 145 ASN X CA    1 
ATOM   1186 C C     . ASN A 1 145 ? -11.000 7.837   14.374  1.00 28.24 ? 145 ASN X C     1 
ATOM   1187 O O     . ASN A 1 145 ? -11.616 8.870   14.098  1.00 28.80 ? 145 ASN X O     1 
ATOM   1188 C CB    . ASN A 1 145 ? -11.915 6.714   12.356  1.00 25.33 ? 145 ASN X CB    1 
ATOM   1189 C CG    . ASN A 1 145 ? -12.385 5.432   11.727  1.00 24.38 ? 145 ASN X CG    1 
ATOM   1190 O OD1   . ASN A 1 145 ? -11.627 4.746   11.032  1.00 27.69 ? 145 ASN X OD1   1 
ATOM   1191 N ND2   . ASN A 1 145 ? -13.635 5.080   11.984  1.00 31.49 ? 145 ASN X ND2   1 
ATOM   1192 N N     . THR A 1 146 ? -9.952  7.806   15.185  1.00 18.15 ? 146 THR X N     1 
ATOM   1193 C CA    . THR A 1 146 ? -9.711  8.897   16.110  1.00 22.93 ? 146 THR X CA    1 
ATOM   1194 C C     . THR A 1 146 ? -8.447  9.654   15.747  1.00 20.45 ? 146 THR X C     1 
ATOM   1195 O O     . THR A 1 146 ? -8.042  10.562  16.454  1.00 18.17 ? 146 THR X O     1 
ATOM   1196 C CB    . THR A 1 146 ? -9.614  8.378   17.567  1.00 29.53 ? 146 THR X CB    1 
ATOM   1197 O OG1   . THR A 1 146 ? -8.510  7.475   17.687  1.00 30.39 ? 146 THR X OG1   1 
ATOM   1198 C CG2   . THR A 1 146 ? -10.901 7.647   17.958  1.00 32.11 ? 146 THR X CG2   1 
ATOM   1199 N N     . ILE A 1 147 ? -7.838  9.268   14.631  1.00 28.08 ? 147 ILE X N     1 
ATOM   1200 C CA    . ILE A 1 147 ? -6.621  9.902   14.149  1.00 18.10 ? 147 ILE X CA    1 
ATOM   1201 C C     . ILE A 1 147 ? -6.945  10.664  12.875  1.00 12.26 ? 147 ILE X C     1 
ATOM   1202 O O     . ILE A 1 147 ? -7.534  10.096  11.959  1.00 13.78 ? 147 ILE X O     1 
ATOM   1203 C CB    . ILE A 1 147 ? -5.524  8.863   13.865  1.00 17.91 ? 147 ILE X CB    1 
ATOM   1204 C CG1   . ILE A 1 147 ? -5.463  7.857   15.018  1.00 36.22 ? 147 ILE X CG1   1 
ATOM   1205 C CG2   . ILE A 1 147 ? -4.193  9.571   13.637  1.00 15.72 ? 147 ILE X CG2   1 
ATOM   1206 C CD1   . ILE A 1 147 ? -4.892  6.476   14.660  1.00 34.13 ? 147 ILE X CD1   1 
ATOM   1207 N N     . PRO A 1 148 ? -6.578  11.953  12.809  1.00 11.19 ? 148 PRO X N     1 
ATOM   1208 C CA    . PRO A 1 148 ? -6.847  12.689  11.573  1.00 10.28 ? 148 PRO X CA    1 
ATOM   1209 C C     . PRO A 1 148 ? -6.128  12.049  10.406  1.00 13.41 ? 148 PRO X C     1 
ATOM   1210 O O     . PRO A 1 148 ? -4.996  11.569  10.550  1.00 17.17 ? 148 PRO X O     1 
ATOM   1211 C CB    . PRO A 1 148 ? -6.299  14.094  11.860  1.00 18.57 ? 148 PRO X CB    1 
ATOM   1212 C CG    . PRO A 1 148 ? -6.179  14.171  13.358  1.00 12.19 ? 148 PRO X CG    1 
ATOM   1213 C CD    . PRO A 1 148 ? -5.912  12.785  13.824  1.00 13.59 ? 148 PRO X CD    1 
ATOM   1214 N N     . HIS A 1 149 ? -6.788  12.021  9.257   1.00 9.72  ? 149 HIS X N     1 
ATOM   1215 C CA    . HIS A 1 149 ? -6.209  11.406  8.077   1.00 11.54 ? 149 HIS X CA    1 
ATOM   1216 C C     . HIS A 1 149 ? -6.810  12.027  6.838   1.00 13.19 ? 149 HIS X C     1 
ATOM   1217 O O     . HIS A 1 149 ? -7.935  12.527  6.857   1.00 19.14 ? 149 HIS X O     1 
ATOM   1218 C CB    . HIS A 1 149 ? -6.422  9.887   8.092   1.00 8.21  ? 149 HIS X CB    1 
ATOM   1219 C CG    . HIS A 1 149 ? -7.841  9.475   8.329   1.00 15.19 ? 149 HIS X CG    1 
ATOM   1220 N ND1   . HIS A 1 149 ? -8.458  9.607   9.557   1.00 12.75 ? 149 HIS X ND1   1 
ATOM   1221 C CD2   . HIS A 1 149 ? -8.761  8.918   7.501   1.00 13.12 ? 149 HIS X CD2   1 
ATOM   1222 C CE1   . HIS A 1 149 ? -9.703  9.168   9.469   1.00 16.08 ? 149 HIS X CE1   1 
ATOM   1223 N NE2   . HIS A 1 149 ? -9.912  8.744   8.234   1.00 14.74 ? 149 HIS X NE2   1 
ATOM   1224 N N     . THR A 1 150 ? -6.042  11.994  5.762   1.00 15.08 ? 150 THR X N     1 
ATOM   1225 C CA    . THR A 1 150 ? -6.430  12.612  4.515   1.00 14.53 ? 150 THR X CA    1 
ATOM   1226 C C     . THR A 1 150 ? -6.142  11.683  3.336   1.00 13.07 ? 150 THR X C     1 
ATOM   1227 O O     . THR A 1 150 ? -5.017  11.232  3.149   1.00 11.86 ? 150 THR X O     1 
ATOM   1228 C CB    . THR A 1 150 ? -5.695  13.938  4.312   1.00 17.07 ? 150 THR X CB    1 
ATOM   1229 O OG1   . THR A 1 150 ? -5.963  14.796  5.427   1.00 24.84 ? 150 THR X OG1   1 
ATOM   1230 C CG2   . THR A 1 150 ? -6.142  14.618  3.003   1.00 13.85 ? 150 THR X CG2   1 
ATOM   1231 N N     . PHE A 1 151 ? -7.169  11.412  2.538   1.00 12.38 ? 151 PHE X N     1 
ATOM   1232 C CA    . PHE A 1 151 ? -7.011  10.605  1.337   1.00 11.28 ? 151 PHE X CA    1 
ATOM   1233 C C     . PHE A 1 151 ? -6.549  11.460  0.158   1.00 13.72 ? 151 PHE X C     1 
ATOM   1234 O O     . PHE A 1 151 ? -7.260  12.363  -0.280  1.00 12.08 ? 151 PHE X O     1 
ATOM   1235 C CB    . PHE A 1 151 ? -8.322  9.896   1.001   1.00 10.38 ? 151 PHE X CB    1 
ATOM   1236 C CG    . PHE A 1 151 ? -8.875  9.074   2.132   1.00 12.84 ? 151 PHE X CG    1 
ATOM   1237 C CD1   . PHE A 1 151 ? -8.305  7.849   2.460   1.00 13.92 ? 151 PHE X CD1   1 
ATOM   1238 C CD2   . PHE A 1 151 ? -9.975  9.513   2.855   1.00 10.39 ? 151 PHE X CD2   1 
ATOM   1239 C CE1   . PHE A 1 151 ? -8.820  7.076   3.498   1.00 10.67 ? 151 PHE X CE1   1 
ATOM   1240 C CE2   . PHE A 1 151 ? -10.497 8.747   3.896   1.00 12.32 ? 151 PHE X CE2   1 
ATOM   1241 C CZ    . PHE A 1 151 ? -9.918  7.524   4.213   1.00 10.22 ? 151 PHE X CZ    1 
ATOM   1242 N N     . LEU A 1 152 ? -5.345  11.176  -0.330  1.00 8.99  ? 152 LEU X N     1 
ATOM   1243 C CA    . LEU A 1 152 ? -4.769  11.867  -1.481  1.00 10.08 ? 152 LEU X CA    1 
ATOM   1244 C C     . LEU A 1 152 ? -4.798  10.949  -2.683  1.00 12.26 ? 152 LEU X C     1 
ATOM   1245 O O     . LEU A 1 152 ? -4.469  9.780   -2.550  1.00 15.38 ? 152 LEU X O     1 
ATOM   1246 C CB    . LEU A 1 152 ? -3.312  12.269  -1.224  1.00 6.95  ? 152 LEU X CB    1 
ATOM   1247 C CG    . LEU A 1 152 ? -2.939  13.189  -0.068  1.00 17.00 ? 152 LEU X CG    1 
ATOM   1248 C CD1   . LEU A 1 152 ? -1.445  13.449  -0.121  1.00 13.58 ? 152 LEU X CD1   1 
ATOM   1249 C CD2   . LEU A 1 152 ? -3.736  14.502  -0.108  1.00 9.63  ? 152 LEU X CD2   1 
ATOM   1250 N N     . HIS A 1 153 ? -5.198  11.462  -3.841  1.00 11.26 ? 153 HIS X N     1 
ATOM   1251 C CA    . HIS A 1 153 ? -4.927  10.785  -5.110  1.00 9.10  ? 153 HIS X CA    1 
ATOM   1252 C C     . HIS A 1 153 ? -3.961  11.658  -5.878  1.00 10.26 ? 153 HIS X C     1 
ATOM   1253 O O     . HIS A 1 153 ? -4.317  12.771  -6.291  1.00 11.68 ? 153 HIS X O     1 
ATOM   1254 C CB    . HIS A 1 153 ? -6.197  10.551  -5.926  1.00 8.84  ? 153 HIS X CB    1 
ATOM   1255 C CG    . HIS A 1 153 ? -5.961  9.799   -7.200  1.00 15.90 ? 153 HIS X CG    1 
ATOM   1256 N ND1   . HIS A 1 153 ? -6.823  9.866   -8.279  1.00 10.50 ? 153 HIS X ND1   1 
ATOM   1257 C CD2   . HIS A 1 153 ? -4.965  8.953   -7.563  1.00 8.02  ? 153 HIS X CD2   1 
ATOM   1258 C CE1   . HIS A 1 153 ? -6.365  9.095   -9.251  1.00 9.29  ? 153 HIS X CE1   1 
ATOM   1259 N NE2   . HIS A 1 153 ? -5.238  8.536   -8.847  1.00 17.28 ? 153 HIS X NE2   1 
ATOM   1260 N N     . LEU A 1 154 ? -2.736  11.172  -6.033  1.00 8.17  ? 154 LEU X N     1 
ATOM   1261 C CA    . LEU A 1 154 ? -1.671  11.923  -6.705  1.00 10.92 ? 154 LEU X CA    1 
ATOM   1262 C C     . LEU A 1 154 ? -1.365  11.292  -8.057  1.00 12.95 ? 154 LEU X C     1 
ATOM   1263 O O     . LEU A 1 154 ? -1.289  10.067  -8.174  1.00 12.17 ? 154 LEU X O     1 
ATOM   1264 C CB    . LEU A 1 154 ? -0.397  11.954  -5.848  1.00 11.29 ? 154 LEU X CB    1 
ATOM   1265 C CG    . LEU A 1 154 ? -0.552  12.458  -4.405  1.00 17.11 ? 154 LEU X CG    1 
ATOM   1266 C CD1   . LEU A 1 154 ? 0.813   12.456  -3.708  1.00 20.97 ? 154 LEU X CD1   1 
ATOM   1267 C CD2   . LEU A 1 154 ? -1.152  13.853  -4.371  1.00 12.38 ? 154 LEU X CD2   1 
ATOM   1268 N N     . ILE A 1 155 ? -1.182  12.132  -9.071  1.00 14.08 ? 155 ILE X N     1 
ATOM   1269 C CA    . ILE A 1 155 ? -0.944  11.662  -10.423 1.00 14.31 ? 155 ILE X CA    1 
ATOM   1270 C C     . ILE A 1 155 ? 0.375   12.243  -10.902 1.00 18.08 ? 155 ILE X C     1 
ATOM   1271 O O     . ILE A 1 155 ? 0.666   13.408  -10.665 1.00 16.99 ? 155 ILE X O     1 
ATOM   1272 C CB    . ILE A 1 155 ? -2.101  12.056  -11.380 1.00 20.13 ? 155 ILE X CB    1 
ATOM   1273 C CG1   . ILE A 1 155 ? -3.402  11.347  -10.977 1.00 14.85 ? 155 ILE X CG1   1 
ATOM   1274 C CG2   . ILE A 1 155 ? -1.766  11.668  -12.812 1.00 36.12 ? 155 ILE X CG2   1 
ATOM   1275 C CD1   . ILE A 1 155 ? -4.617  11.782  -11.782 1.00 23.20 ? 155 ILE X CD1   1 
ATOM   1276 N N     . ARG A 1 156 ? 1.190   11.421  -11.551 1.00 20.30 ? 156 ARG X N     1 
ATOM   1277 C CA    . ARG A 1 156 ? 2.511   11.872  -11.962 1.00 27.23 ? 156 ARG X CA    1 
ATOM   1278 C C     . ARG A 1 156 ? 2.404   12.945  -13.040 1.00 21.51 ? 156 ARG X C     1 
ATOM   1279 O O     . ARG A 1 156 ? 1.664   12.775  -14.003 1.00 26.18 ? 156 ARG X O     1 
ATOM   1280 C CB    . ARG A 1 156 ? 3.341   10.695  -12.474 1.00 21.03 ? 156 ARG X CB    1 
ATOM   1281 C CG    . ARG A 1 156 ? 4.761   11.071  -12.854 1.00 28.42 ? 156 ARG X CG    1 
ATOM   1282 C CD    . ARG A 1 156 ? 5.466   9.902   -13.528 1.00 23.06 ? 156 ARG X CD    1 
ATOM   1283 N NE    . ARG A 1 156 ? 5.398   8.688   -12.719 1.00 31.59 ? 156 ARG X NE    1 
ATOM   1284 C CZ    . ARG A 1 156 ? 6.237   8.389   -11.727 1.00 27.61 ? 156 ARG X CZ    1 
ATOM   1285 N NH1   . ARG A 1 156 ? 7.225   9.219   -11.401 1.00 14.52 ? 156 ARG X NH1   1 
ATOM   1286 N NH2   . ARG A 1 156 ? 6.078   7.253   -11.059 1.00 22.81 ? 156 ARG X NH2   1 
ATOM   1287 N N     . LYS A 1 157 ? 3.143   14.042  -12.884 1.00 23.40 ? 157 LYS X N     1 
ATOM   1288 C CA    . LYS A 1 157 ? 3.123   15.120  -13.878 1.00 33.85 ? 157 LYS X CA    1 
ATOM   1289 C C     . LYS A 1 157 ? 3.845   14.748  -15.188 1.00 52.16 ? 157 LYS X C     1 
ATOM   1290 O O     . LYS A 1 157 ? 3.365   15.062  -16.289 1.00 44.82 ? 157 LYS X O     1 
ATOM   1291 C CB    . LYS A 1 157 ? 3.735   16.394  -13.286 1.00 29.05 ? 157 LYS X CB    1 
ATOM   1292 C CG    . LYS A 1 157 ? 2.889   17.035  -12.190 1.00 31.94 ? 157 LYS X CG    1 
ATOM   1293 C CD    . LYS A 1 157 ? 3.485   18.355  -11.691 1.00 23.51 ? 157 LYS X CD    1 
ATOM   1294 C CE    . LYS A 1 157 ? 2.566   18.986  -10.679 1.00 20.97 ? 157 LYS X CE    1 
ATOM   1295 N NZ    . LYS A 1 157 ? 3.128   20.227  -10.073 1.00 43.47 ? 157 LYS X NZ    1 
HETATM 1296 C C1    . GOL B 2 .   ? 6.584   14.792  0.897   1.00 33.31 ? 201 GOL X C1    1 
HETATM 1297 O O1    . GOL B 2 .   ? 5.229   14.882  1.286   1.00 47.76 ? 201 GOL X O1    1 
HETATM 1298 C C2    . GOL B 2 .   ? 7.184   13.546  1.548   1.00 31.25 ? 201 GOL X C2    1 
HETATM 1299 O O2    . GOL B 2 .   ? 8.608   13.534  1.451   1.00 24.39 ? 201 GOL X O2    1 
HETATM 1300 C C3    . GOL B 2 .   ? 6.690   13.498  3.000   1.00 40.00 ? 201 GOL X C3    1 
HETATM 1301 O O3    . GOL B 2 .   ? 7.753   13.645  3.926   1.00 39.98 ? 201 GOL X O3    1 
HETATM 1302 C C4    . U06 C 3 .   ? -1.965  0.149   2.181   0.76 16.86 ? 202 U06 X C4    1 
HETATM 1303 C C5    . U06 C 3 .   ? -2.246  -0.414  3.418   0.76 21.63 ? 202 U06 X C5    1 
HETATM 1304 C C6    . U06 C 3 .   ? -3.162  0.231   4.224   0.76 19.16 ? 202 U06 X C6    1 
HETATM 1305 N N1    . U06 C 3 .   ? -3.762  1.348   3.815   0.76 19.45 ? 202 U06 X N1    1 
HETATM 1306 N N3    . U06 C 3 .   ? -2.597  1.275   1.819   0.76 22.73 ? 202 U06 X N3    1 
HETATM 1307 C CAA   . U06 C 3 .   ? -4.567  -1.342  5.198   0.76 29.87 ? 202 U06 X CAA   1 
HETATM 1308 C CAB   . U06 C 3 .   ? -3.468  -0.314  5.452   0.76 20.19 ? 202 U06 X CAB   1 
HETATM 1309 C C2    . U06 C 3 .   ? -3.484  1.879   2.629   0.76 16.03 ? 202 U06 X C2    1 
HETATM 1310 N NAF   . U06 C 3 .   ? -4.097  3.001   2.265   0.76 10.12 ? 202 U06 X NAF   1 
HETATM 1311 N NAI   . U06 C 3 .   ? -1.062  -0.459  1.391   0.76 13.62 ? 202 U06 X NAI   1 
HETATM 1312 C CAK   . U06 C 3 .   ? -1.627  -1.655  3.941   0.76 24.29 ? 202 U06 X CAK   1 
HETATM 1313 C CAL   . U06 C 3 .   ? -1.126  -2.729  4.463   0.76 24.80 ? 202 U06 X CAL   1 
HETATM 1314 C CAM   . U06 C 3 .   ? -0.568  -3.936  5.065   0.76 18.36 ? 202 U06 X CAM   1 
HETATM 1315 C CAN   . U06 C 3 .   ? -1.514  -4.502  5.894   0.76 21.24 ? 202 U06 X CAN   1 
HETATM 1316 C CAU   . U06 C 3 .   ? -2.849  -4.556  5.503   0.76 27.71 ? 202 U06 X CAU   1 
HETATM 1317 C CAO   . U06 C 3 .   ? -1.128  -5.035  7.113   0.76 19.40 ? 202 U06 X CAO   1 
HETATM 1318 O OAP   . U06 C 3 .   ? 0.195   -4.945  7.418   0.76 29.47 ? 202 U06 X OAP   1 
HETATM 1319 C CAQ   . U06 C 3 .   ? 0.413   -5.420  8.755   0.76 24.09 ? 202 U06 X CAQ   1 
HETATM 1320 C CAR   . U06 C 3 .   ? -2.058  -5.618  7.963   0.76 22.55 ? 202 U06 X CAR   1 
HETATM 1321 C CAS   . U06 C 3 .   ? -3.392  -5.669  7.581   0.76 28.58 ? 202 U06 X CAS   1 
HETATM 1322 C CAT   . U06 C 3 .   ? -3.783  -5.145  6.355   0.76 35.64 ? 202 U06 X CAT   1 
HETATM 1323 C CAV   . U06 C 3 .   ? -5.123  -5.224  6.005   0.76 38.29 ? 202 U06 X CAV   1 
HETATM 1324 C CAW   . U06 C 3 .   ? -5.981  -5.911  6.851   0.76 45.61 ? 202 U06 X CAW   1 
HETATM 1325 C CAX   . U06 C 3 .   ? -7.329  -6.015  6.533   0.76 56.73 ? 202 U06 X CAX   1 
HETATM 1326 C CAY   . U06 C 3 .   ? -7.815  -5.435  5.368   0.76 52.24 ? 202 U06 X CAY   1 
HETATM 1327 C CBB   . U06 C 3 .   ? -9.168  -5.552  5.081   0.76 60.74 ? 202 U06 X CBB   1 
HETATM 1328 O OBD   . U06 C 3 .   ? -9.629  -5.074  4.020   0.76 52.81 ? 202 U06 X OBD   1 
HETATM 1329 O OBC   . U06 C 3 .   ? -9.925  -6.123  5.898   0.76 72.79 ? 202 U06 X OBC   1 
HETATM 1330 C CAZ   . U06 C 3 .   ? -6.957  -4.744  4.513   0.76 48.64 ? 202 U06 X CAZ   1 
HETATM 1331 C CBA   . U06 C 3 .   ? -5.603  -4.645  4.830   0.76 45.19 ? 202 U06 X CBA   1 
HETATM 1332 O "O3'" B XNP D 4 .   ? 8.727   -5.145  8.752   0.41 18.75 ? 203 XNP X "O3'" 1 
HETATM 1333 C "C3'" B XNP D 4 .   ? 8.311   -5.411  7.403   0.41 19.24 ? 203 XNP X "C3'" 1 
HETATM 1334 C "C2'" B XNP D 4 .   ? 6.798   -5.451  7.252   0.41 19.12 ? 203 XNP X "C2'" 1 
HETATM 1335 O "O2'" B XNP D 4 .   ? 5.993   -4.966  8.359   0.41 17.00 ? 203 XNP X "O2'" 1 
HETATM 1336 C CAA   B XNP D 4 .   ? 5.140   -3.969  7.705   0.41 20.00 ? 203 XNP X CAA   1 
HETATM 1337 C CAB   B XNP D 4 .   ? 3.727   -3.885  8.208   0.41 22.31 ? 203 XNP X CAB   1 
HETATM 1338 C CAC   B XNP D 4 .   ? 3.118   -2.710  7.467   0.41 17.21 ? 203 XNP X CAC   1 
HETATM 1339 C CAD   B XNP D 4 .   ? 3.456   -2.733  6.102   0.41 16.78 ? 203 XNP X CAD   1 
HETATM 1340 C CBT   B XNP D 4 .   ? 2.797   -1.902  5.216   0.41 16.12 ? 203 XNP X CBT   1 
HETATM 1341 O OBV   B XNP D 4 .   ? 3.105   -1.912  4.027   0.41 19.14 ? 203 XNP X OBV   1 
HETATM 1342 N NBU   B XNP D 4 .   ? 1.859   -1.117  5.741   0.41 12.85 ? 203 XNP X NBU   1 
HETATM 1343 C CAE   B XNP D 4 .   ? 4.489   -3.505  5.573   0.41 16.71 ? 203 XNP X CAE   1 
HETATM 1344 N NAF   B XNP D 4 .   ? 5.156   -4.385  6.302   0.41 21.27 ? 203 XNP X NAF   1 
HETATM 1345 C "C1'" B XNP D 4 .   ? 6.615   -4.266  6.336   0.41 18.88 ? 203 XNP X "C1'" 1 
HETATM 1346 O "O4'" B XNP D 4 .   ? 7.653   -4.484  5.381   0.41 15.44 ? 203 XNP X "O4'" 1 
HETATM 1347 C "C4'" B XNP D 4 .   ? 8.640   -4.246  6.442   0.41 15.10 ? 203 XNP X "C4'" 1 
HETATM 1348 C "C5'" B XNP D 4 .   ? 10.150  -4.163  6.145   0.41 17.12 ? 203 XNP X "C5'" 1 
HETATM 1349 O "O5'" B XNP D 4 .   ? 10.558  -5.106  5.159   0.41 15.45 ? 203 XNP X "O5'" 1 
HETATM 1350 P PAN   B XNP D 4 .   ? 10.270  -4.836  3.593   0.41 11.52 ? 203 XNP X PAN   1 
HETATM 1351 O OBP   B XNP D 4 .   ? 11.647  -5.197  2.836   0.41 13.29 ? 203 XNP X OBP   1 
HETATM 1352 O OBO   B XNP D 4 .   ? 9.840   -3.442  3.346   0.41 16.64 ? 203 XNP X OBO   1 
HETATM 1353 O OAO   B XNP D 4 .   ? 9.205   -5.943  3.126   0.41 17.89 ? 203 XNP X OAO   1 
HETATM 1354 P PAP   B XNP D 4 .   ? 8.337   -5.732  1.741   0.41 15.89 ? 203 XNP X PAP   1 
HETATM 1355 O OBQ   B XNP D 4 .   ? 6.927   -6.576  1.786   0.41 15.13 ? 203 XNP X OBQ   1 
HETATM 1356 O OBR   B XNP D 4 .   ? 9.047   -5.459  0.449   0.41 15.78 ? 203 XNP X OBR   1 
HETATM 1357 O OAQ   B XNP D 4 .   ? 8.851   -7.268  1.454   0.41 14.69 ? 203 XNP X OAQ   1 
HETATM 1358 C CAR   B XNP D 4 .   ? 10.244  -7.611  1.334   0.41 14.28 ? 203 XNP X CAR   1 
HETATM 1359 C CAS   B XNP D 4 .   ? 10.433  -8.922  0.553   0.41 16.40 ? 203 XNP X CAS   1 
HETATM 1360 O OAW   B XNP D 4 .   ? 9.819   -8.877  -0.764  0.41 18.76 ? 203 XNP X OAW   1 
HETATM 1361 C CAT   B XNP D 4 .   ? 11.902  -9.162  0.208   0.41 18.04 ? 203 XNP X CAT   1 
HETATM 1362 O OAZ   B XNP D 4 .   ? 12.667  -9.554  1.355   0.41 16.02 ? 203 XNP X OAZ   1 
HETATM 1363 C CAU   B XNP D 4 .   ? 11.696  -10.313 -0.734  0.41 15.71 ? 203 XNP X CAU   1 
HETATM 1364 O OAY   B XNP D 4 .   ? 11.069  -11.412 -0.074  0.41 17.07 ? 203 XNP X OAY   1 
HETATM 1365 P PBA   B XNP D 4 .   ? 11.969  -12.758 0.083   0.41 17.10 ? 203 XNP X PBA   1 
HETATM 1366 O OBB   B XNP D 4 .   ? 10.968  -13.883 0.676   0.41 14.73 ? 203 XNP X OBB   1 
HETATM 1367 O OBC   B XNP D 4 .   ? 12.996  -12.403 1.280   0.41 12.79 ? 203 XNP X OBC   1 
HETATM 1368 O OBD   B XNP D 4 .   ? 12.623  -13.145 -1.189  0.41 16.01 ? 203 XNP X OBD   1 
HETATM 1369 C CAV   B XNP D 4 .   ? 10.566  -9.633  -1.747  0.41 18.53 ? 203 XNP X CAV   1 
HETATM 1370 N NAX   B XNP D 4 .   ? 11.039  -8.874  -2.774  0.41 19.49 ? 203 XNP X NAX   1 
HETATM 1371 C CBE   B XNP D 4 .   ? 10.889  -7.463  -2.827  0.41 16.70 ? 203 XNP X CBE   1 
HETATM 1372 N NBF   B XNP D 4 .   ? 11.629  -7.129  -4.096  0.41 18.53 ? 203 XNP X NBF   1 
HETATM 1373 C CBG   B XNP D 4 .   ? 11.978  -8.289  -4.667  0.41 21.81 ? 203 XNP X CBG   1 
HETATM 1374 C CBH   B XNP D 4 .   ? 11.383  -9.270  -3.875  0.41 19.98 ? 203 XNP X CBH   1 
HETATM 1375 N NBL   B XNP D 4 .   ? 11.758  -10.672 -4.179  0.41 19.75 ? 203 XNP X NBL   1 
HETATM 1376 C CBK   B XNP D 4 .   ? 12.392  -10.945 -5.391  0.41 20.07 ? 203 XNP X CBK   1 
HETATM 1377 N NBJ   B XNP D 4 .   ? 12.832  -9.871  -6.177  0.41 20.75 ? 203 XNP X NBJ   1 
HETATM 1378 C CBI   B XNP D 4 .   ? 12.619  -8.600  -5.792  0.41 24.03 ? 203 XNP X CBI   1 
HETATM 1379 N NBM   B XNP D 4 .   ? 13.042  -7.574  -6.524  0.41 22.18 ? 203 XNP X NBM   1 
HETATM 1380 P PA    A NAP E 5 .   ? 8.243   -6.100  2.010   0.60 17.22 ? 204 NAP X PA    1 
HETATM 1381 O O1A   A NAP E 5 .   ? 8.424   -5.065  0.966   0.60 13.85 ? 204 NAP X O1A   1 
HETATM 1382 O O2A   A NAP E 5 .   ? 6.823   -6.309  2.373   0.60 12.69 ? 204 NAP X O2A   1 
HETATM 1383 O O5B   A NAP E 5 .   ? 8.948   -7.487  1.567   0.60 14.71 ? 204 NAP X O5B   1 
HETATM 1384 C C5B   A NAP E 5 .   ? 10.297  -7.559  1.152   0.60 14.07 ? 204 NAP X C5B   1 
HETATM 1385 C C4B   A NAP E 5 .   ? 10.477  -8.903  0.467   0.60 16.38 ? 204 NAP X C4B   1 
HETATM 1386 O O4B   A NAP E 5 .   ? 9.788   -8.876  -0.769  0.60 20.10 ? 204 NAP X O4B   1 
HETATM 1387 C C3B   A NAP E 5 .   ? 11.918  -9.282  0.119   0.60 18.02 ? 204 NAP X C3B   1 
HETATM 1388 O O3B   A NAP E 5 .   ? 12.578  -9.910  1.189   0.60 16.09 ? 204 NAP X O3B   1 
HETATM 1389 C C2B   A NAP E 5 .   ? 11.703  -10.227 -1.041  0.60 15.18 ? 204 NAP X C2B   1 
HETATM 1390 O O2B   A NAP E 5 .   ? 11.291  -11.485 -0.569  0.60 18.71 ? 204 NAP X O2B   1 
HETATM 1391 C C1B   A NAP E 5 .   ? 10.491  -9.637  -1.733  0.60 18.42 ? 204 NAP X C1B   1 
HETATM 1392 N N9A   A NAP E 5 .   ? 11.024  -8.803  -2.814  0.60 17.40 ? 204 NAP X N9A   1 
HETATM 1393 C C8A   A NAP E 5 .   ? 11.141  -7.437  -2.859  0.60 16.50 ? 204 NAP X C8A   1 
HETATM 1394 N N7A   A NAP E 5 .   ? 11.714  -7.099  -4.045  0.60 18.53 ? 204 NAP X N7A   1 
HETATM 1395 C C5A   A NAP E 5 .   ? 11.977  -8.235  -4.738  0.60 21.76 ? 204 NAP X C5A   1 
HETATM 1396 C C6A   A NAP E 5 .   ? 12.547  -8.481  -5.984  0.60 24.33 ? 204 NAP X C6A   1 
HETATM 1397 N N6A   A NAP E 5 .   ? 12.960  -7.472  -6.747  0.60 21.93 ? 204 NAP X N6A   1 
HETATM 1398 N N1A   A NAP E 5 .   ? 12.677  -9.784  -6.435  0.60 20.44 ? 204 NAP X N1A   1 
HETATM 1399 C C2A   A NAP E 5 .   ? 12.251  -10.835 -5.648  0.60 20.17 ? 204 NAP X C2A   1 
HETATM 1400 N N3A   A NAP E 5 .   ? 11.692  -10.585 -4.412  0.60 19.84 ? 204 NAP X N3A   1 
HETATM 1401 C C4A   A NAP E 5 .   ? 11.555  -9.310  -3.969  0.60 20.10 ? 204 NAP X C4A   1 
HETATM 1402 O O3    A NAP E 5 .   ? 9.048   -5.723  3.350   0.60 16.94 ? 204 NAP X O3    1 
HETATM 1403 P PN    A NAP E 5 .   ? 9.417   -4.352  4.090   0.60 13.31 ? 204 NAP X PN    1 
HETATM 1404 O O1N   A NAP E 5 .   ? 10.124  -4.703  5.340   0.60 15.98 ? 204 NAP X O1N   1 
HETATM 1405 O O2N   A NAP E 5 .   ? 10.104  -3.494  3.103   0.60 16.41 ? 204 NAP X O2N   1 
HETATM 1406 O O5D   A NAP E 5 .   ? 7.973   -3.736  4.479   0.60 16.27 ? 204 NAP X O5D   1 
HETATM 1407 C C5D   A NAP E 5 .   ? 7.171   -4.351  5.475   0.60 14.86 ? 204 NAP X C5D   1 
HETATM 1408 C C4D   A NAP E 5 .   ? 6.523   -3.303  6.379   0.60 22.61 ? 204 NAP X C4D   1 
HETATM 1409 O O4D   A NAP E 5 .   ? 5.727   -2.432  5.595   0.60 19.41 ? 204 NAP X O4D   1 
HETATM 1410 C C3D   A NAP E 5 .   ? 5.578   -3.907  7.422   0.60 21.49 ? 204 NAP X C3D   1 
HETATM 1411 O O3D   A NAP E 5 .   ? 5.817   -3.319  8.676   0.60 17.47 ? 204 NAP X O3D   1 
HETATM 1412 C C2D   A NAP E 5 .   ? 4.183   -3.515  6.992   0.60 16.28 ? 204 NAP X C2D   1 
HETATM 1413 O O2D   A NAP E 5 .   ? 3.383   -3.174  8.098   0.60 18.52 ? 204 NAP X O2D   1 
HETATM 1414 C C1D   A NAP E 5 .   ? 4.471   -2.255  6.218   0.60 13.61 ? 204 NAP X C1D   1 
HETATM 1415 N N1N   A NAP E 5 .   ? 3.408   -1.941  5.257   0.60 15.93 ? 204 NAP X N1N   1 
HETATM 1416 C C2N   A NAP E 5 .   ? 2.798   -0.725  5.387   0.60 16.60 ? 204 NAP X C2N   1 
HETATM 1417 C C3N   A NAP E 5 .   ? 1.793   -0.343  4.516   0.60 15.84 ? 204 NAP X C3N   1 
HETATM 1418 C C7N   A NAP E 5 .   ? 1.017   0.908   4.806   0.60 13.41 ? 204 NAP X C7N   1 
HETATM 1419 O O7N   A NAP E 5 .   ? 0.117   1.395   3.839   0.60 14.55 ? 204 NAP X O7N   1 
HETATM 1420 N N7N   A NAP E 5 .   ? 1.201   1.523   5.974   0.60 10.20 ? 204 NAP X N7N   1 
HETATM 1421 C C4N   A NAP E 5 .   ? 1.415   -1.218  3.503   0.60 15.36 ? 204 NAP X C4N   1 
HETATM 1422 C C5N   A NAP E 5 .   ? 2.031   -2.464  3.390   0.60 12.76 ? 204 NAP X C5N   1 
HETATM 1423 C C6N   A NAP E 5 .   ? 3.041   -2.816  4.278   0.60 16.22 ? 204 NAP X C6N   1 
HETATM 1424 P P2B   A NAP E 5 .   ? 12.302  -12.704 -0.260  0.60 14.38 ? 204 NAP X P2B   1 
HETATM 1425 O O1X   A NAP E 5 .   ? 13.237  -12.272 0.847   0.60 12.60 ? 204 NAP X O1X   1 
HETATM 1426 O O2X   A NAP E 5 .   ? 11.443  -13.863 0.204   0.60 17.17 ? 204 NAP X O2X   1 
HETATM 1427 O O3X   A NAP E 5 .   ? 13.058  -13.056 -1.510  0.60 17.18 ? 204 NAP X O3X   1 
HETATM 1428 O O     . HOH F 6 .   ? 9.184   -8.211  8.801   1.00 35.19 ? 301 HOH X O     1 
HETATM 1429 O O     . HOH F 6 .   ? -8.954  -4.939  2.024   1.00 26.23 ? 302 HOH X O     1 
HETATM 1430 O O     B HOH F 6 .   ? 2.051   -0.448  2.619   0.27 12.75 ? 303 HOH X O     1 
HETATM 1431 O O     . HOH F 6 .   ? 7.936   -3.700  10.505  1.00 20.38 ? 304 HOH X O     1 
HETATM 1432 O O     . HOH F 6 .   ? 14.106  -10.392 -8.350  1.00 31.06 ? 305 HOH X O     1 
HETATM 1433 O O     . HOH F 6 .   ? -1.185  -4.451  11.344  1.00 27.74 ? 306 HOH X O     1 
HETATM 1434 O O     . HOH F 6 .   ? -8.685  -4.524  -12.720 1.00 31.56 ? 307 HOH X O     1 
HETATM 1435 O O     . HOH F 6 .   ? -5.951  4.874   -10.535 1.00 14.05 ? 308 HOH X O     1 
HETATM 1436 O O     . HOH F 6 .   ? -3.953  2.211   7.345   1.00 23.26 ? 309 HOH X O     1 
HETATM 1437 O O     . HOH F 6 .   ? -14.118 14.317  11.519  1.00 25.73 ? 310 HOH X O     1 
HETATM 1438 O O     . HOH F 6 .   ? -6.020  -14.021 -4.996  1.00 36.00 ? 311 HOH X O     1 
HETATM 1439 O O     . HOH F 6 .   ? 9.256   9.513   -9.129  1.00 22.87 ? 312 HOH X O     1 
HETATM 1440 O O     . HOH F 6 .   ? 10.088  14.044  4.909   1.00 31.07 ? 313 HOH X O     1 
HETATM 1441 O O     . HOH F 6 .   ? -3.902  -8.760  -12.505 1.00 27.03 ? 314 HOH X O     1 
HETATM 1442 O O     . HOH F 6 .   ? 11.867  -2.489  14.742  1.00 18.89 ? 315 HOH X O     1 
HETATM 1443 O O     . HOH F 6 .   ? -13.110 -1.857  -6.576  1.00 28.42 ? 316 HOH X O     1 
HETATM 1444 O O     . HOH F 6 .   ? 11.725  -16.028 1.958   1.00 24.21 ? 317 HOH X O     1 
HETATM 1445 O O     . HOH F 6 .   ? -7.827  17.956  2.075   1.00 25.42 ? 318 HOH X O     1 
HETATM 1446 O O     . HOH F 6 .   ? 9.485   -17.438 2.021   1.00 31.32 ? 319 HOH X O     1 
HETATM 1447 O O     . HOH F 6 .   ? -8.689  5.117   15.441  1.00 27.76 ? 320 HOH X O     1 
HETATM 1448 O O     . HOH F 6 .   ? -13.942 -6.981  -0.819  1.00 30.97 ? 321 HOH X O     1 
HETATM 1449 O O     . HOH F 6 .   ? 12.249  -6.413  7.886   1.00 35.19 ? 322 HOH X O     1 
HETATM 1450 O O     . HOH F 6 .   ? -12.292 16.916  2.821   1.00 18.28 ? 323 HOH X O     1 
HETATM 1451 O O     . HOH F 6 .   ? 4.158   -18.278 4.034   1.00 41.79 ? 324 HOH X O     1 
HETATM 1452 O O     . HOH F 6 .   ? 6.853   9.269   12.636  1.00 14.56 ? 325 HOH X O     1 
HETATM 1453 O O     . HOH F 6 .   ? 10.335  9.767   -5.039  1.00 22.98 ? 326 HOH X O     1 
HETATM 1454 O O     . HOH F 6 .   ? 3.967   5.285   17.786  1.00 21.80 ? 327 HOH X O     1 
HETATM 1455 O O     . HOH F 6 .   ? -10.013 0.367   -10.726 1.00 25.41 ? 328 HOH X O     1 
HETATM 1456 O O     . HOH F 6 .   ? 4.537   2.116   16.500  1.00 22.13 ? 329 HOH X O     1 
HETATM 1457 O O     . HOH F 6 .   ? -9.066  11.340  -7.761  1.00 14.55 ? 330 HOH X O     1 
HETATM 1458 O O     . HOH F 6 .   ? -10.506 1.036   -8.052  1.00 24.77 ? 331 HOH X O     1 
HETATM 1459 O O     . HOH F 6 .   ? 11.032  10.714  8.322   1.00 12.16 ? 332 HOH X O     1 
HETATM 1460 O O     . HOH F 6 .   ? -6.536  -6.423  -11.850 1.00 24.69 ? 333 HOH X O     1 
HETATM 1461 O O     . HOH F 6 .   ? 2.104   2.177   17.235  1.00 32.02 ? 334 HOH X O     1 
HETATM 1462 O O     A HOH F 6 .   ? 7.202   -6.610  7.698   0.84 30.73 ? 335 HOH X O     1 
HETATM 1463 O O     . HOH F 6 .   ? -8.740  11.557  -2.567  1.00 11.72 ? 336 HOH X O     1 
HETATM 1464 O O     . HOH F 6 .   ? -9.243  13.826  9.395   1.00 13.18 ? 337 HOH X O     1 
HETATM 1465 O O     . HOH F 6 .   ? -14.303 15.242  3.858   1.00 23.53 ? 338 HOH X O     1 
HETATM 1466 O O     . HOH F 6 .   ? -4.658  5.221   0.442   1.00 13.59 ? 339 HOH X O     1 
HETATM 1467 O O     . HOH F 6 .   ? -10.244 11.493  17.961  1.00 31.71 ? 340 HOH X O     1 
HETATM 1468 O O     . HOH F 6 .   ? -14.453 11.659  4.317   1.00 37.80 ? 341 HOH X O     1 
HETATM 1469 O O     . HOH F 6 .   ? -6.186  7.773   -1.349  1.00 13.19 ? 342 HOH X O     1 
HETATM 1470 O O     . HOH F 6 .   ? -13.399 -0.653  -9.013  1.00 33.41 ? 343 HOH X O     1 
HETATM 1471 O O     . HOH F 6 .   ? 3.297   -11.748 -14.571 1.00 32.45 ? 344 HOH X O     1 
HETATM 1472 O O     . HOH F 6 .   ? 8.930   12.749  -6.137  1.00 22.31 ? 345 HOH X O     1 
HETATM 1473 O O     . HOH F 6 .   ? 14.733  -1.171  -2.293  1.00 31.19 ? 346 HOH X O     1 
HETATM 1474 O O     . HOH F 6 .   ? 1.348   19.507  -6.653  1.00 26.47 ? 347 HOH X O     1 
HETATM 1475 O O     . HOH F 6 .   ? 11.651  4.337   1.919   1.00 12.08 ? 348 HOH X O     1 
HETATM 1476 O O     . HOH F 6 .   ? 11.264  3.429   -8.101  1.00 26.27 ? 349 HOH X O     1 
HETATM 1477 O O     A HOH F 6 .   ? 9.692   -5.442  8.181   0.72 22.32 ? 350 HOH X O     1 
HETATM 1478 O O     . HOH F 6 .   ? 12.802  -1.066  -10.080 1.00 36.50 ? 351 HOH X O     1 
HETATM 1479 O O     . HOH F 6 .   ? 13.490  -7.808  -9.658  1.00 27.49 ? 352 HOH X O     1 
HETATM 1480 O O     . HOH F 6 .   ? 11.843  -25.054 -4.979  1.00 29.45 ? 353 HOH X O     1 
HETATM 1481 O O     . HOH F 6 .   ? -7.567  15.314  7.888   1.00 24.22 ? 354 HOH X O     1 
HETATM 1482 O O     . HOH F 6 .   ? -10.498 19.462  -0.097  1.00 12.79 ? 355 HOH X O     1 
HETATM 1483 O O     . HOH F 6 .   ? -9.799  13.569  -9.476  1.00 15.04 ? 356 HOH X O     1 
HETATM 1484 O O     B HOH F 6 .   ? 0.670   1.237   3.994   0.39 14.37 ? 357 HOH X O     1 
HETATM 1485 O O     . HOH F 6 .   ? 9.660   8.655   12.401  1.00 13.69 ? 358 HOH X O     1 
HETATM 1486 O O     . HOH F 6 .   ? 14.433  -1.191  2.146   1.00 35.31 ? 359 HOH X O     1 
HETATM 1487 O O     . HOH F 6 .   ? 15.047  -10.548 6.272   1.00 28.26 ? 360 HOH X O     1 
HETATM 1488 O O     . HOH F 6 .   ? -6.470  17.898  4.786   1.00 32.09 ? 361 HOH X O     1 
HETATM 1489 O O     . HOH F 6 .   ? 14.499  -20.211 -2.973  1.00 35.07 ? 362 HOH X O     1 
HETATM 1490 O O     . HOH F 6 .   ? -5.385  1.492   8.691   1.00 27.31 ? 363 HOH X O     1 
HETATM 1491 O O     . HOH F 6 .   ? 8.762   10.356  -6.789  1.00 27.43 ? 364 HOH X O     1 
HETATM 1492 O O     . HOH F 6 .   ? -9.986  19.454  2.293   1.00 25.47 ? 365 HOH X O     1 
HETATM 1493 O O     . HOH F 6 .   ? 14.513  -8.477  -1.984  1.00 32.99 ? 366 HOH X O     1 
HETATM 1494 O O     . HOH F 6 .   ? 16.117  -7.705  -4.397  1.00 38.22 ? 367 HOH X O     1 
HETATM 1495 O O     . HOH F 6 .   ? 11.395  10.243  10.915  1.00 20.10 ? 368 HOH X O     1 
HETATM 1496 O O     . HOH F 6 .   ? -8.202  8.744   -2.982  1.00 15.26 ? 369 HOH X O     1 
HETATM 1497 O O     . HOH F 6 .   ? 15.305  -0.032  -5.192  1.00 33.80 ? 370 HOH X O     1 
HETATM 1498 O O     . HOH F 6 .   ? 4.077   5.954   20.553  1.00 23.83 ? 371 HOH X O     1 
# 
